data_1VR8
# 
_entry.id   1VR8 
# 
_audit_conform.dict_name       mmcif_pdbx.dic 
_audit_conform.dict_version    5.398 
_audit_conform.dict_location   http://mmcif.pdb.org/dictionaries/ascii/mmcif_pdbx.dic 
# 
loop_
_database_2.database_id 
_database_2.database_code 
_database_2.pdbx_database_accession 
_database_2.pdbx_DOI 
PDB   1VR8         pdb_00001vr8 10.2210/pdb1vr8/pdb 
RCSB  RCSB002080   ?            ?                   
WWPDB D_1000002080 ?            ?                   
# 
loop_
_pdbx_audit_revision_history.ordinal 
_pdbx_audit_revision_history.data_content_type 
_pdbx_audit_revision_history.major_revision 
_pdbx_audit_revision_history.minor_revision 
_pdbx_audit_revision_history.revision_date 
1 'Structure model' 1 0 2005-03-15 
2 'Structure model' 1 1 2008-04-27 
3 'Structure model' 1 2 2011-07-13 
4 'Structure model' 1 3 2023-01-25 
5 'Structure model' 1 4 2024-11-13 
# 
_pdbx_audit_revision_details.ordinal             1 
_pdbx_audit_revision_details.revision_ordinal    1 
_pdbx_audit_revision_details.data_content_type   'Structure model' 
_pdbx_audit_revision_details.provider            repository 
_pdbx_audit_revision_details.type                'Initial release' 
_pdbx_audit_revision_details.description         ? 
_pdbx_audit_revision_details.details             ? 
# 
loop_
_pdbx_audit_revision_group.ordinal 
_pdbx_audit_revision_group.revision_ordinal 
_pdbx_audit_revision_group.data_content_type 
_pdbx_audit_revision_group.group 
1 2 'Structure model' 'Version format compliance' 
2 3 'Structure model' Advisory                    
3 3 'Structure model' 'Version format compliance' 
4 4 'Structure model' 'Database references'       
5 4 'Structure model' 'Derived calculations'      
6 5 'Structure model' 'Data collection'           
7 5 'Structure model' 'Structure summary'         
# 
loop_
_pdbx_audit_revision_category.ordinal 
_pdbx_audit_revision_category.revision_ordinal 
_pdbx_audit_revision_category.data_content_type 
_pdbx_audit_revision_category.category 
1 4 'Structure model' database_2                
2 4 'Structure model' struct_conn               
3 4 'Structure model' struct_ref_seq_dif        
4 4 'Structure model' struct_site               
5 5 'Structure model' chem_comp_atom            
6 5 'Structure model' chem_comp_bond            
7 5 'Structure model' pdbx_entry_details        
8 5 'Structure model' pdbx_modification_feature 
# 
loop_
_pdbx_audit_revision_item.ordinal 
_pdbx_audit_revision_item.revision_ordinal 
_pdbx_audit_revision_item.data_content_type 
_pdbx_audit_revision_item.item 
1 4 'Structure model' '_database_2.pdbx_DOI'                
2 4 'Structure model' '_database_2.pdbx_database_accession' 
3 4 'Structure model' '_struct_conn.pdbx_leaving_atom_flag' 
4 4 'Structure model' '_struct_ref_seq_dif.details'         
5 4 'Structure model' '_struct_site.pdbx_auth_asym_id'      
6 4 'Structure model' '_struct_site.pdbx_auth_comp_id'      
7 4 'Structure model' '_struct_site.pdbx_auth_seq_id'       
# 
_pdbx_database_status.entry_id                        1VR8 
_pdbx_database_status.status_code                     REL 
_pdbx_database_status.status_code_sf                  REL 
_pdbx_database_status.status_code_mr                  ? 
_pdbx_database_status.SG_entry                        Y 
_pdbx_database_status.deposit_site                    RCSB 
_pdbx_database_status.process_site                    RCSB 
_pdbx_database_status.recvd_initial_deposition_date   2005-02-16 
_pdbx_database_status.pdb_format_compatible           Y 
_pdbx_database_status.status_code_cs                  ? 
_pdbx_database_status.status_code_nmr_data            ? 
_pdbx_database_status.methods_development_category    ? 
# 
_pdbx_database_related.db_name        TargetDB 
_pdbx_database_related.db_id          358480 
_pdbx_database_related.details        . 
_pdbx_database_related.content_type   unspecified 
# 
_audit_author.name           'Joint Center for Structural Genomics (JCSG)' 
_audit_author.pdbx_ordinal   1 
# 
_citation.id                        primary 
_citation.title                     
;Crystal structure of an ORFan protein (TM1622) from Thermotoga maritima at 1.75 A resolution reveals a fold similar to the Ran-binding protein Mog1p.
;
_citation.journal_abbrev            Proteins 
_citation.journal_volume            65 
_citation.page_first                777 
_citation.page_last                 782 
_citation.year                      2006 
_citation.journal_id_ASTM           PSFGEY 
_citation.country                   US 
_citation.journal_id_ISSN           0887-3585 
_citation.journal_id_CSD            0867 
_citation.book_publisher            ? 
_citation.pdbx_database_id_PubMed   16948158 
_citation.pdbx_database_id_DOI      10.1002/prot.21015 
# 
loop_
_citation_author.citation_id 
_citation_author.name 
_citation_author.ordinal 
_citation_author.identifier_ORCID 
primary 'Xu, Q.'              1  ? 
primary 'Krishna, S.S.'       2  ? 
primary 'McMullan, D.'        3  ? 
primary 'Schwarzenbacher, R.' 4  ? 
primary 'Miller, M.D.'        5  ? 
primary 'Abdubek, P.'         6  ? 
primary 'Agarwalla, S.'       7  ? 
primary 'Ambing, E.'          8  ? 
primary 'Astakhova, T.'       9  ? 
primary 'Axelrod, H.L.'       10 ? 
primary 'Canaves, J.M.'       11 ? 
primary 'Carlton, D.'         12 ? 
primary 'Chiu, H.J.'          13 ? 
primary 'Clayton, T.'         14 ? 
primary 'DiDonato, M.'        15 ? 
primary 'Duan, L.'            16 ? 
primary 'Elsliger, M.A.'      17 ? 
primary 'Feuerhelm, J.'       18 ? 
primary 'Grzechnik, S.K.'     19 ? 
primary 'Hale, J.'            20 ? 
primary 'Hampton, E.'         21 ? 
primary 'Han, G.W.'           22 ? 
primary 'Haugen, J.'          23 ? 
primary 'Jaroszewski, L.'     24 ? 
primary 'Jin, K.K.'           25 ? 
primary 'Klock, H.E.'         26 ? 
primary 'Knuth, M.W.'         27 ? 
primary 'Koesema, E.'         28 ? 
primary 'Kreusch, A.'         29 ? 
primary 'Kuhn, P.'            30 ? 
primary 'Morse, A.T.'         31 ? 
primary 'Nigoghossian, E.'    32 ? 
primary 'Okach, L.'           33 ? 
primary 'Oommachen, S.'       34 ? 
primary 'Paulsen, J.'         35 ? 
primary 'Quijano, K.'         36 ? 
primary 'Reyes, R.'           37 ? 
primary 'Rife, C.L.'          38 ? 
primary 'Spraggon, G.'        39 ? 
primary 'Stevens, R.C.'       40 ? 
primary 'van den Bedem, H.'   41 ? 
primary 'White, A.'           42 ? 
primary 'Wolf, G.'            43 ? 
primary 'Hodgson, K.O.'       44 ? 
primary 'Wooley, J.'          45 ? 
primary 'Deacon, A.M.'        46 ? 
primary 'Godzik, A.'          47 ? 
primary 'Lesley, S.A.'        48 ? 
primary 'Wilson, I.A.'        49 ? 
# 
loop_
_entity.id 
_entity.type 
_entity.src_method 
_entity.pdbx_description 
_entity.formula_weight 
_entity.pdbx_number_of_molecules 
_entity.pdbx_ec 
_entity.pdbx_mutation 
_entity.pdbx_fragment 
_entity.details 
1 polymer     man 'GTP binding regulator' 16797.629 1   ? ? 'residues 25-154' ? 
2 non-polymer syn 'AZIDE ION'             42.020    2   ? ? ?                 ? 
3 non-polymer syn GLYCEROL                92.094    3   ? ? ?                 ? 
4 water       nat water                   18.015    172 ? ? ?                 ? 
# 
_entity_poly.entity_id                      1 
_entity_poly.type                           'polypeptide(L)' 
_entity_poly.nstd_linkage                   no 
_entity_poly.nstd_monomer                   yes 
_entity_poly.pdbx_seq_one_letter_code       
;(MSE)GSDKIHHHHHHPPEAYSLDTAIFVLETRDYRLSDVKEIDSYGDVE(MSE)KGKVAVFETEYGPVFLYVYKGEEAK
KIWKKLNGRAGFVSIRSVLDLPN(MSE)GKFSTVSNGKKIVAWWRKNWLFIVEGKNGVEEFVKHVYRVYEE(MSE)KQ
;
_entity_poly.pdbx_seq_one_letter_code_can   
;MGSDKIHHHHHHPPEAYSLDTAIFVLETRDYRLSDVKEIDSYGDVEMKGKVAVFETEYGPVFLYVYKGEEAKKIWKKLNG
RAGFVSIRSVLDLPNMGKFSTVSNGKKIVAWWRKNWLFIVEGKNGVEEFVKHVYRVYEEMKQ
;
_entity_poly.pdbx_strand_id                 A 
_entity_poly.pdbx_target_identifier         358480 
# 
loop_
_pdbx_entity_nonpoly.entity_id 
_pdbx_entity_nonpoly.name 
_pdbx_entity_nonpoly.comp_id 
2 'AZIDE ION' AZI 
3 GLYCEROL    GOL 
4 water       HOH 
# 
loop_
_entity_poly_seq.entity_id 
_entity_poly_seq.num 
_entity_poly_seq.mon_id 
_entity_poly_seq.hetero 
1 1   MSE n 
1 2   GLY n 
1 3   SER n 
1 4   ASP n 
1 5   LYS n 
1 6   ILE n 
1 7   HIS n 
1 8   HIS n 
1 9   HIS n 
1 10  HIS n 
1 11  HIS n 
1 12  HIS n 
1 13  PRO n 
1 14  PRO n 
1 15  GLU n 
1 16  ALA n 
1 17  TYR n 
1 18  SER n 
1 19  LEU n 
1 20  ASP n 
1 21  THR n 
1 22  ALA n 
1 23  ILE n 
1 24  PHE n 
1 25  VAL n 
1 26  LEU n 
1 27  GLU n 
1 28  THR n 
1 29  ARG n 
1 30  ASP n 
1 31  TYR n 
1 32  ARG n 
1 33  LEU n 
1 34  SER n 
1 35  ASP n 
1 36  VAL n 
1 37  LYS n 
1 38  GLU n 
1 39  ILE n 
1 40  ASP n 
1 41  SER n 
1 42  TYR n 
1 43  GLY n 
1 44  ASP n 
1 45  VAL n 
1 46  GLU n 
1 47  MSE n 
1 48  LYS n 
1 49  GLY n 
1 50  LYS n 
1 51  VAL n 
1 52  ALA n 
1 53  VAL n 
1 54  PHE n 
1 55  GLU n 
1 56  THR n 
1 57  GLU n 
1 58  TYR n 
1 59  GLY n 
1 60  PRO n 
1 61  VAL n 
1 62  PHE n 
1 63  LEU n 
1 64  TYR n 
1 65  VAL n 
1 66  TYR n 
1 67  LYS n 
1 68  GLY n 
1 69  GLU n 
1 70  GLU n 
1 71  ALA n 
1 72  LYS n 
1 73  LYS n 
1 74  ILE n 
1 75  TRP n 
1 76  LYS n 
1 77  LYS n 
1 78  LEU n 
1 79  ASN n 
1 80  GLY n 
1 81  ARG n 
1 82  ALA n 
1 83  GLY n 
1 84  PHE n 
1 85  VAL n 
1 86  SER n 
1 87  ILE n 
1 88  ARG n 
1 89  SER n 
1 90  VAL n 
1 91  LEU n 
1 92  ASP n 
1 93  LEU n 
1 94  PRO n 
1 95  ASN n 
1 96  MSE n 
1 97  GLY n 
1 98  LYS n 
1 99  PHE n 
1 100 SER n 
1 101 THR n 
1 102 VAL n 
1 103 SER n 
1 104 ASN n 
1 105 GLY n 
1 106 LYS n 
1 107 LYS n 
1 108 ILE n 
1 109 VAL n 
1 110 ALA n 
1 111 TRP n 
1 112 TRP n 
1 113 ARG n 
1 114 LYS n 
1 115 ASN n 
1 116 TRP n 
1 117 LEU n 
1 118 PHE n 
1 119 ILE n 
1 120 VAL n 
1 121 GLU n 
1 122 GLY n 
1 123 LYS n 
1 124 ASN n 
1 125 GLY n 
1 126 VAL n 
1 127 GLU n 
1 128 GLU n 
1 129 PHE n 
1 130 VAL n 
1 131 LYS n 
1 132 HIS n 
1 133 VAL n 
1 134 TYR n 
1 135 ARG n 
1 136 VAL n 
1 137 TYR n 
1 138 GLU n 
1 139 GLU n 
1 140 MSE n 
1 141 LYS n 
1 142 GLN n 
# 
_entity_src_gen.entity_id                          1 
_entity_src_gen.pdbx_src_id                        1 
_entity_src_gen.pdbx_alt_source_flag               sample 
_entity_src_gen.pdbx_seq_type                      ? 
_entity_src_gen.pdbx_beg_seq_num                   ? 
_entity_src_gen.pdbx_end_seq_num                   ? 
_entity_src_gen.gene_src_common_name               ? 
_entity_src_gen.gene_src_genus                     Thermotoga 
_entity_src_gen.pdbx_gene_src_gene                 TM1622 
_entity_src_gen.gene_src_species                   ? 
_entity_src_gen.gene_src_strain                    ? 
_entity_src_gen.gene_src_tissue                    ? 
_entity_src_gen.gene_src_tissue_fraction           ? 
_entity_src_gen.gene_src_details                   ? 
_entity_src_gen.pdbx_gene_src_fragment             ? 
_entity_src_gen.pdbx_gene_src_scientific_name      'Thermotoga maritima' 
_entity_src_gen.pdbx_gene_src_ncbi_taxonomy_id     2336 
_entity_src_gen.pdbx_gene_src_variant              ? 
_entity_src_gen.pdbx_gene_src_cell_line            ? 
_entity_src_gen.pdbx_gene_src_atcc                 ? 
_entity_src_gen.pdbx_gene_src_organ                ? 
_entity_src_gen.pdbx_gene_src_organelle            ? 
_entity_src_gen.pdbx_gene_src_cell                 ? 
_entity_src_gen.pdbx_gene_src_cellular_location    ? 
_entity_src_gen.host_org_common_name               ? 
_entity_src_gen.pdbx_host_org_scientific_name      'Escherichia coli' 
_entity_src_gen.pdbx_host_org_ncbi_taxonomy_id     562 
_entity_src_gen.host_org_genus                     Escherichia 
_entity_src_gen.pdbx_host_org_gene                 ? 
_entity_src_gen.pdbx_host_org_organ                ? 
_entity_src_gen.host_org_species                   ? 
_entity_src_gen.pdbx_host_org_tissue               ? 
_entity_src_gen.pdbx_host_org_tissue_fraction      ? 
_entity_src_gen.pdbx_host_org_strain               ? 
_entity_src_gen.pdbx_host_org_variant              ? 
_entity_src_gen.pdbx_host_org_cell_line            ? 
_entity_src_gen.pdbx_host_org_atcc                 ? 
_entity_src_gen.pdbx_host_org_culture_collection   ? 
_entity_src_gen.pdbx_host_org_cell                 ? 
_entity_src_gen.pdbx_host_org_organelle            ? 
_entity_src_gen.pdbx_host_org_cellular_location    ? 
_entity_src_gen.pdbx_host_org_vector_type          Plasmid 
_entity_src_gen.pdbx_host_org_vector               ? 
_entity_src_gen.host_org_details                   ? 
_entity_src_gen.expression_system_id               ? 
_entity_src_gen.plasmid_name                       ? 
_entity_src_gen.plasmid_details                    ? 
_entity_src_gen.pdbx_description                   ? 
# 
loop_
_chem_comp.id 
_chem_comp.type 
_chem_comp.mon_nstd_flag 
_chem_comp.name 
_chem_comp.pdbx_synonyms 
_chem_comp.formula 
_chem_comp.formula_weight 
ALA 'L-peptide linking' y ALANINE          ?                               'C3 H7 N O2'     89.093  
ARG 'L-peptide linking' y ARGININE         ?                               'C6 H15 N4 O2 1' 175.209 
ASN 'L-peptide linking' y ASPARAGINE       ?                               'C4 H8 N2 O3'    132.118 
ASP 'L-peptide linking' y 'ASPARTIC ACID'  ?                               'C4 H7 N O4'     133.103 
AZI non-polymer         . 'AZIDE ION'      ?                               'N3 -1'          42.020  
GLN 'L-peptide linking' y GLUTAMINE        ?                               'C5 H10 N2 O3'   146.144 
GLU 'L-peptide linking' y 'GLUTAMIC ACID'  ?                               'C5 H9 N O4'     147.129 
GLY 'peptide linking'   y GLYCINE          ?                               'C2 H5 N O2'     75.067  
GOL non-polymer         . GLYCEROL         'GLYCERIN; PROPANE-1,2,3-TRIOL' 'C3 H8 O3'       92.094  
HIS 'L-peptide linking' y HISTIDINE        ?                               'C6 H10 N3 O2 1' 156.162 
HOH non-polymer         . WATER            ?                               'H2 O'           18.015  
ILE 'L-peptide linking' y ISOLEUCINE       ?                               'C6 H13 N O2'    131.173 
LEU 'L-peptide linking' y LEUCINE          ?                               'C6 H13 N O2'    131.173 
LYS 'L-peptide linking' y LYSINE           ?                               'C6 H15 N2 O2 1' 147.195 
MET 'L-peptide linking' y METHIONINE       ?                               'C5 H11 N O2 S'  149.211 
MSE 'L-peptide linking' n SELENOMETHIONINE ?                               'C5 H11 N O2 Se' 196.106 
PHE 'L-peptide linking' y PHENYLALANINE    ?                               'C9 H11 N O2'    165.189 
PRO 'L-peptide linking' y PROLINE          ?                               'C5 H9 N O2'     115.130 
SER 'L-peptide linking' y SERINE           ?                               'C3 H7 N O3'     105.093 
THR 'L-peptide linking' y THREONINE        ?                               'C4 H9 N O3'     119.119 
TRP 'L-peptide linking' y TRYPTOPHAN       ?                               'C11 H12 N2 O2'  204.225 
TYR 'L-peptide linking' y TYROSINE         ?                               'C9 H11 N O3'    181.189 
VAL 'L-peptide linking' y VALINE           ?                               'C5 H11 N O2'    117.146 
# 
loop_
_pdbx_poly_seq_scheme.asym_id 
_pdbx_poly_seq_scheme.entity_id 
_pdbx_poly_seq_scheme.seq_id 
_pdbx_poly_seq_scheme.mon_id 
_pdbx_poly_seq_scheme.ndb_seq_num 
_pdbx_poly_seq_scheme.pdb_seq_num 
_pdbx_poly_seq_scheme.auth_seq_num 
_pdbx_poly_seq_scheme.pdb_mon_id 
_pdbx_poly_seq_scheme.auth_mon_id 
_pdbx_poly_seq_scheme.pdb_strand_id 
_pdbx_poly_seq_scheme.pdb_ins_code 
_pdbx_poly_seq_scheme.hetero 
A 1 1   MSE 1   -11 ?   ?   ?   A . n 
A 1 2   GLY 2   -10 ?   ?   ?   A . n 
A 1 3   SER 3   -9  ?   ?   ?   A . n 
A 1 4   ASP 4   -8  ?   ?   ?   A . n 
A 1 5   LYS 5   -7  -7  LYS LYS A . n 
A 1 6   ILE 6   -6  -6  ILE ILE A . n 
A 1 7   HIS 7   -5  -5  HIS HIS A . n 
A 1 8   HIS 8   -4  -4  HIS HIS A . n 
A 1 9   HIS 9   -3  -3  HIS HIS A . n 
A 1 10  HIS 10  -2  -2  HIS HIS A . n 
A 1 11  HIS 11  -1  -1  HIS HIS A . n 
A 1 12  HIS 12  0   0   HIS HIS A . n 
A 1 13  PRO 13  25  25  PRO PRO A . n 
A 1 14  PRO 14  26  26  PRO PRO A . n 
A 1 15  GLU 15  27  27  GLU GLU A . n 
A 1 16  ALA 16  28  28  ALA ALA A . n 
A 1 17  TYR 17  29  29  TYR TYR A . n 
A 1 18  SER 18  30  30  SER SER A . n 
A 1 19  LEU 19  31  31  LEU LEU A . n 
A 1 20  ASP 20  32  32  ASP ASP A . n 
A 1 21  THR 21  33  33  THR THR A . n 
A 1 22  ALA 22  34  34  ALA ALA A . n 
A 1 23  ILE 23  35  35  ILE ILE A . n 
A 1 24  PHE 24  36  36  PHE PHE A . n 
A 1 25  VAL 25  37  37  VAL VAL A . n 
A 1 26  LEU 26  38  38  LEU LEU A . n 
A 1 27  GLU 27  39  39  GLU GLU A . n 
A 1 28  THR 28  40  40  THR THR A . n 
A 1 29  ARG 29  41  41  ARG ARG A . n 
A 1 30  ASP 30  42  42  ASP ASP A . n 
A 1 31  TYR 31  43  43  TYR TYR A . n 
A 1 32  ARG 32  44  44  ARG ARG A . n 
A 1 33  LEU 33  45  45  LEU LEU A . n 
A 1 34  SER 34  46  46  SER SER A . n 
A 1 35  ASP 35  47  47  ASP ASP A . n 
A 1 36  VAL 36  48  48  VAL VAL A . n 
A 1 37  LYS 37  49  49  LYS LYS A . n 
A 1 38  GLU 38  50  50  GLU GLU A . n 
A 1 39  ILE 39  51  51  ILE ILE A . n 
A 1 40  ASP 40  52  52  ASP ASP A . n 
A 1 41  SER 41  53  53  SER SER A . n 
A 1 42  TYR 42  54  54  TYR TYR A . n 
A 1 43  GLY 43  55  55  GLY GLY A . n 
A 1 44  ASP 44  56  56  ASP ASP A . n 
A 1 45  VAL 45  57  57  VAL VAL A . n 
A 1 46  GLU 46  58  58  GLU GLU A . n 
A 1 47  MSE 47  59  59  MSE MSE A . n 
A 1 48  LYS 48  60  60  LYS LYS A . n 
A 1 49  GLY 49  61  61  GLY GLY A . n 
A 1 50  LYS 50  62  62  LYS LYS A . n 
A 1 51  VAL 51  63  63  VAL VAL A . n 
A 1 52  ALA 52  64  64  ALA ALA A . n 
A 1 53  VAL 53  65  65  VAL VAL A . n 
A 1 54  PHE 54  66  66  PHE PHE A . n 
A 1 55  GLU 55  67  67  GLU GLU A . n 
A 1 56  THR 56  68  68  THR THR A . n 
A 1 57  GLU 57  69  69  GLU GLU A . n 
A 1 58  TYR 58  70  70  TYR TYR A . n 
A 1 59  GLY 59  71  71  GLY GLY A . n 
A 1 60  PRO 60  72  72  PRO PRO A . n 
A 1 61  VAL 61  73  73  VAL VAL A . n 
A 1 62  PHE 62  74  74  PHE PHE A . n 
A 1 63  LEU 63  75  75  LEU LEU A . n 
A 1 64  TYR 64  76  76  TYR TYR A . n 
A 1 65  VAL 65  77  77  VAL VAL A . n 
A 1 66  TYR 66  78  78  TYR TYR A . n 
A 1 67  LYS 67  79  79  LYS LYS A . n 
A 1 68  GLY 68  80  80  GLY GLY A . n 
A 1 69  GLU 69  81  81  GLU GLU A . n 
A 1 70  GLU 70  82  82  GLU GLU A . n 
A 1 71  ALA 71  83  83  ALA ALA A . n 
A 1 72  LYS 72  84  84  LYS LYS A . n 
A 1 73  LYS 73  85  85  LYS LYS A . n 
A 1 74  ILE 74  86  86  ILE ILE A . n 
A 1 75  TRP 75  87  87  TRP TRP A . n 
A 1 76  LYS 76  88  88  LYS LYS A . n 
A 1 77  LYS 77  89  89  LYS LYS A . n 
A 1 78  LEU 78  90  90  LEU LEU A . n 
A 1 79  ASN 79  91  91  ASN ASN A . n 
A 1 80  GLY 80  92  92  GLY GLY A . n 
A 1 81  ARG 81  93  93  ARG ARG A . n 
A 1 82  ALA 82  94  ?   ?   ?   A . n 
A 1 83  GLY 83  95  ?   ?   ?   A . n 
A 1 84  PHE 84  96  ?   ?   ?   A . n 
A 1 85  VAL 85  97  97  VAL VAL A . n 
A 1 86  SER 86  98  98  SER SER A . n 
A 1 87  ILE 87  99  99  ILE ILE A . n 
A 1 88  ARG 88  100 100 ARG ARG A . n 
A 1 89  SER 89  101 101 SER SER A . n 
A 1 90  VAL 90  102 102 VAL VAL A . n 
A 1 91  LEU 91  103 103 LEU LEU A . n 
A 1 92  ASP 92  104 104 ASP ASP A . n 
A 1 93  LEU 93  105 105 LEU LEU A . n 
A 1 94  PRO 94  106 106 PRO PRO A . n 
A 1 95  ASN 95  107 107 ASN ASN A . n 
A 1 96  MSE 96  108 108 MSE MSE A . n 
A 1 97  GLY 97  109 109 GLY GLY A . n 
A 1 98  LYS 98  110 110 LYS LYS A . n 
A 1 99  PHE 99  111 111 PHE PHE A . n 
A 1 100 SER 100 112 112 SER SER A . n 
A 1 101 THR 101 113 113 THR THR A . n 
A 1 102 VAL 102 114 114 VAL VAL A . n 
A 1 103 SER 103 115 115 SER SER A . n 
A 1 104 ASN 104 116 116 ASN ASN A . n 
A 1 105 GLY 105 117 117 GLY GLY A . n 
A 1 106 LYS 106 118 118 LYS LYS A . n 
A 1 107 LYS 107 119 119 LYS LYS A . n 
A 1 108 ILE 108 120 120 ILE ILE A . n 
A 1 109 VAL 109 121 121 VAL VAL A . n 
A 1 110 ALA 110 122 122 ALA ALA A . n 
A 1 111 TRP 111 123 123 TRP TRP A . n 
A 1 112 TRP 112 124 124 TRP TRP A . n 
A 1 113 ARG 113 125 125 ARG ARG A . n 
A 1 114 LYS 114 126 126 LYS LYS A . n 
A 1 115 ASN 115 127 127 ASN ASN A . n 
A 1 116 TRP 116 128 128 TRP TRP A . n 
A 1 117 LEU 117 129 129 LEU LEU A . n 
A 1 118 PHE 118 130 130 PHE PHE A . n 
A 1 119 ILE 119 131 131 ILE ILE A . n 
A 1 120 VAL 120 132 132 VAL VAL A . n 
A 1 121 GLU 121 133 133 GLU GLU A . n 
A 1 122 GLY 122 134 134 GLY GLY A . n 
A 1 123 LYS 123 135 135 LYS LYS A . n 
A 1 124 ASN 124 136 136 ASN ASN A . n 
A 1 125 GLY 125 137 137 GLY GLY A . n 
A 1 126 VAL 126 138 138 VAL VAL A . n 
A 1 127 GLU 127 139 139 GLU GLU A . n 
A 1 128 GLU 128 140 140 GLU GLU A . n 
A 1 129 PHE 129 141 141 PHE PHE A . n 
A 1 130 VAL 130 142 142 VAL VAL A . n 
A 1 131 LYS 131 143 143 LYS LYS A . n 
A 1 132 HIS 132 144 144 HIS HIS A . n 
A 1 133 VAL 133 145 145 VAL VAL A . n 
A 1 134 TYR 134 146 146 TYR TYR A . n 
A 1 135 ARG 135 147 147 ARG ARG A . n 
A 1 136 VAL 136 148 148 VAL VAL A . n 
A 1 137 TYR 137 149 149 TYR TYR A . n 
A 1 138 GLU 138 150 150 GLU GLU A . n 
A 1 139 GLU 139 151 151 GLU GLU A . n 
A 1 140 MSE 140 152 152 MSE MSE A . n 
A 1 141 LYS 141 153 153 LYS LYS A . n 
A 1 142 GLN 142 154 154 GLN GLN A . n 
# 
loop_
_pdbx_nonpoly_scheme.asym_id 
_pdbx_nonpoly_scheme.entity_id 
_pdbx_nonpoly_scheme.mon_id 
_pdbx_nonpoly_scheme.ndb_seq_num 
_pdbx_nonpoly_scheme.pdb_seq_num 
_pdbx_nonpoly_scheme.auth_seq_num 
_pdbx_nonpoly_scheme.pdb_mon_id 
_pdbx_nonpoly_scheme.auth_mon_id 
_pdbx_nonpoly_scheme.pdb_strand_id 
_pdbx_nonpoly_scheme.pdb_ins_code 
B 2 AZI 1   1   1   AZI AZI A . 
C 2 AZI 1   2   2   AZI AZI A . 
D 3 GOL 1   3   3   GOL GOL A . 
E 3 GOL 1   4   4   GOL GOL A . 
F 3 GOL 1   5   5   GOL GOL A . 
G 4 HOH 1   155 6   HOH HOH A . 
G 4 HOH 2   156 7   HOH HOH A . 
G 4 HOH 3   157 8   HOH HOH A . 
G 4 HOH 4   158 9   HOH HOH A . 
G 4 HOH 5   159 10  HOH HOH A . 
G 4 HOH 6   160 11  HOH HOH A . 
G 4 HOH 7   161 12  HOH HOH A . 
G 4 HOH 8   162 13  HOH HOH A . 
G 4 HOH 9   163 14  HOH HOH A . 
G 4 HOH 10  164 15  HOH HOH A . 
G 4 HOH 11  165 16  HOH HOH A . 
G 4 HOH 12  166 17  HOH HOH A . 
G 4 HOH 13  167 18  HOH HOH A . 
G 4 HOH 14  168 19  HOH HOH A . 
G 4 HOH 15  169 20  HOH HOH A . 
G 4 HOH 16  170 21  HOH HOH A . 
G 4 HOH 17  171 22  HOH HOH A . 
G 4 HOH 18  172 23  HOH HOH A . 
G 4 HOH 19  173 24  HOH HOH A . 
G 4 HOH 20  174 25  HOH HOH A . 
G 4 HOH 21  175 26  HOH HOH A . 
G 4 HOH 22  176 27  HOH HOH A . 
G 4 HOH 23  177 28  HOH HOH A . 
G 4 HOH 24  178 29  HOH HOH A . 
G 4 HOH 25  179 30  HOH HOH A . 
G 4 HOH 26  180 31  HOH HOH A . 
G 4 HOH 27  181 32  HOH HOH A . 
G 4 HOH 28  182 33  HOH HOH A . 
G 4 HOH 29  183 34  HOH HOH A . 
G 4 HOH 30  184 35  HOH HOH A . 
G 4 HOH 31  185 36  HOH HOH A . 
G 4 HOH 32  186 37  HOH HOH A . 
G 4 HOH 33  187 38  HOH HOH A . 
G 4 HOH 34  188 39  HOH HOH A . 
G 4 HOH 35  189 40  HOH HOH A . 
G 4 HOH 36  190 41  HOH HOH A . 
G 4 HOH 37  191 42  HOH HOH A . 
G 4 HOH 38  192 43  HOH HOH A . 
G 4 HOH 39  193 44  HOH HOH A . 
G 4 HOH 40  194 45  HOH HOH A . 
G 4 HOH 41  195 46  HOH HOH A . 
G 4 HOH 42  196 47  HOH HOH A . 
G 4 HOH 43  197 48  HOH HOH A . 
G 4 HOH 44  198 49  HOH HOH A . 
G 4 HOH 45  199 50  HOH HOH A . 
G 4 HOH 46  200 51  HOH HOH A . 
G 4 HOH 47  201 52  HOH HOH A . 
G 4 HOH 48  202 53  HOH HOH A . 
G 4 HOH 49  203 54  HOH HOH A . 
G 4 HOH 50  204 55  HOH HOH A . 
G 4 HOH 51  205 56  HOH HOH A . 
G 4 HOH 52  206 57  HOH HOH A . 
G 4 HOH 53  207 58  HOH HOH A . 
G 4 HOH 54  208 59  HOH HOH A . 
G 4 HOH 55  209 60  HOH HOH A . 
G 4 HOH 56  210 61  HOH HOH A . 
G 4 HOH 57  211 62  HOH HOH A . 
G 4 HOH 58  212 63  HOH HOH A . 
G 4 HOH 59  213 64  HOH HOH A . 
G 4 HOH 60  214 65  HOH HOH A . 
G 4 HOH 61  215 66  HOH HOH A . 
G 4 HOH 62  216 67  HOH HOH A . 
G 4 HOH 63  217 68  HOH HOH A . 
G 4 HOH 64  218 69  HOH HOH A . 
G 4 HOH 65  219 70  HOH HOH A . 
G 4 HOH 66  220 71  HOH HOH A . 
G 4 HOH 67  221 72  HOH HOH A . 
G 4 HOH 68  222 73  HOH HOH A . 
G 4 HOH 69  223 74  HOH HOH A . 
G 4 HOH 70  224 75  HOH HOH A . 
G 4 HOH 71  225 76  HOH HOH A . 
G 4 HOH 72  226 77  HOH HOH A . 
G 4 HOH 73  227 78  HOH HOH A . 
G 4 HOH 74  228 79  HOH HOH A . 
G 4 HOH 75  229 80  HOH HOH A . 
G 4 HOH 76  230 81  HOH HOH A . 
G 4 HOH 77  231 82  HOH HOH A . 
G 4 HOH 78  232 83  HOH HOH A . 
G 4 HOH 79  233 84  HOH HOH A . 
G 4 HOH 80  234 85  HOH HOH A . 
G 4 HOH 81  235 86  HOH HOH A . 
G 4 HOH 82  236 87  HOH HOH A . 
G 4 HOH 83  237 88  HOH HOH A . 
G 4 HOH 84  238 89  HOH HOH A . 
G 4 HOH 85  239 90  HOH HOH A . 
G 4 HOH 86  240 91  HOH HOH A . 
G 4 HOH 87  241 92  HOH HOH A . 
G 4 HOH 88  242 93  HOH HOH A . 
G 4 HOH 89  243 94  HOH HOH A . 
G 4 HOH 90  244 95  HOH HOH A . 
G 4 HOH 91  245 96  HOH HOH A . 
G 4 HOH 92  246 97  HOH HOH A . 
G 4 HOH 93  247 98  HOH HOH A . 
G 4 HOH 94  248 99  HOH HOH A . 
G 4 HOH 95  249 100 HOH HOH A . 
G 4 HOH 96  250 101 HOH HOH A . 
G 4 HOH 97  251 102 HOH HOH A . 
G 4 HOH 98  252 103 HOH HOH A . 
G 4 HOH 99  253 104 HOH HOH A . 
G 4 HOH 100 254 105 HOH HOH A . 
G 4 HOH 101 255 106 HOH HOH A . 
G 4 HOH 102 256 107 HOH HOH A . 
G 4 HOH 103 257 108 HOH HOH A . 
G 4 HOH 104 258 109 HOH HOH A . 
G 4 HOH 105 259 110 HOH HOH A . 
G 4 HOH 106 260 111 HOH HOH A . 
G 4 HOH 107 261 112 HOH HOH A . 
G 4 HOH 108 262 113 HOH HOH A . 
G 4 HOH 109 263 114 HOH HOH A . 
G 4 HOH 110 264 115 HOH HOH A . 
G 4 HOH 111 265 116 HOH HOH A . 
G 4 HOH 112 266 117 HOH HOH A . 
G 4 HOH 113 267 118 HOH HOH A . 
G 4 HOH 114 268 119 HOH HOH A . 
G 4 HOH 115 269 120 HOH HOH A . 
G 4 HOH 116 270 121 HOH HOH A . 
G 4 HOH 117 271 122 HOH HOH A . 
G 4 HOH 118 272 123 HOH HOH A . 
G 4 HOH 119 273 124 HOH HOH A . 
G 4 HOH 120 274 125 HOH HOH A . 
G 4 HOH 121 275 126 HOH HOH A . 
G 4 HOH 122 276 127 HOH HOH A . 
G 4 HOH 123 277 128 HOH HOH A . 
G 4 HOH 124 278 129 HOH HOH A . 
G 4 HOH 125 279 130 HOH HOH A . 
G 4 HOH 126 280 131 HOH HOH A . 
G 4 HOH 127 281 132 HOH HOH A . 
G 4 HOH 128 282 133 HOH HOH A . 
G 4 HOH 129 283 134 HOH HOH A . 
G 4 HOH 130 284 135 HOH HOH A . 
G 4 HOH 131 285 136 HOH HOH A . 
G 4 HOH 132 286 137 HOH HOH A . 
G 4 HOH 133 287 138 HOH HOH A . 
G 4 HOH 134 288 139 HOH HOH A . 
G 4 HOH 135 289 140 HOH HOH A . 
G 4 HOH 136 290 141 HOH HOH A . 
G 4 HOH 137 291 142 HOH HOH A . 
G 4 HOH 138 292 143 HOH HOH A . 
G 4 HOH 139 293 144 HOH HOH A . 
G 4 HOH 140 294 145 HOH HOH A . 
G 4 HOH 141 295 146 HOH HOH A . 
G 4 HOH 142 296 147 HOH HOH A . 
G 4 HOH 143 297 148 HOH HOH A . 
G 4 HOH 144 298 149 HOH HOH A . 
G 4 HOH 145 299 150 HOH HOH A . 
G 4 HOH 146 300 151 HOH HOH A . 
G 4 HOH 147 301 152 HOH HOH A . 
G 4 HOH 148 302 153 HOH HOH A . 
G 4 HOH 149 303 154 HOH HOH A . 
G 4 HOH 150 304 155 HOH HOH A . 
G 4 HOH 151 305 156 HOH HOH A . 
G 4 HOH 152 306 157 HOH HOH A . 
G 4 HOH 153 307 158 HOH HOH A . 
G 4 HOH 154 308 159 HOH HOH A . 
G 4 HOH 155 309 160 HOH HOH A . 
G 4 HOH 156 310 161 HOH HOH A . 
G 4 HOH 157 311 162 HOH HOH A . 
G 4 HOH 158 312 163 HOH HOH A . 
G 4 HOH 159 313 164 HOH HOH A . 
G 4 HOH 160 314 165 HOH HOH A . 
G 4 HOH 161 315 166 HOH HOH A . 
G 4 HOH 162 316 167 HOH HOH A . 
G 4 HOH 163 317 168 HOH HOH A . 
G 4 HOH 164 318 169 HOH HOH A . 
G 4 HOH 165 319 170 HOH HOH A . 
G 4 HOH 166 320 171 HOH HOH A . 
G 4 HOH 167 321 172 HOH HOH A . 
G 4 HOH 168 322 173 HOH HOH A . 
G 4 HOH 169 323 174 HOH HOH A . 
G 4 HOH 170 324 175 HOH HOH A . 
G 4 HOH 171 325 176 HOH HOH A . 
G 4 HOH 172 326 177 HOH HOH A . 
# 
loop_
_pdbx_unobs_or_zero_occ_atoms.id 
_pdbx_unobs_or_zero_occ_atoms.PDB_model_num 
_pdbx_unobs_or_zero_occ_atoms.polymer_flag 
_pdbx_unobs_or_zero_occ_atoms.occupancy_flag 
_pdbx_unobs_or_zero_occ_atoms.auth_asym_id 
_pdbx_unobs_or_zero_occ_atoms.auth_comp_id 
_pdbx_unobs_or_zero_occ_atoms.auth_seq_id 
_pdbx_unobs_or_zero_occ_atoms.PDB_ins_code 
_pdbx_unobs_or_zero_occ_atoms.auth_atom_id 
_pdbx_unobs_or_zero_occ_atoms.label_alt_id 
_pdbx_unobs_or_zero_occ_atoms.label_asym_id 
_pdbx_unobs_or_zero_occ_atoms.label_comp_id 
_pdbx_unobs_or_zero_occ_atoms.label_seq_id 
_pdbx_unobs_or_zero_occ_atoms.label_atom_id 
1  1 Y 1 A ARG 41  ? CD  ? A ARG 29  CD  
2  1 Y 1 A ARG 41  ? NE  ? A ARG 29  NE  
3  1 Y 1 A ARG 41  ? CZ  ? A ARG 29  CZ  
4  1 Y 1 A ARG 41  ? NH1 ? A ARG 29  NH1 
5  1 Y 1 A ARG 41  ? NH2 ? A ARG 29  NH2 
6  1 Y 1 A ASP 56  ? OD1 ? A ASP 44  OD1 
7  1 Y 1 A ASP 56  ? OD2 ? A ASP 44  OD2 
8  1 Y 1 A LYS 60  ? NZ  ? A LYS 48  NZ  
9  1 Y 1 A GLU 81  ? CD  ? A GLU 69  CD  
10 1 Y 1 A GLU 81  ? OE1 ? A GLU 69  OE1 
11 1 Y 1 A GLU 81  ? OE2 ? A GLU 69  OE2 
12 1 Y 1 A LYS 85  ? CE  ? A LYS 73  CE  
13 1 Y 1 A LYS 85  ? NZ  ? A LYS 73  NZ  
14 1 Y 1 A LYS 88  ? NZ  ? A LYS 76  NZ  
15 1 Y 1 A LYS 89  ? CE  ? A LYS 77  CE  
16 1 Y 1 A LYS 89  ? NZ  ? A LYS 77  NZ  
17 1 Y 1 A LYS 118 ? CD  ? A LYS 106 CD  
18 1 Y 1 A LYS 118 ? CE  ? A LYS 106 CE  
19 1 Y 1 A LYS 118 ? NZ  ? A LYS 106 NZ  
20 1 Y 1 A LYS 119 ? NZ  ? A LYS 107 NZ  
21 1 Y 1 A LYS 135 ? CE  ? A LYS 123 CE  
22 1 Y 1 A LYS 135 ? NZ  ? A LYS 123 NZ  
23 1 Y 1 A GLU 139 ? CD  ? A GLU 127 CD  
24 1 Y 1 A GLU 139 ? OE1 ? A GLU 127 OE1 
25 1 Y 1 A GLU 139 ? OE2 ? A GLU 127 OE2 
26 1 Y 1 A GLU 151 ? CD  ? A GLU 139 CD  
27 1 Y 1 A GLU 151 ? OE1 ? A GLU 139 OE1 
28 1 Y 1 A GLU 151 ? OE2 ? A GLU 139 OE2 
29 1 Y 1 A LYS 153 ? CE  ? A LYS 141 CE  
30 1 Y 1 A LYS 153 ? NZ  ? A LYS 141 NZ  
# 
loop_
_software.name 
_software.classification 
_software.version 
_software.citation_id 
_software.pdbx_ordinal 
MOSFLM    'data reduction' .         ? 1 
SCALA     'data scaling'   5.0       ? 2 
SHELXD    phasing          .         ? 3 
autoSHARP phasing          .         ? 4 
REFMAC    refinement       5.2.0005  ? 5 
CCP4      'data scaling'   '(SCALA)' ? 6 
# 
_cell.entry_id           1VR8 
_cell.length_a           57.730 
_cell.length_b           57.730 
_cell.length_c           87.944 
_cell.angle_alpha        90.00 
_cell.angle_beta         90.00 
_cell.angle_gamma        120.00 
_cell.Z_PDB              6 
_cell.pdbx_unique_axis   ? 
# 
_symmetry.entry_id                         1VR8 
_symmetry.space_group_name_H-M             'P 32 2 1' 
_symmetry.pdbx_full_space_group_name_H-M   ? 
_symmetry.cell_setting                     ? 
_symmetry.Int_Tables_number                154 
_symmetry.space_group_name_Hall            ? 
# 
_exptl.crystals_number   1 
_exptl.method            'X-RAY DIFFRACTION' 
_exptl.entry_id          1VR8 
# 
_exptl_crystal.id                    1 
_exptl_crystal.density_percent_sol   46.46 
_exptl_crystal.density_Matthews      2.32 
_exptl_crystal.description           ? 
_exptl_crystal.density_meas          ? 
_exptl_crystal.F_000                 ? 
_exptl_crystal.preparation           ? 
# 
_exptl_crystal_grow.crystal_id      1 
_exptl_crystal_grow.method          ? 
_exptl_crystal_grow.pH              6.5 
_exptl_crystal_grow.temp            277 
_exptl_crystal_grow.pdbx_details    '12.0% PEG-20000, 0.1M MES, pH 6.5, VAPOR DIFFUSION, SITTING DROP, NANODROP, temperature 277K' 
_exptl_crystal_grow.temp_details    ? 
_exptl_crystal_grow.pdbx_pH_range   . 
# 
_diffrn.id                     1 
_diffrn.ambient_temp           100 
_diffrn.ambient_temp_details   ? 
_diffrn.crystal_id             1 
# 
_diffrn_detector.diffrn_id              1 
_diffrn_detector.detector               CCD 
_diffrn_detector.type                   'ADSC QUANTUM 210' 
_diffrn_detector.details                ? 
_diffrn_detector.pdbx_collection_date   2005-01-22 
# 
_diffrn_radiation.diffrn_id                        1 
_diffrn_radiation.pdbx_monochromatic_or_laue_m_l   M 
_diffrn_radiation.monochromator                    'Double Crystal Si(111)' 
_diffrn_radiation.pdbx_diffrn_protocol             MAD 
_diffrn_radiation.wavelength_id                    1 
_diffrn_radiation.pdbx_scattering_type             x-ray 
# 
loop_
_diffrn_radiation_wavelength.id 
_diffrn_radiation_wavelength.wavelength 
_diffrn_radiation_wavelength.wt 
1 0.99186 1.0 
2 0.97951 1.0 
3 0.97933 1.0 
# 
_diffrn_source.diffrn_id                   1 
_diffrn_source.source                      SYNCHROTRON 
_diffrn_source.pdbx_synchrotron_beamline   8.2.1 
_diffrn_source.type                        'ALS BEAMLINE 8.2.1' 
_diffrn_source.pdbx_wavelength             ? 
_diffrn_source.pdbx_synchrotron_site       ALS 
_diffrn_source.pdbx_wavelength_list        '0.99186, 0.97951, 0.97933' 
# 
_reflns.observed_criterion_sigma_F   ? 
_reflns.observed_criterion_sigma_I   ? 
_reflns.d_resolution_high            1.75 
_reflns.d_resolution_low             29.31 
_reflns.number_obs                   16407 
_reflns.percent_possible_obs         93.2 
_reflns.pdbx_Rmerge_I_obs            ? 
_reflns.pdbx_netI_over_sigmaI        14.4 
_reflns.B_iso_Wilson_estimate        25.41 
_reflns.pdbx_redundancy              4.4 
_reflns.pdbx_Rsym_value              0.068 
_reflns.entry_id                     1VR8 
_reflns.number_all                   ? 
_reflns.R_free_details               ? 
_reflns.limit_h_max                  ? 
_reflns.limit_h_min                  ? 
_reflns.limit_k_max                  ? 
_reflns.limit_k_min                  ? 
_reflns.limit_l_max                  ? 
_reflns.limit_l_min                  ? 
_reflns.observed_criterion_F_max     ? 
_reflns.observed_criterion_F_min     ? 
_reflns.pdbx_chi_squared             ? 
_reflns.pdbx_scaling_rejects         ? 
_reflns.pdbx_ordinal                 1 
_reflns.pdbx_diffrn_id               1 
# 
_reflns_shell.d_res_high             1.75 
_reflns_shell.d_res_low              1.85 
_reflns_shell.percent_possible_all   63.9 
_reflns_shell.pdbx_Rsym_value        0.339 
_reflns_shell.pdbx_redundancy        1.7 
_reflns_shell.number_unique_all      1586 
_reflns_shell.meanI_over_sigI_obs    2.3 
_reflns_shell.Rmerge_I_obs           ? 
_reflns_shell.percent_possible_obs   ? 
_reflns_shell.number_measured_all    ? 
_reflns_shell.number_measured_obs    ? 
_reflns_shell.number_unique_obs      ? 
_reflns_shell.pdbx_chi_squared       ? 
_reflns_shell.pdbx_ordinal           1 
_reflns_shell.pdbx_diffrn_id         1 
# 
_refine.ls_d_res_high                            1.75 
_refine.ls_d_res_low                             29.31 
_refine.pdbx_ls_sigma_F                          ? 
_refine.pdbx_ls_sigma_I                          ? 
_refine.ls_number_reflns_obs                     15549 
_refine.ls_number_reflns_R_free                  832 
_refine.ls_percent_reflns_R_free                 5.1 
_refine.ls_percent_reflns_obs                    93.16 
_refine.ls_R_factor_obs                          0.15019 
_refine.ls_R_factor_R_work                       0.1486 
_refine.ls_R_factor_R_free                       0.18179 
_refine.pdbx_R_Free_selection_details            RANDOM 
_refine.pdbx_stereochemistry_target_values       'MAXIMUM LIKELIHOOD WITH PHASES' 
_refine.pdbx_method_to_determine_struct          MAD 
_refine.pdbx_starting_model                      ? 
_refine.pdbx_ls_cross_valid_method               THROUGHOUT 
_refine.B_iso_mean                               23.241 
_refine.aniso_B[1][1]                            -0.02 
_refine.aniso_B[2][2]                            -0.02 
_refine.aniso_B[3][3]                            0.04 
_refine.aniso_B[1][2]                            -0.01 
_refine.aniso_B[1][3]                            0.00 
_refine.aniso_B[2][3]                            0.00 
_refine.details                                  
;1. HYDROGENS HAVE BEEN ADDED IN THE RIDING POSITIONS. 2. LOOP 93-96 IS DISORDERED. THERE IS SOME EXTRA UNKNOWN DENSITY NEARBY WHICH IS NOT MODELED AS WELL.
;
_refine.pdbx_overall_ESU_R                       0.096 
_refine.pdbx_overall_ESU_R_Free                  0.096 
_refine.overall_SU_ML                            0.056 
_refine.overall_SU_B                             3.433 
_refine.correlation_coeff_Fo_to_Fc               0.966 
_refine.correlation_coeff_Fo_to_Fc_free          0.949 
_refine.solvent_model_details                    'BABINET MODEL WITH MASK' 
_refine.pdbx_solvent_vdw_probe_radii             1.20 
_refine.pdbx_solvent_ion_probe_radii             0.80 
_refine.pdbx_solvent_shrinkage_radii             0.80 
_refine.entry_id                                 1VR8 
_refine.ls_R_factor_all                          ? 
_refine.ls_number_reflns_all                     ? 
_refine.ls_redundancy_reflns_obs                 ? 
_refine.pdbx_data_cutoff_high_absF               ? 
_refine.pdbx_data_cutoff_low_absF                ? 
_refine.ls_number_parameters                     ? 
_refine.ls_number_restraints                     ? 
_refine.ls_R_factor_R_free_error                 ? 
_refine.ls_R_factor_R_free_error_details         ? 
_refine.pdbx_isotropic_thermal_model             ? 
_refine.pdbx_stereochem_target_val_spec_case     ? 
_refine.solvent_model_param_bsol                 ? 
_refine.solvent_model_param_ksol                 ? 
_refine.occupancy_max                            ? 
_refine.occupancy_min                            ? 
_refine.pdbx_data_cutoff_high_rms_absF           ? 
_refine.B_iso_min                                ? 
_refine.B_iso_max                                ? 
_refine.overall_SU_R_Cruickshank_DPI             ? 
_refine.overall_SU_R_free                        ? 
_refine.ls_wR_factor_R_free                      ? 
_refine.ls_wR_factor_R_work                      ? 
_refine.overall_FOM_free_R_set                   ? 
_refine.overall_FOM_work_R_set                   ? 
_refine.pdbx_refine_id                           'X-RAY DIFFRACTION' 
_refine.pdbx_TLS_residual_ADP_flag               'LIKELY RESIDUAL' 
_refine.pdbx_diffrn_id                           1 
_refine.pdbx_overall_phase_error                 ? 
_refine.pdbx_overall_SU_R_free_Cruickshank_DPI   ? 
_refine.pdbx_overall_SU_R_Blow_DPI               ? 
_refine.pdbx_overall_SU_R_free_Blow_DPI          ? 
# 
_refine_hist.pdbx_refine_id                   'X-RAY DIFFRACTION' 
_refine_hist.cycle_id                         LAST 
_refine_hist.pdbx_number_atoms_protein        1098 
_refine_hist.pdbx_number_atoms_nucleic_acid   0 
_refine_hist.pdbx_number_atoms_ligand         24 
_refine_hist.number_atoms_solvent             172 
_refine_hist.number_atoms_total               1294 
_refine_hist.d_res_high                       1.75 
_refine_hist.d_res_low                        29.31 
# 
loop_
_refine_ls_restr.type 
_refine_ls_restr.number 
_refine_ls_restr.dev_ideal 
_refine_ls_restr.dev_ideal_target 
_refine_ls_restr.weight 
_refine_ls_restr.pdbx_refine_id 
_refine_ls_restr.pdbx_restraint_function 
r_bond_refined_d         1160 0.014  0.022  ? 'X-RAY DIFFRACTION' ? 
r_bond_other_d           1054 0.001  0.020  ? 'X-RAY DIFFRACTION' ? 
r_angle_refined_deg      1560 1.490  1.931  ? 'X-RAY DIFFRACTION' ? 
r_angle_other_deg        2433 0.738  3.000  ? 'X-RAY DIFFRACTION' ? 
r_dihedral_angle_1_deg   135  5.627  5.000  ? 'X-RAY DIFFRACTION' ? 
r_dihedral_angle_2_deg   52   33.444 22.885 ? 'X-RAY DIFFRACTION' ? 
r_dihedral_angle_3_deg   197  12.467 15.000 ? 'X-RAY DIFFRACTION' ? 
r_dihedral_angle_4_deg   6    10.793 15.000 ? 'X-RAY DIFFRACTION' ? 
r_chiral_restr           164  0.090  0.200  ? 'X-RAY DIFFRACTION' ? 
r_gen_planes_refined     1244 0.006  0.020  ? 'X-RAY DIFFRACTION' ? 
r_gen_planes_other       250  0.001  0.020  ? 'X-RAY DIFFRACTION' ? 
r_nbd_refined            201  0.195  0.200  ? 'X-RAY DIFFRACTION' ? 
r_nbd_other              1049 0.171  0.200  ? 'X-RAY DIFFRACTION' ? 
r_nbtor_other            705  0.085  0.200  ? 'X-RAY DIFFRACTION' ? 
r_xyhbond_nbd_refined    115  0.150  0.200  ? 'X-RAY DIFFRACTION' ? 
r_symmetry_vdw_refined   10   0.164  0.200  ? 'X-RAY DIFFRACTION' ? 
r_symmetry_vdw_other     39   0.245  0.200  ? 'X-RAY DIFFRACTION' ? 
r_symmetry_hbond_refined 26   0.225  0.200  ? 'X-RAY DIFFRACTION' ? 
r_mcbond_it              716  2.299  3.000  ? 'X-RAY DIFFRACTION' ? 
r_mcbond_other           278  0.554  3.000  ? 'X-RAY DIFFRACTION' ? 
r_mcangle_it             1092 2.897  5.000  ? 'X-RAY DIFFRACTION' ? 
r_scbond_it              562  3.196  5.000  ? 'X-RAY DIFFRACTION' ? 
r_scangle_it             467  4.192  5.000  ? 'X-RAY DIFFRACTION' ? 
r_nbtor_refined          548  0.187  0.200  ? 'X-RAY DIFFRACTION' ? 
# 
_refine_ls_shell.pdbx_total_number_of_bins_used   20 
_refine_ls_shell.d_res_high                       1.75 
_refine_ls_shell.d_res_low                        1.797 
_refine_ls_shell.percent_reflns_obs               53.09 
_refine_ls_shell.number_reflns_R_work             633 
_refine_ls_shell.R_factor_R_work                  0.224 
_refine_ls_shell.percent_reflns_R_free            5.52 
_refine_ls_shell.number_reflns_R_free             37 
_refine_ls_shell.R_factor_R_free                  0.252 
_refine_ls_shell.R_factor_R_free_error            ? 
_refine_ls_shell.redundancy_reflns_obs            ? 
_refine_ls_shell.number_reflns_all                ? 
_refine_ls_shell.number_reflns_obs                ? 
_refine_ls_shell.pdbx_refine_id                   'X-RAY DIFFRACTION' 
_refine_ls_shell.R_factor_all                     ? 
# 
_struct.entry_id                  1VR8 
_struct.title                     
'Crystal structure of GTP binding regulator (TM1622) from Thermotoga Maritima at 1.75 A resolution' 
_struct.pdbx_model_details        ? 
_struct.pdbx_CASP_flag            ? 
_struct.pdbx_model_type_details   ? 
# 
_struct_keywords.text            
;TM1622, GTP BINDING REGULATOR, Structural Genomics, Joint Center for Structural Genomics, JCSG, Protein Structure Initiative, PSI, SIGNALING PROTEIN
;
_struct_keywords.pdbx_keywords   'SIGNALING PROTEIN' 
_struct_keywords.entry_id        1VR8 
# 
loop_
_struct_asym.id 
_struct_asym.pdbx_blank_PDB_chainid_flag 
_struct_asym.pdbx_modified 
_struct_asym.entity_id 
_struct_asym.details 
A N N 1 ? 
B N N 2 ? 
C N N 2 ? 
D N N 3 ? 
E N N 3 ? 
F N N 3 ? 
G N N 4 ? 
# 
_struct_ref.id                         1 
_struct_ref.db_name                    UNP 
_struct_ref.db_code                    Q9X1V7_THEMA 
_struct_ref.pdbx_db_accession          Q9X1V7 
_struct_ref.entity_id                  1 
_struct_ref.pdbx_seq_one_letter_code   
;PPEAYSLDTAIFVLETRDYRLSDVKEIDSYGDVEMKGKVAVFETEYGPVFLYVYKGEEAKKIWKKLNGRAGFVSIRSVLD
LPNMGKFSTVSNGKKIVAWWRKNWLFIVEGKNGVEEFVKHVYRVYEEMKQ
;
_struct_ref.pdbx_align_begin           25 
_struct_ref.pdbx_db_isoform            ? 
# 
_struct_ref_seq.align_id                      1 
_struct_ref_seq.ref_id                        1 
_struct_ref_seq.pdbx_PDB_id_code              1VR8 
_struct_ref_seq.pdbx_strand_id                A 
_struct_ref_seq.seq_align_beg                 13 
_struct_ref_seq.pdbx_seq_align_beg_ins_code   ? 
_struct_ref_seq.seq_align_end                 142 
_struct_ref_seq.pdbx_seq_align_end_ins_code   ? 
_struct_ref_seq.pdbx_db_accession             Q9X1V7 
_struct_ref_seq.db_align_beg                  25 
_struct_ref_seq.pdbx_db_align_beg_ins_code    ? 
_struct_ref_seq.db_align_end                  154 
_struct_ref_seq.pdbx_db_align_end_ins_code    ? 
_struct_ref_seq.pdbx_auth_seq_align_beg       25 
_struct_ref_seq.pdbx_auth_seq_align_end       154 
# 
loop_
_struct_ref_seq_dif.align_id 
_struct_ref_seq_dif.pdbx_pdb_id_code 
_struct_ref_seq_dif.mon_id 
_struct_ref_seq_dif.pdbx_pdb_strand_id 
_struct_ref_seq_dif.seq_num 
_struct_ref_seq_dif.pdbx_pdb_ins_code 
_struct_ref_seq_dif.pdbx_seq_db_name 
_struct_ref_seq_dif.pdbx_seq_db_accession_code 
_struct_ref_seq_dif.db_mon_id 
_struct_ref_seq_dif.pdbx_seq_db_seq_num 
_struct_ref_seq_dif.details 
_struct_ref_seq_dif.pdbx_auth_seq_num 
_struct_ref_seq_dif.pdbx_ordinal 
1 1VR8 MSE A 1   ? UNP Q9X1V7 ?   ?   'expression tag'   -11 1  
1 1VR8 GLY A 2   ? UNP Q9X1V7 ?   ?   'expression tag'   -10 2  
1 1VR8 SER A 3   ? UNP Q9X1V7 ?   ?   'expression tag'   -9  3  
1 1VR8 ASP A 4   ? UNP Q9X1V7 ?   ?   'expression tag'   -8  4  
1 1VR8 LYS A 5   ? UNP Q9X1V7 ?   ?   'expression tag'   -7  5  
1 1VR8 ILE A 6   ? UNP Q9X1V7 ?   ?   'expression tag'   -6  6  
1 1VR8 HIS A 7   ? UNP Q9X1V7 ?   ?   'expression tag'   -5  7  
1 1VR8 HIS A 8   ? UNP Q9X1V7 ?   ?   'expression tag'   -4  8  
1 1VR8 HIS A 9   ? UNP Q9X1V7 ?   ?   'expression tag'   -3  9  
1 1VR8 HIS A 10  ? UNP Q9X1V7 ?   ?   'expression tag'   -2  10 
1 1VR8 HIS A 11  ? UNP Q9X1V7 ?   ?   'expression tag'   -1  11 
1 1VR8 HIS A 12  ? UNP Q9X1V7 ?   ?   'expression tag'   0   12 
1 1VR8 MSE A 47  ? UNP Q9X1V7 MET 59  'modified residue' 59  13 
1 1VR8 MSE A 96  ? UNP Q9X1V7 MET 108 'modified residue' 108 14 
1 1VR8 MSE A 140 ? UNP Q9X1V7 MET 152 'modified residue' 152 15 
# 
_pdbx_struct_assembly.id                   1 
_pdbx_struct_assembly.details              author_defined_assembly 
_pdbx_struct_assembly.method_details       ? 
_pdbx_struct_assembly.oligomeric_details   monomeric 
_pdbx_struct_assembly.oligomeric_count     1 
# 
_pdbx_struct_assembly_gen.assembly_id       1 
_pdbx_struct_assembly_gen.oper_expression   1 
_pdbx_struct_assembly_gen.asym_id_list      A,B,C,D,E,F,G 
# 
_pdbx_struct_oper_list.id                   1 
_pdbx_struct_oper_list.type                 'identity operation' 
_pdbx_struct_oper_list.name                 1_555 
_pdbx_struct_oper_list.symmetry_operation   x,y,z 
_pdbx_struct_oper_list.matrix[1][1]         1.0000000000 
_pdbx_struct_oper_list.matrix[1][2]         0.0000000000 
_pdbx_struct_oper_list.matrix[1][3]         0.0000000000 
_pdbx_struct_oper_list.vector[1]            0.0000000000 
_pdbx_struct_oper_list.matrix[2][1]         0.0000000000 
_pdbx_struct_oper_list.matrix[2][2]         1.0000000000 
_pdbx_struct_oper_list.matrix[2][3]         0.0000000000 
_pdbx_struct_oper_list.vector[2]            0.0000000000 
_pdbx_struct_oper_list.matrix[3][1]         0.0000000000 
_pdbx_struct_oper_list.matrix[3][2]         0.0000000000 
_pdbx_struct_oper_list.matrix[3][3]         1.0000000000 
_pdbx_struct_oper_list.vector[3]            0.0000000000 
# 
_struct_biol.id                    1 
_struct_biol.pdbx_parent_biol_id   ? 
_struct_biol.details               ? 
# 
loop_
_struct_conf.conf_type_id 
_struct_conf.id 
_struct_conf.pdbx_PDB_helix_id 
_struct_conf.beg_label_comp_id 
_struct_conf.beg_label_asym_id 
_struct_conf.beg_label_seq_id 
_struct_conf.pdbx_beg_PDB_ins_code 
_struct_conf.end_label_comp_id 
_struct_conf.end_label_asym_id 
_struct_conf.end_label_seq_id 
_struct_conf.pdbx_end_PDB_ins_code 
_struct_conf.beg_auth_comp_id 
_struct_conf.beg_auth_asym_id 
_struct_conf.beg_auth_seq_id 
_struct_conf.end_auth_comp_id 
_struct_conf.end_auth_asym_id 
_struct_conf.end_auth_seq_id 
_struct_conf.pdbx_PDB_helix_class 
_struct_conf.details 
_struct_conf.pdbx_PDB_helix_length 
HELX_P HELX_P1 1 SER A 18  ? VAL A 25  ? SER A 30  VAL A 37  1 ? 8  
HELX_P HELX_P2 2 GLU A 70  ? GLY A 80  ? GLU A 82  GLY A 92  1 ? 11 
HELX_P HELX_P3 3 GLY A 125 ? GLU A 139 ? GLY A 137 GLU A 151 1 ? 15 
# 
_struct_conf_type.id          HELX_P 
_struct_conf_type.criteria    ? 
_struct_conf_type.reference   ? 
# 
loop_
_struct_conn.id 
_struct_conn.conn_type_id 
_struct_conn.pdbx_leaving_atom_flag 
_struct_conn.pdbx_PDB_id 
_struct_conn.ptnr1_label_asym_id 
_struct_conn.ptnr1_label_comp_id 
_struct_conn.ptnr1_label_seq_id 
_struct_conn.ptnr1_label_atom_id 
_struct_conn.pdbx_ptnr1_label_alt_id 
_struct_conn.pdbx_ptnr1_PDB_ins_code 
_struct_conn.pdbx_ptnr1_standard_comp_id 
_struct_conn.ptnr1_symmetry 
_struct_conn.ptnr2_label_asym_id 
_struct_conn.ptnr2_label_comp_id 
_struct_conn.ptnr2_label_seq_id 
_struct_conn.ptnr2_label_atom_id 
_struct_conn.pdbx_ptnr2_label_alt_id 
_struct_conn.pdbx_ptnr2_PDB_ins_code 
_struct_conn.ptnr1_auth_asym_id 
_struct_conn.ptnr1_auth_comp_id 
_struct_conn.ptnr1_auth_seq_id 
_struct_conn.ptnr2_auth_asym_id 
_struct_conn.ptnr2_auth_comp_id 
_struct_conn.ptnr2_auth_seq_id 
_struct_conn.ptnr2_symmetry 
_struct_conn.pdbx_ptnr3_label_atom_id 
_struct_conn.pdbx_ptnr3_label_seq_id 
_struct_conn.pdbx_ptnr3_label_comp_id 
_struct_conn.pdbx_ptnr3_label_asym_id 
_struct_conn.pdbx_ptnr3_label_alt_id 
_struct_conn.pdbx_ptnr3_PDB_ins_code 
_struct_conn.details 
_struct_conn.pdbx_dist_value 
_struct_conn.pdbx_value_order 
_struct_conn.pdbx_role 
covale1 covale both ? A GLU 46  C ? ? ? 1_555 A MSE 47  N ? ? A GLU 58  A MSE 59  1_555 ? ? ? ? ? ? ? 1.329 ? ? 
covale2 covale both ? A MSE 47  C ? ? ? 1_555 A LYS 48  N ? ? A MSE 59  A LYS 60  1_555 ? ? ? ? ? ? ? 1.317 ? ? 
covale3 covale both ? A ASN 95  C ? ? ? 1_555 A MSE 96  N ? ? A ASN 107 A MSE 108 1_555 ? ? ? ? ? ? ? 1.335 ? ? 
covale4 covale both ? A MSE 96  C ? ? ? 1_555 A GLY 97  N ? ? A MSE 108 A GLY 109 1_555 ? ? ? ? ? ? ? 1.328 ? ? 
covale5 covale both ? A GLU 139 C ? ? ? 1_555 A MSE 140 N ? ? A GLU 151 A MSE 152 1_555 ? ? ? ? ? ? ? 1.326 ? ? 
covale6 covale both ? A MSE 140 C ? ? ? 1_555 A LYS 141 N ? ? A MSE 152 A LYS 153 1_555 ? ? ? ? ? ? ? 1.329 ? ? 
# 
_struct_conn_type.id          covale 
_struct_conn_type.criteria    ? 
_struct_conn_type.reference   ? 
# 
loop_
_pdbx_modification_feature.ordinal 
_pdbx_modification_feature.label_comp_id 
_pdbx_modification_feature.label_asym_id 
_pdbx_modification_feature.label_seq_id 
_pdbx_modification_feature.label_alt_id 
_pdbx_modification_feature.modified_residue_label_comp_id 
_pdbx_modification_feature.modified_residue_label_asym_id 
_pdbx_modification_feature.modified_residue_label_seq_id 
_pdbx_modification_feature.modified_residue_label_alt_id 
_pdbx_modification_feature.auth_comp_id 
_pdbx_modification_feature.auth_asym_id 
_pdbx_modification_feature.auth_seq_id 
_pdbx_modification_feature.PDB_ins_code 
_pdbx_modification_feature.symmetry 
_pdbx_modification_feature.modified_residue_auth_comp_id 
_pdbx_modification_feature.modified_residue_auth_asym_id 
_pdbx_modification_feature.modified_residue_auth_seq_id 
_pdbx_modification_feature.modified_residue_PDB_ins_code 
_pdbx_modification_feature.modified_residue_symmetry 
_pdbx_modification_feature.comp_id_linking_atom 
_pdbx_modification_feature.modified_residue_id_linking_atom 
_pdbx_modification_feature.modified_residue_id 
_pdbx_modification_feature.ref_pcm_id 
_pdbx_modification_feature.ref_comp_id 
_pdbx_modification_feature.type 
_pdbx_modification_feature.category 
1 MSE A 47  ? . . . . MSE A 59  ? 1_555 . . . . . . . MET 1 MSE Selenomethionine 'Named protein modification' 
2 MSE A 96  ? . . . . MSE A 108 ? 1_555 . . . . . . . MET 1 MSE Selenomethionine 'Named protein modification' 
3 MSE A 140 ? . . . . MSE A 152 ? 1_555 . . . . . . . MET 1 MSE Selenomethionine 'Named protein modification' 
# 
_struct_sheet.id               A 
_struct_sheet.type             ? 
_struct_sheet.number_strands   7 
_struct_sheet.details          ? 
# 
loop_
_struct_sheet_order.sheet_id 
_struct_sheet_order.range_id_1 
_struct_sheet_order.range_id_2 
_struct_sheet_order.offset 
_struct_sheet_order.sense 
A 1 2 ? anti-parallel 
A 2 3 ? anti-parallel 
A 3 4 ? anti-parallel 
A 4 5 ? anti-parallel 
A 5 6 ? anti-parallel 
A 6 7 ? anti-parallel 
# 
loop_
_struct_sheet_range.sheet_id 
_struct_sheet_range.id 
_struct_sheet_range.beg_label_comp_id 
_struct_sheet_range.beg_label_asym_id 
_struct_sheet_range.beg_label_seq_id 
_struct_sheet_range.pdbx_beg_PDB_ins_code 
_struct_sheet_range.end_label_comp_id 
_struct_sheet_range.end_label_asym_id 
_struct_sheet_range.end_label_seq_id 
_struct_sheet_range.pdbx_end_PDB_ins_code 
_struct_sheet_range.beg_auth_comp_id 
_struct_sheet_range.beg_auth_asym_id 
_struct_sheet_range.beg_auth_seq_id 
_struct_sheet_range.end_auth_comp_id 
_struct_sheet_range.end_auth_asym_id 
_struct_sheet_range.end_auth_seq_id 
A 1 ARG A 32  ? TYR A 42  ? ARG A 44  TYR A 54  
A 2 VAL A 45  ? THR A 56  ? VAL A 57  THR A 68  
A 3 GLY A 59  ? LYS A 67  ? GLY A 71  LYS A 79  
A 4 TRP A 116 ? GLY A 122 ? TRP A 128 GLY A 134 
A 5 LYS A 106 ? ARG A 113 ? LYS A 118 ARG A 125 
A 6 MSE A 96  ? SER A 103 ? MSE A 108 SER A 115 
A 7 ARG A 88  ? ASP A 92  ? ARG A 100 ASP A 104 
# 
loop_
_pdbx_struct_sheet_hbond.sheet_id 
_pdbx_struct_sheet_hbond.range_id_1 
_pdbx_struct_sheet_hbond.range_id_2 
_pdbx_struct_sheet_hbond.range_1_label_atom_id 
_pdbx_struct_sheet_hbond.range_1_label_comp_id 
_pdbx_struct_sheet_hbond.range_1_label_asym_id 
_pdbx_struct_sheet_hbond.range_1_label_seq_id 
_pdbx_struct_sheet_hbond.range_1_PDB_ins_code 
_pdbx_struct_sheet_hbond.range_1_auth_atom_id 
_pdbx_struct_sheet_hbond.range_1_auth_comp_id 
_pdbx_struct_sheet_hbond.range_1_auth_asym_id 
_pdbx_struct_sheet_hbond.range_1_auth_seq_id 
_pdbx_struct_sheet_hbond.range_2_label_atom_id 
_pdbx_struct_sheet_hbond.range_2_label_comp_id 
_pdbx_struct_sheet_hbond.range_2_label_asym_id 
_pdbx_struct_sheet_hbond.range_2_label_seq_id 
_pdbx_struct_sheet_hbond.range_2_PDB_ins_code 
_pdbx_struct_sheet_hbond.range_2_auth_atom_id 
_pdbx_struct_sheet_hbond.range_2_auth_comp_id 
_pdbx_struct_sheet_hbond.range_2_auth_asym_id 
_pdbx_struct_sheet_hbond.range_2_auth_seq_id 
A 1 2 N ARG A 32  ? N ARG A 44  O GLU A 55  ? O GLU A 67  
A 2 3 N ALA A 52  ? N ALA A 64  O LEU A 63  ? O LEU A 75  
A 3 4 N PHE A 62  ? N PHE A 74  O GLU A 121 ? O GLU A 133 
A 4 5 O VAL A 120 ? O VAL A 132 N VAL A 109 ? N VAL A 121 
A 5 6 O LYS A 106 ? O LYS A 118 N SER A 103 ? N SER A 115 
A 6 7 O LYS A 98  ? O LYS A 110 N LEU A 91  ? N LEU A 103 
# 
loop_
_struct_site.id 
_struct_site.pdbx_evidence_code 
_struct_site.pdbx_auth_asym_id 
_struct_site.pdbx_auth_comp_id 
_struct_site.pdbx_auth_seq_id 
_struct_site.pdbx_auth_ins_code 
_struct_site.pdbx_num_residues 
_struct_site.details 
AC1 Software A AZI 1 ? 4 'BINDING SITE FOR RESIDUE AZI A 1' 
AC2 Software A AZI 2 ? 5 'BINDING SITE FOR RESIDUE AZI A 2' 
AC3 Software A GOL 3 ? 5 'BINDING SITE FOR RESIDUE GOL A 3' 
AC4 Software A GOL 4 ? 6 'BINDING SITE FOR RESIDUE GOL A 4' 
AC5 Software A GOL 5 ? 4 'BINDING SITE FOR RESIDUE GOL A 5' 
# 
loop_
_struct_site_gen.id 
_struct_site_gen.site_id 
_struct_site_gen.pdbx_num_res 
_struct_site_gen.label_comp_id 
_struct_site_gen.label_asym_id 
_struct_site_gen.label_seq_id 
_struct_site_gen.pdbx_auth_ins_code 
_struct_site_gen.auth_comp_id 
_struct_site_gen.auth_asym_id 
_struct_site_gen.auth_seq_id 
_struct_site_gen.label_atom_id 
_struct_site_gen.label_alt_id 
_struct_site_gen.symmetry 
_struct_site_gen.details 
1  AC1 4 SER A 89  ? SER A 101 . ? 1_555 ? 
2  AC1 4 LEU A 91  ? LEU A 103 . ? 1_555 ? 
3  AC1 4 LYS A 98  ? LYS A 110 . ? 1_555 ? 
4  AC1 4 SER A 100 ? SER A 112 . ? 1_555 ? 
5  AC2 5 ILE A 6   ? ILE A -6  . ? 1_555 ? 
6  AC2 5 LYS A 5   ? LYS A -7  . ? 1_555 ? 
7  AC2 5 LYS A 114 ? LYS A 126 . ? 1_555 ? 
8  AC2 5 HOH G .   ? HOH A 164 . ? 1_555 ? 
9  AC2 5 HOH G .   ? HOH A 262 . ? 1_555 ? 
10 AC3 5 HIS A 132 ? HIS A 144 . ? 1_555 ? 
11 AC3 5 ARG A 135 ? ARG A 147 . ? 1_555 ? 
12 AC3 5 HOH G .   ? HOH A 192 . ? 1_555 ? 
13 AC3 5 HOH G .   ? HOH A 193 . ? 3_655 ? 
14 AC3 5 HOH G .   ? HOH A 270 . ? 1_555 ? 
15 AC4 6 GLU A 38  ? GLU A 50  . ? 6_664 ? 
16 AC4 6 LYS A 98  ? LYS A 110 . ? 1_555 ? 
17 AC4 6 GLU A 127 ? GLU A 139 . ? 1_555 ? 
18 AC4 6 VAL A 130 ? VAL A 142 . ? 1_555 ? 
19 AC4 6 HOH G .   ? HOH A 195 . ? 1_555 ? 
20 AC4 6 HOH G .   ? HOH A 295 . ? 1_555 ? 
21 AC5 4 GLY A 43  ? GLY A 55  . ? 1_555 ? 
22 AC5 4 TYR A 64  ? TYR A 76  . ? 1_555 ? 
23 AC5 4 GLU A 121 ? GLU A 133 . ? 1_555 ? 
24 AC5 4 HOH G .   ? HOH A 213 . ? 1_555 ? 
# 
_pdbx_entry_details.entry_id                   1VR8 
_pdbx_entry_details.compound_details           ? 
_pdbx_entry_details.source_details             ? 
_pdbx_entry_details.nonpolymer_details         ? 
_pdbx_entry_details.sequence_details           ? 
_pdbx_entry_details.has_ligand_of_interest     ? 
_pdbx_entry_details.has_protein_modification   Y 
# 
loop_
_pdbx_validate_torsion.id 
_pdbx_validate_torsion.PDB_model_num 
_pdbx_validate_torsion.auth_comp_id 
_pdbx_validate_torsion.auth_asym_id 
_pdbx_validate_torsion.auth_seq_id 
_pdbx_validate_torsion.PDB_ins_code 
_pdbx_validate_torsion.label_alt_id 
_pdbx_validate_torsion.phi 
_pdbx_validate_torsion.psi 
1 1 HIS A -1  ? ? -94.04  47.19   
2 1 MSE A 59  ? ? -164.42 97.95   
3 1 LYS A 126 ? ? 48.94   -121.74 
# 
_pdbx_SG_project.id                    1 
_pdbx_SG_project.project_name          'PSI, Protein Structure Initiative' 
_pdbx_SG_project.full_name_of_center   'Joint Center for Structural Genomics' 
_pdbx_SG_project.initial_of_center     JCSG 
# 
loop_
_pdbx_struct_mod_residue.id 
_pdbx_struct_mod_residue.label_asym_id 
_pdbx_struct_mod_residue.label_comp_id 
_pdbx_struct_mod_residue.label_seq_id 
_pdbx_struct_mod_residue.auth_asym_id 
_pdbx_struct_mod_residue.auth_comp_id 
_pdbx_struct_mod_residue.auth_seq_id 
_pdbx_struct_mod_residue.PDB_ins_code 
_pdbx_struct_mod_residue.parent_comp_id 
_pdbx_struct_mod_residue.details 
1 A MSE 47  A MSE 59  ? MET SELENOMETHIONINE 
2 A MSE 96  A MSE 108 ? MET SELENOMETHIONINE 
3 A MSE 140 A MSE 152 ? MET SELENOMETHIONINE 
# 
_pdbx_refine_tls.id               1 
_pdbx_refine_tls.details          . 
_pdbx_refine_tls.method           refined 
_pdbx_refine_tls.origin_x         -0.3013 
_pdbx_refine_tls.origin_y         -0.2671 
_pdbx_refine_tls.origin_z         0.4158 
_pdbx_refine_tls.T[1][1]          -0.2078 
_pdbx_refine_tls.T[2][2]          -0.1474 
_pdbx_refine_tls.T[3][3]          -0.1795 
_pdbx_refine_tls.T[1][2]          0.0008 
_pdbx_refine_tls.T[1][3]          -0.0066 
_pdbx_refine_tls.T[2][3]          0.0219 
_pdbx_refine_tls.L[1][1]          1.6069 
_pdbx_refine_tls.L[2][2]          2.9702 
_pdbx_refine_tls.L[3][3]          1.1423 
_pdbx_refine_tls.L[1][2]          -0.6045 
_pdbx_refine_tls.L[1][3]          0.1954 
_pdbx_refine_tls.L[2][3]          -0.5901 
_pdbx_refine_tls.S[1][1]          0.0265 
_pdbx_refine_tls.S[2][2]          -0.0223 
_pdbx_refine_tls.S[3][3]          -0.0042 
_pdbx_refine_tls.S[1][2]          0.0613 
_pdbx_refine_tls.S[1][3]          0.0052 
_pdbx_refine_tls.S[2][3]          -0.0543 
_pdbx_refine_tls.S[2][1]          -0.1225 
_pdbx_refine_tls.S[3][1]          0.0405 
_pdbx_refine_tls.S[3][2]          0.0072 
_pdbx_refine_tls.pdbx_refine_id   'X-RAY DIFFRACTION' 
# 
_pdbx_refine_tls_group.id                  1 
_pdbx_refine_tls_group.refine_tls_id       1 
_pdbx_refine_tls_group.beg_label_asym_id   A 
_pdbx_refine_tls_group.beg_label_seq_id    5 
_pdbx_refine_tls_group.end_label_asym_id   A 
_pdbx_refine_tls_group.end_label_seq_id    142 
_pdbx_refine_tls_group.selection           ALL 
_pdbx_refine_tls_group.beg_auth_asym_id    A 
_pdbx_refine_tls_group.beg_auth_seq_id     -7 
_pdbx_refine_tls_group.end_auth_asym_id    A 
_pdbx_refine_tls_group.end_auth_seq_id     154 
_pdbx_refine_tls_group.pdbx_refine_id      'X-RAY DIFFRACTION' 
_pdbx_refine_tls_group.selection_details   ? 
# 
_pdbx_database_remark.id     999 
_pdbx_database_remark.text   
;SEQUENCE
THE CONSTRUCT EXPRESSED COMPRISED AN N-TERMINAL 
PURIFICATION TAG [MGSDKIHHHHHH] FOLLOWED BY 
RESIDUES 25-154 OF THE PREDICTED TM1622 GENE PRODUCT. 
IN ORDER TO REMOVE A PREDICTED TRANSMEMBRANE HELIX, 
THE FIRST 24 RESIDUES WERE NOT INCLUDED IN THE CONSTRUCT.
;
# 
loop_
_pdbx_unobs_or_zero_occ_residues.id 
_pdbx_unobs_or_zero_occ_residues.PDB_model_num 
_pdbx_unobs_or_zero_occ_residues.polymer_flag 
_pdbx_unobs_or_zero_occ_residues.occupancy_flag 
_pdbx_unobs_or_zero_occ_residues.auth_asym_id 
_pdbx_unobs_or_zero_occ_residues.auth_comp_id 
_pdbx_unobs_or_zero_occ_residues.auth_seq_id 
_pdbx_unobs_or_zero_occ_residues.PDB_ins_code 
_pdbx_unobs_or_zero_occ_residues.label_asym_id 
_pdbx_unobs_or_zero_occ_residues.label_comp_id 
_pdbx_unobs_or_zero_occ_residues.label_seq_id 
1 1 Y 1 A MSE -11 ? A MSE 1  
2 1 Y 1 A GLY -10 ? A GLY 2  
3 1 Y 1 A SER -9  ? A SER 3  
4 1 Y 1 A ASP -8  ? A ASP 4  
5 1 Y 1 A ALA 94  ? A ALA 82 
6 1 Y 1 A GLY 95  ? A GLY 83 
7 1 Y 1 A PHE 96  ? A PHE 84 
# 
loop_
_chem_comp_atom.comp_id 
_chem_comp_atom.atom_id 
_chem_comp_atom.type_symbol 
_chem_comp_atom.pdbx_aromatic_flag 
_chem_comp_atom.pdbx_stereo_config 
_chem_comp_atom.pdbx_ordinal 
ALA N    N  N N 1   
ALA CA   C  N S 2   
ALA C    C  N N 3   
ALA O    O  N N 4   
ALA CB   C  N N 5   
ALA OXT  O  N N 6   
ALA H    H  N N 7   
ALA H2   H  N N 8   
ALA HA   H  N N 9   
ALA HB1  H  N N 10  
ALA HB2  H  N N 11  
ALA HB3  H  N N 12  
ALA HXT  H  N N 13  
ARG N    N  N N 14  
ARG CA   C  N S 15  
ARG C    C  N N 16  
ARG O    O  N N 17  
ARG CB   C  N N 18  
ARG CG   C  N N 19  
ARG CD   C  N N 20  
ARG NE   N  N N 21  
ARG CZ   C  N N 22  
ARG NH1  N  N N 23  
ARG NH2  N  N N 24  
ARG OXT  O  N N 25  
ARG H    H  N N 26  
ARG H2   H  N N 27  
ARG HA   H  N N 28  
ARG HB2  H  N N 29  
ARG HB3  H  N N 30  
ARG HG2  H  N N 31  
ARG HG3  H  N N 32  
ARG HD2  H  N N 33  
ARG HD3  H  N N 34  
ARG HE   H  N N 35  
ARG HH11 H  N N 36  
ARG HH12 H  N N 37  
ARG HH21 H  N N 38  
ARG HH22 H  N N 39  
ARG HXT  H  N N 40  
ASN N    N  N N 41  
ASN CA   C  N S 42  
ASN C    C  N N 43  
ASN O    O  N N 44  
ASN CB   C  N N 45  
ASN CG   C  N N 46  
ASN OD1  O  N N 47  
ASN ND2  N  N N 48  
ASN OXT  O  N N 49  
ASN H    H  N N 50  
ASN H2   H  N N 51  
ASN HA   H  N N 52  
ASN HB2  H  N N 53  
ASN HB3  H  N N 54  
ASN HD21 H  N N 55  
ASN HD22 H  N N 56  
ASN HXT  H  N N 57  
ASP N    N  N N 58  
ASP CA   C  N S 59  
ASP C    C  N N 60  
ASP O    O  N N 61  
ASP CB   C  N N 62  
ASP CG   C  N N 63  
ASP OD1  O  N N 64  
ASP OD2  O  N N 65  
ASP OXT  O  N N 66  
ASP H    H  N N 67  
ASP H2   H  N N 68  
ASP HA   H  N N 69  
ASP HB2  H  N N 70  
ASP HB3  H  N N 71  
ASP HD2  H  N N 72  
ASP HXT  H  N N 73  
AZI N1   N  N N 74  
AZI N2   N  N N 75  
AZI N3   N  N N 76  
GLN N    N  N N 77  
GLN CA   C  N S 78  
GLN C    C  N N 79  
GLN O    O  N N 80  
GLN CB   C  N N 81  
GLN CG   C  N N 82  
GLN CD   C  N N 83  
GLN OE1  O  N N 84  
GLN NE2  N  N N 85  
GLN OXT  O  N N 86  
GLN H    H  N N 87  
GLN H2   H  N N 88  
GLN HA   H  N N 89  
GLN HB2  H  N N 90  
GLN HB3  H  N N 91  
GLN HG2  H  N N 92  
GLN HG3  H  N N 93  
GLN HE21 H  N N 94  
GLN HE22 H  N N 95  
GLN HXT  H  N N 96  
GLU N    N  N N 97  
GLU CA   C  N S 98  
GLU C    C  N N 99  
GLU O    O  N N 100 
GLU CB   C  N N 101 
GLU CG   C  N N 102 
GLU CD   C  N N 103 
GLU OE1  O  N N 104 
GLU OE2  O  N N 105 
GLU OXT  O  N N 106 
GLU H    H  N N 107 
GLU H2   H  N N 108 
GLU HA   H  N N 109 
GLU HB2  H  N N 110 
GLU HB3  H  N N 111 
GLU HG2  H  N N 112 
GLU HG3  H  N N 113 
GLU HE2  H  N N 114 
GLU HXT  H  N N 115 
GLY N    N  N N 116 
GLY CA   C  N N 117 
GLY C    C  N N 118 
GLY O    O  N N 119 
GLY OXT  O  N N 120 
GLY H    H  N N 121 
GLY H2   H  N N 122 
GLY HA2  H  N N 123 
GLY HA3  H  N N 124 
GLY HXT  H  N N 125 
GOL C1   C  N N 126 
GOL O1   O  N N 127 
GOL C2   C  N N 128 
GOL O2   O  N N 129 
GOL C3   C  N N 130 
GOL O3   O  N N 131 
GOL H11  H  N N 132 
GOL H12  H  N N 133 
GOL HO1  H  N N 134 
GOL H2   H  N N 135 
GOL HO2  H  N N 136 
GOL H31  H  N N 137 
GOL H32  H  N N 138 
GOL HO3  H  N N 139 
HIS N    N  N N 140 
HIS CA   C  N S 141 
HIS C    C  N N 142 
HIS O    O  N N 143 
HIS CB   C  N N 144 
HIS CG   C  Y N 145 
HIS ND1  N  Y N 146 
HIS CD2  C  Y N 147 
HIS CE1  C  Y N 148 
HIS NE2  N  Y N 149 
HIS OXT  O  N N 150 
HIS H    H  N N 151 
HIS H2   H  N N 152 
HIS HA   H  N N 153 
HIS HB2  H  N N 154 
HIS HB3  H  N N 155 
HIS HD1  H  N N 156 
HIS HD2  H  N N 157 
HIS HE1  H  N N 158 
HIS HE2  H  N N 159 
HIS HXT  H  N N 160 
HOH O    O  N N 161 
HOH H1   H  N N 162 
HOH H2   H  N N 163 
ILE N    N  N N 164 
ILE CA   C  N S 165 
ILE C    C  N N 166 
ILE O    O  N N 167 
ILE CB   C  N S 168 
ILE CG1  C  N N 169 
ILE CG2  C  N N 170 
ILE CD1  C  N N 171 
ILE OXT  O  N N 172 
ILE H    H  N N 173 
ILE H2   H  N N 174 
ILE HA   H  N N 175 
ILE HB   H  N N 176 
ILE HG12 H  N N 177 
ILE HG13 H  N N 178 
ILE HG21 H  N N 179 
ILE HG22 H  N N 180 
ILE HG23 H  N N 181 
ILE HD11 H  N N 182 
ILE HD12 H  N N 183 
ILE HD13 H  N N 184 
ILE HXT  H  N N 185 
LEU N    N  N N 186 
LEU CA   C  N S 187 
LEU C    C  N N 188 
LEU O    O  N N 189 
LEU CB   C  N N 190 
LEU CG   C  N N 191 
LEU CD1  C  N N 192 
LEU CD2  C  N N 193 
LEU OXT  O  N N 194 
LEU H    H  N N 195 
LEU H2   H  N N 196 
LEU HA   H  N N 197 
LEU HB2  H  N N 198 
LEU HB3  H  N N 199 
LEU HG   H  N N 200 
LEU HD11 H  N N 201 
LEU HD12 H  N N 202 
LEU HD13 H  N N 203 
LEU HD21 H  N N 204 
LEU HD22 H  N N 205 
LEU HD23 H  N N 206 
LEU HXT  H  N N 207 
LYS N    N  N N 208 
LYS CA   C  N S 209 
LYS C    C  N N 210 
LYS O    O  N N 211 
LYS CB   C  N N 212 
LYS CG   C  N N 213 
LYS CD   C  N N 214 
LYS CE   C  N N 215 
LYS NZ   N  N N 216 
LYS OXT  O  N N 217 
LYS H    H  N N 218 
LYS H2   H  N N 219 
LYS HA   H  N N 220 
LYS HB2  H  N N 221 
LYS HB3  H  N N 222 
LYS HG2  H  N N 223 
LYS HG3  H  N N 224 
LYS HD2  H  N N 225 
LYS HD3  H  N N 226 
LYS HE2  H  N N 227 
LYS HE3  H  N N 228 
LYS HZ1  H  N N 229 
LYS HZ2  H  N N 230 
LYS HZ3  H  N N 231 
LYS HXT  H  N N 232 
MET N    N  N N 233 
MET CA   C  N S 234 
MET C    C  N N 235 
MET O    O  N N 236 
MET CB   C  N N 237 
MET CG   C  N N 238 
MET SD   S  N N 239 
MET CE   C  N N 240 
MET OXT  O  N N 241 
MET H    H  N N 242 
MET H2   H  N N 243 
MET HA   H  N N 244 
MET HB2  H  N N 245 
MET HB3  H  N N 246 
MET HG2  H  N N 247 
MET HG3  H  N N 248 
MET HE1  H  N N 249 
MET HE2  H  N N 250 
MET HE3  H  N N 251 
MET HXT  H  N N 252 
MSE N    N  N N 253 
MSE CA   C  N S 254 
MSE C    C  N N 255 
MSE O    O  N N 256 
MSE OXT  O  N N 257 
MSE CB   C  N N 258 
MSE CG   C  N N 259 
MSE SE   SE N N 260 
MSE CE   C  N N 261 
MSE H    H  N N 262 
MSE H2   H  N N 263 
MSE HA   H  N N 264 
MSE HXT  H  N N 265 
MSE HB2  H  N N 266 
MSE HB3  H  N N 267 
MSE HG2  H  N N 268 
MSE HG3  H  N N 269 
MSE HE1  H  N N 270 
MSE HE2  H  N N 271 
MSE HE3  H  N N 272 
PHE N    N  N N 273 
PHE CA   C  N S 274 
PHE C    C  N N 275 
PHE O    O  N N 276 
PHE CB   C  N N 277 
PHE CG   C  Y N 278 
PHE CD1  C  Y N 279 
PHE CD2  C  Y N 280 
PHE CE1  C  Y N 281 
PHE CE2  C  Y N 282 
PHE CZ   C  Y N 283 
PHE OXT  O  N N 284 
PHE H    H  N N 285 
PHE H2   H  N N 286 
PHE HA   H  N N 287 
PHE HB2  H  N N 288 
PHE HB3  H  N N 289 
PHE HD1  H  N N 290 
PHE HD2  H  N N 291 
PHE HE1  H  N N 292 
PHE HE2  H  N N 293 
PHE HZ   H  N N 294 
PHE HXT  H  N N 295 
PRO N    N  N N 296 
PRO CA   C  N S 297 
PRO C    C  N N 298 
PRO O    O  N N 299 
PRO CB   C  N N 300 
PRO CG   C  N N 301 
PRO CD   C  N N 302 
PRO OXT  O  N N 303 
PRO H    H  N N 304 
PRO HA   H  N N 305 
PRO HB2  H  N N 306 
PRO HB3  H  N N 307 
PRO HG2  H  N N 308 
PRO HG3  H  N N 309 
PRO HD2  H  N N 310 
PRO HD3  H  N N 311 
PRO HXT  H  N N 312 
SER N    N  N N 313 
SER CA   C  N S 314 
SER C    C  N N 315 
SER O    O  N N 316 
SER CB   C  N N 317 
SER OG   O  N N 318 
SER OXT  O  N N 319 
SER H    H  N N 320 
SER H2   H  N N 321 
SER HA   H  N N 322 
SER HB2  H  N N 323 
SER HB3  H  N N 324 
SER HG   H  N N 325 
SER HXT  H  N N 326 
THR N    N  N N 327 
THR CA   C  N S 328 
THR C    C  N N 329 
THR O    O  N N 330 
THR CB   C  N R 331 
THR OG1  O  N N 332 
THR CG2  C  N N 333 
THR OXT  O  N N 334 
THR H    H  N N 335 
THR H2   H  N N 336 
THR HA   H  N N 337 
THR HB   H  N N 338 
THR HG1  H  N N 339 
THR HG21 H  N N 340 
THR HG22 H  N N 341 
THR HG23 H  N N 342 
THR HXT  H  N N 343 
TRP N    N  N N 344 
TRP CA   C  N S 345 
TRP C    C  N N 346 
TRP O    O  N N 347 
TRP CB   C  N N 348 
TRP CG   C  Y N 349 
TRP CD1  C  Y N 350 
TRP CD2  C  Y N 351 
TRP NE1  N  Y N 352 
TRP CE2  C  Y N 353 
TRP CE3  C  Y N 354 
TRP CZ2  C  Y N 355 
TRP CZ3  C  Y N 356 
TRP CH2  C  Y N 357 
TRP OXT  O  N N 358 
TRP H    H  N N 359 
TRP H2   H  N N 360 
TRP HA   H  N N 361 
TRP HB2  H  N N 362 
TRP HB3  H  N N 363 
TRP HD1  H  N N 364 
TRP HE1  H  N N 365 
TRP HE3  H  N N 366 
TRP HZ2  H  N N 367 
TRP HZ3  H  N N 368 
TRP HH2  H  N N 369 
TRP HXT  H  N N 370 
TYR N    N  N N 371 
TYR CA   C  N S 372 
TYR C    C  N N 373 
TYR O    O  N N 374 
TYR CB   C  N N 375 
TYR CG   C  Y N 376 
TYR CD1  C  Y N 377 
TYR CD2  C  Y N 378 
TYR CE1  C  Y N 379 
TYR CE2  C  Y N 380 
TYR CZ   C  Y N 381 
TYR OH   O  N N 382 
TYR OXT  O  N N 383 
TYR H    H  N N 384 
TYR H2   H  N N 385 
TYR HA   H  N N 386 
TYR HB2  H  N N 387 
TYR HB3  H  N N 388 
TYR HD1  H  N N 389 
TYR HD2  H  N N 390 
TYR HE1  H  N N 391 
TYR HE2  H  N N 392 
TYR HH   H  N N 393 
TYR HXT  H  N N 394 
VAL N    N  N N 395 
VAL CA   C  N S 396 
VAL C    C  N N 397 
VAL O    O  N N 398 
VAL CB   C  N N 399 
VAL CG1  C  N N 400 
VAL CG2  C  N N 401 
VAL OXT  O  N N 402 
VAL H    H  N N 403 
VAL H2   H  N N 404 
VAL HA   H  N N 405 
VAL HB   H  N N 406 
VAL HG11 H  N N 407 
VAL HG12 H  N N 408 
VAL HG13 H  N N 409 
VAL HG21 H  N N 410 
VAL HG22 H  N N 411 
VAL HG23 H  N N 412 
VAL HXT  H  N N 413 
# 
loop_
_chem_comp_bond.comp_id 
_chem_comp_bond.atom_id_1 
_chem_comp_bond.atom_id_2 
_chem_comp_bond.value_order 
_chem_comp_bond.pdbx_aromatic_flag 
_chem_comp_bond.pdbx_stereo_config 
_chem_comp_bond.pdbx_ordinal 
ALA N   CA   sing N N 1   
ALA N   H    sing N N 2   
ALA N   H2   sing N N 3   
ALA CA  C    sing N N 4   
ALA CA  CB   sing N N 5   
ALA CA  HA   sing N N 6   
ALA C   O    doub N N 7   
ALA C   OXT  sing N N 8   
ALA CB  HB1  sing N N 9   
ALA CB  HB2  sing N N 10  
ALA CB  HB3  sing N N 11  
ALA OXT HXT  sing N N 12  
ARG N   CA   sing N N 13  
ARG N   H    sing N N 14  
ARG N   H2   sing N N 15  
ARG CA  C    sing N N 16  
ARG CA  CB   sing N N 17  
ARG CA  HA   sing N N 18  
ARG C   O    doub N N 19  
ARG C   OXT  sing N N 20  
ARG CB  CG   sing N N 21  
ARG CB  HB2  sing N N 22  
ARG CB  HB3  sing N N 23  
ARG CG  CD   sing N N 24  
ARG CG  HG2  sing N N 25  
ARG CG  HG3  sing N N 26  
ARG CD  NE   sing N N 27  
ARG CD  HD2  sing N N 28  
ARG CD  HD3  sing N N 29  
ARG NE  CZ   sing N N 30  
ARG NE  HE   sing N N 31  
ARG CZ  NH1  sing N N 32  
ARG CZ  NH2  doub N N 33  
ARG NH1 HH11 sing N N 34  
ARG NH1 HH12 sing N N 35  
ARG NH2 HH21 sing N N 36  
ARG NH2 HH22 sing N N 37  
ARG OXT HXT  sing N N 38  
ASN N   CA   sing N N 39  
ASN N   H    sing N N 40  
ASN N   H2   sing N N 41  
ASN CA  C    sing N N 42  
ASN CA  CB   sing N N 43  
ASN CA  HA   sing N N 44  
ASN C   O    doub N N 45  
ASN C   OXT  sing N N 46  
ASN CB  CG   sing N N 47  
ASN CB  HB2  sing N N 48  
ASN CB  HB3  sing N N 49  
ASN CG  OD1  doub N N 50  
ASN CG  ND2  sing N N 51  
ASN ND2 HD21 sing N N 52  
ASN ND2 HD22 sing N N 53  
ASN OXT HXT  sing N N 54  
ASP N   CA   sing N N 55  
ASP N   H    sing N N 56  
ASP N   H2   sing N N 57  
ASP CA  C    sing N N 58  
ASP CA  CB   sing N N 59  
ASP CA  HA   sing N N 60  
ASP C   O    doub N N 61  
ASP C   OXT  sing N N 62  
ASP CB  CG   sing N N 63  
ASP CB  HB2  sing N N 64  
ASP CB  HB3  sing N N 65  
ASP CG  OD1  doub N N 66  
ASP CG  OD2  sing N N 67  
ASP OD2 HD2  sing N N 68  
ASP OXT HXT  sing N N 69  
AZI N1  N2   doub N N 70  
AZI N2  N3   doub N N 71  
GLN N   CA   sing N N 72  
GLN N   H    sing N N 73  
GLN N   H2   sing N N 74  
GLN CA  C    sing N N 75  
GLN CA  CB   sing N N 76  
GLN CA  HA   sing N N 77  
GLN C   O    doub N N 78  
GLN C   OXT  sing N N 79  
GLN CB  CG   sing N N 80  
GLN CB  HB2  sing N N 81  
GLN CB  HB3  sing N N 82  
GLN CG  CD   sing N N 83  
GLN CG  HG2  sing N N 84  
GLN CG  HG3  sing N N 85  
GLN CD  OE1  doub N N 86  
GLN CD  NE2  sing N N 87  
GLN NE2 HE21 sing N N 88  
GLN NE2 HE22 sing N N 89  
GLN OXT HXT  sing N N 90  
GLU N   CA   sing N N 91  
GLU N   H    sing N N 92  
GLU N   H2   sing N N 93  
GLU CA  C    sing N N 94  
GLU CA  CB   sing N N 95  
GLU CA  HA   sing N N 96  
GLU C   O    doub N N 97  
GLU C   OXT  sing N N 98  
GLU CB  CG   sing N N 99  
GLU CB  HB2  sing N N 100 
GLU CB  HB3  sing N N 101 
GLU CG  CD   sing N N 102 
GLU CG  HG2  sing N N 103 
GLU CG  HG3  sing N N 104 
GLU CD  OE1  doub N N 105 
GLU CD  OE2  sing N N 106 
GLU OE2 HE2  sing N N 107 
GLU OXT HXT  sing N N 108 
GLY N   CA   sing N N 109 
GLY N   H    sing N N 110 
GLY N   H2   sing N N 111 
GLY CA  C    sing N N 112 
GLY CA  HA2  sing N N 113 
GLY CA  HA3  sing N N 114 
GLY C   O    doub N N 115 
GLY C   OXT  sing N N 116 
GLY OXT HXT  sing N N 117 
GOL C1  O1   sing N N 118 
GOL C1  C2   sing N N 119 
GOL C1  H11  sing N N 120 
GOL C1  H12  sing N N 121 
GOL O1  HO1  sing N N 122 
GOL C2  O2   sing N N 123 
GOL C2  C3   sing N N 124 
GOL C2  H2   sing N N 125 
GOL O2  HO2  sing N N 126 
GOL C3  O3   sing N N 127 
GOL C3  H31  sing N N 128 
GOL C3  H32  sing N N 129 
GOL O3  HO3  sing N N 130 
HIS N   CA   sing N N 131 
HIS N   H    sing N N 132 
HIS N   H2   sing N N 133 
HIS CA  C    sing N N 134 
HIS CA  CB   sing N N 135 
HIS CA  HA   sing N N 136 
HIS C   O    doub N N 137 
HIS C   OXT  sing N N 138 
HIS CB  CG   sing N N 139 
HIS CB  HB2  sing N N 140 
HIS CB  HB3  sing N N 141 
HIS CG  ND1  sing Y N 142 
HIS CG  CD2  doub Y N 143 
HIS ND1 CE1  doub Y N 144 
HIS ND1 HD1  sing N N 145 
HIS CD2 NE2  sing Y N 146 
HIS CD2 HD2  sing N N 147 
HIS CE1 NE2  sing Y N 148 
HIS CE1 HE1  sing N N 149 
HIS NE2 HE2  sing N N 150 
HIS OXT HXT  sing N N 151 
HOH O   H1   sing N N 152 
HOH O   H2   sing N N 153 
ILE N   CA   sing N N 154 
ILE N   H    sing N N 155 
ILE N   H2   sing N N 156 
ILE CA  C    sing N N 157 
ILE CA  CB   sing N N 158 
ILE CA  HA   sing N N 159 
ILE C   O    doub N N 160 
ILE C   OXT  sing N N 161 
ILE CB  CG1  sing N N 162 
ILE CB  CG2  sing N N 163 
ILE CB  HB   sing N N 164 
ILE CG1 CD1  sing N N 165 
ILE CG1 HG12 sing N N 166 
ILE CG1 HG13 sing N N 167 
ILE CG2 HG21 sing N N 168 
ILE CG2 HG22 sing N N 169 
ILE CG2 HG23 sing N N 170 
ILE CD1 HD11 sing N N 171 
ILE CD1 HD12 sing N N 172 
ILE CD1 HD13 sing N N 173 
ILE OXT HXT  sing N N 174 
LEU N   CA   sing N N 175 
LEU N   H    sing N N 176 
LEU N   H2   sing N N 177 
LEU CA  C    sing N N 178 
LEU CA  CB   sing N N 179 
LEU CA  HA   sing N N 180 
LEU C   O    doub N N 181 
LEU C   OXT  sing N N 182 
LEU CB  CG   sing N N 183 
LEU CB  HB2  sing N N 184 
LEU CB  HB3  sing N N 185 
LEU CG  CD1  sing N N 186 
LEU CG  CD2  sing N N 187 
LEU CG  HG   sing N N 188 
LEU CD1 HD11 sing N N 189 
LEU CD1 HD12 sing N N 190 
LEU CD1 HD13 sing N N 191 
LEU CD2 HD21 sing N N 192 
LEU CD2 HD22 sing N N 193 
LEU CD2 HD23 sing N N 194 
LEU OXT HXT  sing N N 195 
LYS N   CA   sing N N 196 
LYS N   H    sing N N 197 
LYS N   H2   sing N N 198 
LYS CA  C    sing N N 199 
LYS CA  CB   sing N N 200 
LYS CA  HA   sing N N 201 
LYS C   O    doub N N 202 
LYS C   OXT  sing N N 203 
LYS CB  CG   sing N N 204 
LYS CB  HB2  sing N N 205 
LYS CB  HB3  sing N N 206 
LYS CG  CD   sing N N 207 
LYS CG  HG2  sing N N 208 
LYS CG  HG3  sing N N 209 
LYS CD  CE   sing N N 210 
LYS CD  HD2  sing N N 211 
LYS CD  HD3  sing N N 212 
LYS CE  NZ   sing N N 213 
LYS CE  HE2  sing N N 214 
LYS CE  HE3  sing N N 215 
LYS NZ  HZ1  sing N N 216 
LYS NZ  HZ2  sing N N 217 
LYS NZ  HZ3  sing N N 218 
LYS OXT HXT  sing N N 219 
MET N   CA   sing N N 220 
MET N   H    sing N N 221 
MET N   H2   sing N N 222 
MET CA  C    sing N N 223 
MET CA  CB   sing N N 224 
MET CA  HA   sing N N 225 
MET C   O    doub N N 226 
MET C   OXT  sing N N 227 
MET CB  CG   sing N N 228 
MET CB  HB2  sing N N 229 
MET CB  HB3  sing N N 230 
MET CG  SD   sing N N 231 
MET CG  HG2  sing N N 232 
MET CG  HG3  sing N N 233 
MET SD  CE   sing N N 234 
MET CE  HE1  sing N N 235 
MET CE  HE2  sing N N 236 
MET CE  HE3  sing N N 237 
MET OXT HXT  sing N N 238 
MSE N   CA   sing N N 239 
MSE N   H    sing N N 240 
MSE N   H2   sing N N 241 
MSE CA  C    sing N N 242 
MSE CA  CB   sing N N 243 
MSE CA  HA   sing N N 244 
MSE C   O    doub N N 245 
MSE C   OXT  sing N N 246 
MSE OXT HXT  sing N N 247 
MSE CB  CG   sing N N 248 
MSE CB  HB2  sing N N 249 
MSE CB  HB3  sing N N 250 
MSE CG  SE   sing N N 251 
MSE CG  HG2  sing N N 252 
MSE CG  HG3  sing N N 253 
MSE SE  CE   sing N N 254 
MSE CE  HE1  sing N N 255 
MSE CE  HE2  sing N N 256 
MSE CE  HE3  sing N N 257 
PHE N   CA   sing N N 258 
PHE N   H    sing N N 259 
PHE N   H2   sing N N 260 
PHE CA  C    sing N N 261 
PHE CA  CB   sing N N 262 
PHE CA  HA   sing N N 263 
PHE C   O    doub N N 264 
PHE C   OXT  sing N N 265 
PHE CB  CG   sing N N 266 
PHE CB  HB2  sing N N 267 
PHE CB  HB3  sing N N 268 
PHE CG  CD1  doub Y N 269 
PHE CG  CD2  sing Y N 270 
PHE CD1 CE1  sing Y N 271 
PHE CD1 HD1  sing N N 272 
PHE CD2 CE2  doub Y N 273 
PHE CD2 HD2  sing N N 274 
PHE CE1 CZ   doub Y N 275 
PHE CE1 HE1  sing N N 276 
PHE CE2 CZ   sing Y N 277 
PHE CE2 HE2  sing N N 278 
PHE CZ  HZ   sing N N 279 
PHE OXT HXT  sing N N 280 
PRO N   CA   sing N N 281 
PRO N   CD   sing N N 282 
PRO N   H    sing N N 283 
PRO CA  C    sing N N 284 
PRO CA  CB   sing N N 285 
PRO CA  HA   sing N N 286 
PRO C   O    doub N N 287 
PRO C   OXT  sing N N 288 
PRO CB  CG   sing N N 289 
PRO CB  HB2  sing N N 290 
PRO CB  HB3  sing N N 291 
PRO CG  CD   sing N N 292 
PRO CG  HG2  sing N N 293 
PRO CG  HG3  sing N N 294 
PRO CD  HD2  sing N N 295 
PRO CD  HD3  sing N N 296 
PRO OXT HXT  sing N N 297 
SER N   CA   sing N N 298 
SER N   H    sing N N 299 
SER N   H2   sing N N 300 
SER CA  C    sing N N 301 
SER CA  CB   sing N N 302 
SER CA  HA   sing N N 303 
SER C   O    doub N N 304 
SER C   OXT  sing N N 305 
SER CB  OG   sing N N 306 
SER CB  HB2  sing N N 307 
SER CB  HB3  sing N N 308 
SER OG  HG   sing N N 309 
SER OXT HXT  sing N N 310 
THR N   CA   sing N N 311 
THR N   H    sing N N 312 
THR N   H2   sing N N 313 
THR CA  C    sing N N 314 
THR CA  CB   sing N N 315 
THR CA  HA   sing N N 316 
THR C   O    doub N N 317 
THR C   OXT  sing N N 318 
THR CB  OG1  sing N N 319 
THR CB  CG2  sing N N 320 
THR CB  HB   sing N N 321 
THR OG1 HG1  sing N N 322 
THR CG2 HG21 sing N N 323 
THR CG2 HG22 sing N N 324 
THR CG2 HG23 sing N N 325 
THR OXT HXT  sing N N 326 
TRP N   CA   sing N N 327 
TRP N   H    sing N N 328 
TRP N   H2   sing N N 329 
TRP CA  C    sing N N 330 
TRP CA  CB   sing N N 331 
TRP CA  HA   sing N N 332 
TRP C   O    doub N N 333 
TRP C   OXT  sing N N 334 
TRP CB  CG   sing N N 335 
TRP CB  HB2  sing N N 336 
TRP CB  HB3  sing N N 337 
TRP CG  CD1  doub Y N 338 
TRP CG  CD2  sing Y N 339 
TRP CD1 NE1  sing Y N 340 
TRP CD1 HD1  sing N N 341 
TRP CD2 CE2  doub Y N 342 
TRP CD2 CE3  sing Y N 343 
TRP NE1 CE2  sing Y N 344 
TRP NE1 HE1  sing N N 345 
TRP CE2 CZ2  sing Y N 346 
TRP CE3 CZ3  doub Y N 347 
TRP CE3 HE3  sing N N 348 
TRP CZ2 CH2  doub Y N 349 
TRP CZ2 HZ2  sing N N 350 
TRP CZ3 CH2  sing Y N 351 
TRP CZ3 HZ3  sing N N 352 
TRP CH2 HH2  sing N N 353 
TRP OXT HXT  sing N N 354 
TYR N   CA   sing N N 355 
TYR N   H    sing N N 356 
TYR N   H2   sing N N 357 
TYR CA  C    sing N N 358 
TYR CA  CB   sing N N 359 
TYR CA  HA   sing N N 360 
TYR C   O    doub N N 361 
TYR C   OXT  sing N N 362 
TYR CB  CG   sing N N 363 
TYR CB  HB2  sing N N 364 
TYR CB  HB3  sing N N 365 
TYR CG  CD1  doub Y N 366 
TYR CG  CD2  sing Y N 367 
TYR CD1 CE1  sing Y N 368 
TYR CD1 HD1  sing N N 369 
TYR CD2 CE2  doub Y N 370 
TYR CD2 HD2  sing N N 371 
TYR CE1 CZ   doub Y N 372 
TYR CE1 HE1  sing N N 373 
TYR CE2 CZ   sing Y N 374 
TYR CE2 HE2  sing N N 375 
TYR CZ  OH   sing N N 376 
TYR OH  HH   sing N N 377 
TYR OXT HXT  sing N N 378 
VAL N   CA   sing N N 379 
VAL N   H    sing N N 380 
VAL N   H2   sing N N 381 
VAL CA  C    sing N N 382 
VAL CA  CB   sing N N 383 
VAL CA  HA   sing N N 384 
VAL C   O    doub N N 385 
VAL C   OXT  sing N N 386 
VAL CB  CG1  sing N N 387 
VAL CB  CG2  sing N N 388 
VAL CB  HB   sing N N 389 
VAL CG1 HG11 sing N N 390 
VAL CG1 HG12 sing N N 391 
VAL CG1 HG13 sing N N 392 
VAL CG2 HG21 sing N N 393 
VAL CG2 HG22 sing N N 394 
VAL CG2 HG23 sing N N 395 
VAL OXT HXT  sing N N 396 
# 
_atom_sites.entry_id                    1VR8 
_atom_sites.fract_transf_matrix[1][1]   -0.00370886 
_atom_sites.fract_transf_matrix[1][2]   -0.01656656 
_atom_sites.fract_transf_matrix[1][3]   -0.01057663 
_atom_sites.fract_transf_matrix[2][1]   0.00751642 
_atom_sites.fract_transf_matrix[2][2]   -0.01755552 
_atom_sites.fract_transf_matrix[2][3]   0.00594870 
_atom_sites.fract_transf_matrix[3][1]   -0.00932811 
_atom_sites.fract_transf_matrix[3][2]   -0.00188498 
_atom_sites.fract_transf_matrix[3][3]   0.00622357 
_atom_sites.fract_transf_vector[1]      0.513392 
_atom_sites.fract_transf_vector[2]      -0.253405 
_atom_sites.fract_transf_vector[3]      -0.191172 
# 
loop_
_atom_type.symbol 
C  
N  
O  
SE 
# 
loop_
_atom_site.group_PDB 
_atom_site.id 
_atom_site.type_symbol 
_atom_site.label_atom_id 
_atom_site.label_alt_id 
_atom_site.label_comp_id 
_atom_site.label_asym_id 
_atom_site.label_entity_id 
_atom_site.label_seq_id 
_atom_site.pdbx_PDB_ins_code 
_atom_site.Cartn_x 
_atom_site.Cartn_y 
_atom_site.Cartn_z 
_atom_site.occupancy 
_atom_site.B_iso_or_equiv 
_atom_site.pdbx_formal_charge 
_atom_site.auth_seq_id 
_atom_site.auth_comp_id 
_atom_site.auth_asym_id 
_atom_site.auth_atom_id 
_atom_site.pdbx_PDB_model_num 
ATOM   1    N  N   . LYS A 1 5   ? -8.088  -17.078 13.719  1.00 38.81 ? -7  LYS A N   1 
ATOM   2    C  CA  . LYS A 1 5   ? -7.097  -16.114 13.142  1.00 35.86 ? -7  LYS A CA  1 
ATOM   3    C  C   . LYS A 1 5   ? -5.781  -16.085 13.910  1.00 33.24 ? -7  LYS A C   1 
ATOM   4    O  O   . LYS A 1 5   ? -5.786  -15.921 15.127  1.00 32.25 ? -7  LYS A O   1 
ATOM   5    C  CB  . LYS A 1 5   ? -7.675  -14.700 13.158  1.00 37.94 ? -7  LYS A CB  1 
ATOM   6    C  CG  . LYS A 1 5   ? -8.580  -14.392 11.977  1.00 41.64 ? -7  LYS A CG  1 
ATOM   7    C  CD  . LYS A 1 5   ? -8.802  -12.889 11.798  1.00 41.93 ? -7  LYS A CD  1 
ATOM   8    C  CE  . LYS A 1 5   ? -10.190 -12.479 12.153  1.00 46.07 ? -7  LYS A CE  1 
ATOM   9    N  NZ  . LYS A 1 5   ? -11.119 -12.835 11.054  1.00 47.61 ? -7  LYS A NZ  1 
ATOM   10   N  N   . ILE A 1 6   ? -4.647  -16.193 13.214  1.00 28.20 ? -6  ILE A N   1 
ATOM   11   C  CA  . ILE A 1 6   ? -3.363  -16.072 13.906  1.00 27.81 ? -6  ILE A CA  1 
ATOM   12   C  C   . ILE A 1 6   ? -3.137  -14.652 14.419  1.00 23.69 ? -6  ILE A C   1 
ATOM   13   O  O   . ILE A 1 6   ? -2.506  -14.466 15.465  1.00 27.98 ? -6  ILE A O   1 
ATOM   14   C  CB  . ILE A 1 6   ? -2.129  -16.542 13.075  1.00 28.85 ? -6  ILE A CB  1 
ATOM   15   C  CG1 . ILE A 1 6   ? -2.056  -15.819 11.722  1.00 30.84 ? -6  ILE A CG1 1 
ATOM   16   C  CG2 . ILE A 1 6   ? -2.114  -18.069 12.990  1.00 32.21 ? -6  ILE A CG2 1 
ATOM   17   C  CD1 . ILE A 1 6   ? -0.746  -16.037 10.963  1.00 31.82 ? -6  ILE A CD1 1 
ATOM   18   N  N   . HIS A 1 7   ? -3.663  -13.662 13.710  1.00 20.23 ? -5  HIS A N   1 
ATOM   19   C  CA  . HIS A 1 7   ? -3.546  -12.277 14.123  1.00 22.08 ? -5  HIS A CA  1 
ATOM   20   C  C   . HIS A 1 7   ? -4.896  -11.586 14.139  1.00 23.86 ? -5  HIS A C   1 
ATOM   21   O  O   . HIS A 1 7   ? -5.546  -11.484 13.105  1.00 22.63 ? -5  HIS A O   1 
ATOM   22   C  CB  . HIS A 1 7   ? -2.592  -11.502 13.194  1.00 24.23 ? -5  HIS A CB  1 
ATOM   23   C  CG  . HIS A 1 7   ? -1.147  -11.689 13.543  1.00 23.17 ? -5  HIS A CG  1 
ATOM   24   N  ND1 . HIS A 1 7   ? -0.625  -11.303 14.761  1.00 25.94 ? -5  HIS A ND1 1 
ATOM   25   C  CD2 . HIS A 1 7   ? -0.130  -12.276 12.859  1.00 26.22 ? -5  HIS A CD2 1 
ATOM   26   C  CE1 . HIS A 1 7   ? 0.663   -11.612 14.799  1.00 26.79 ? -5  HIS A CE1 1 
ATOM   27   N  NE2 . HIS A 1 7   ? 0.989   -12.202 13.658  1.00 24.54 ? -5  HIS A NE2 1 
ATOM   28   N  N   . HIS A 1 8   ? -5.260  -11.046 15.298  1.00 22.02 ? -4  HIS A N   1 
ATOM   29   C  CA  . HIS A 1 8   ? -6.417  -10.163 15.404  1.00 23.84 ? -4  HIS A CA  1 
ATOM   30   C  C   . HIS A 1 8   ? -6.092  -8.718  15.047  1.00 22.51 ? -4  HIS A C   1 
ATOM   31   O  O   . HIS A 1 8   ? -6.985  -7.898  14.906  1.00 22.78 ? -4  HIS A O   1 
ATOM   32   C  CB  . HIS A 1 8   ? -7.013  -10.278 16.795  1.00 27.40 ? -4  HIS A CB  1 
ATOM   33   C  CG  . HIS A 1 8   ? -7.561  -11.636 17.068  1.00 34.19 ? -4  HIS A CG  1 
ATOM   34   N  ND1 . HIS A 1 8   ? -8.653  -12.140 16.390  1.00 41.95 ? -4  HIS A ND1 1 
ATOM   35   C  CD2 . HIS A 1 8   ? -7.151  -12.615 17.907  1.00 40.63 ? -4  HIS A CD2 1 
ATOM   36   C  CE1 . HIS A 1 8   ? -8.902  -13.369 16.815  1.00 41.00 ? -4  HIS A CE1 1 
ATOM   37   N  NE2 . HIS A 1 8   ? -8.008  -13.679 17.737  1.00 40.10 ? -4  HIS A NE2 1 
ATOM   38   N  N   . HIS A 1 9   ? -4.811  -8.422  14.824  1.00 21.25 ? -3  HIS A N   1 
ATOM   39   C  CA  . HIS A 1 9   ? -4.368  -7.115  14.409  1.00 21.76 ? -3  HIS A CA  1 
ATOM   40   C  C   . HIS A 1 9   ? -3.271  -7.295  13.377  1.00 21.06 ? -3  HIS A C   1 
ATOM   41   O  O   . HIS A 1 9   ? -2.401  -8.157  13.547  1.00 21.77 ? -3  HIS A O   1 
ATOM   42   C  CB  . HIS A 1 9   ? -3.820  -6.349  15.592  1.00 22.80 ? -3  HIS A CB  1 
ATOM   43   C  CG  . HIS A 1 9   ? -4.823  -6.162  16.674  1.00 22.64 ? -3  HIS A CG  1 
ATOM   44   N  ND1 . HIS A 1 9   ? -5.853  -5.251  16.572  1.00 24.34 ? -3  HIS A ND1 1 
ATOM   45   C  CD2 . HIS A 1 9   ? -5.015  -6.835  17.831  1.00 25.33 ? -3  HIS A CD2 1 
ATOM   46   C  CE1 . HIS A 1 9   ? -6.610  -5.339  17.659  1.00 23.53 ? -3  HIS A CE1 1 
ATOM   47   N  NE2 . HIS A 1 9   ? -6.125  -6.297  18.432  1.00 25.26 ? -3  HIS A NE2 1 
ATOM   48   N  N   . HIS A 1 10  ? -3.365  -6.555  12.278  1.00 19.88 ? -2  HIS A N   1 
ATOM   49   C  CA  . HIS A 1 10  ? -2.305  -6.593  11.260  1.00 21.40 ? -2  HIS A CA  1 
ATOM   50   C  C   . HIS A 1 10  ? -2.292  -5.300  10.459  1.00 22.64 ? -2  HIS A C   1 
ATOM   51   O  O   . HIS A 1 10  ? -3.058  -4.360  10.745  1.00 23.80 ? -2  HIS A O   1 
ATOM   52   C  CB  . HIS A 1 10  ? -2.469  -7.825  10.380  1.00 20.95 ? -2  HIS A CB  1 
ATOM   53   C  CG  . HIS A 1 10  ? -1.182  -8.513  10.027  1.00 19.64 ? -2  HIS A CG  1 
ATOM   54   N  ND1 . HIS A 1 10  ? -0.244  -7.968  9.173   1.00 24.00 ? -2  HIS A ND1 1 
ATOM   55   C  CD2 . HIS A 1 10  ? -0.689  -9.721  10.416  1.00 21.87 ? -2  HIS A CD2 1 
ATOM   56   C  CE1 . HIS A 1 10  ? 0.784   -8.798  9.073   1.00 23.79 ? -2  HIS A CE1 1 
ATOM   57   N  NE2 . HIS A 1 10  ? 0.536   -9.875  9.807   1.00 21.50 ? -2  HIS A NE2 1 
ATOM   58   N  N   . HIS A 1 11  ? -1.433  -5.238  9.440   1.00 21.89 ? -1  HIS A N   1 
ATOM   59   C  CA  . HIS A 1 11  ? -1.167  -4.011  8.710   1.00 22.97 ? -1  HIS A CA  1 
ATOM   60   C  C   . HIS A 1 11  ? -2.037  -3.854  7.446   1.00 23.10 ? -1  HIS A C   1 
ATOM   61   O  O   . HIS A 1 11  ? -1.561  -3.566  6.343   1.00 24.64 ? -1  HIS A O   1 
ATOM   62   C  CB  . HIS A 1 11  ? 0.317   -3.935  8.412   1.00 22.02 ? -1  HIS A CB  1 
ATOM   63   C  CG  . HIS A 1 11  ? 1.145   -3.846  9.648   1.00 26.40 ? -1  HIS A CG  1 
ATOM   64   N  ND1 . HIS A 1 11  ? 2.458   -4.239  9.673   1.00 29.17 ? -1  HIS A ND1 1 
ATOM   65   C  CD2 . HIS A 1 11  ? 0.851   -3.421  10.897  1.00 27.74 ? -1  HIS A CD2 1 
ATOM   66   C  CE1 . HIS A 1 11  ? 2.946   -4.064  10.888  1.00 28.90 ? -1  HIS A CE1 1 
ATOM   67   N  NE2 . HIS A 1 11  ? 1.994   -3.577  11.657  1.00 27.32 ? -1  HIS A NE2 1 
ATOM   68   N  N   . HIS A 1 12  ? -3.326  -4.104  7.650   1.00 20.71 ? 0   HIS A N   1 
ATOM   69   C  CA  . HIS A 1 12  ? -4.330  -3.923  6.638   1.00 21.45 ? 0   HIS A CA  1 
ATOM   70   C  C   . HIS A 1 12  ? -5.652  -3.809  7.369   1.00 22.06 ? 0   HIS A C   1 
ATOM   71   O  O   . HIS A 1 12  ? -5.773  -4.256  8.506   1.00 21.38 ? 0   HIS A O   1 
ATOM   72   C  CB  . HIS A 1 12  ? -4.375  -5.086  5.635   1.00 22.07 ? 0   HIS A CB  1 
ATOM   73   C  CG  . HIS A 1 12  ? -4.539  -6.434  6.277   1.00 22.54 ? 0   HIS A CG  1 
ATOM   74   N  ND1 . HIS A 1 12  ? -5.767  -6.949  6.646   1.00 22.71 ? 0   HIS A ND1 1 
ATOM   75   C  CD2 . HIS A 1 12  ? -3.617  -7.343  6.652   1.00 21.56 ? 0   HIS A CD2 1 
ATOM   76   C  CE1 . HIS A 1 12  ? -5.581  -8.133  7.210   1.00 27.19 ? 0   HIS A CE1 1 
ATOM   77   N  NE2 . HIS A 1 12  ? -4.284  -8.393  7.221   1.00 21.69 ? 0   HIS A NE2 1 
ATOM   78   N  N   . PRO A 1 13  ? -6.639  -3.196  6.730   1.00 25.08 ? 25  PRO A N   1 
ATOM   79   C  CA  . PRO A 1 13  ? -7.948  -3.157  7.328   1.00 22.71 ? 25  PRO A CA  1 
ATOM   80   C  C   . PRO A 1 13  ? -8.584  -4.533  7.476   1.00 23.50 ? 25  PRO A C   1 
ATOM   81   O  O   . PRO A 1 13  ? -8.155  -5.499  6.837   1.00 22.60 ? 25  PRO A O   1 
ATOM   82   C  CB  . PRO A 1 13  ? -8.781  -2.296  6.340   1.00 23.50 ? 25  PRO A CB  1 
ATOM   83   C  CG  . PRO A 1 13  ? -7.794  -1.550  5.580   1.00 25.00 ? 25  PRO A CG  1 
ATOM   84   C  CD  . PRO A 1 13  ? -6.628  -2.501  5.435   1.00 24.47 ? 25  PRO A CD  1 
ATOM   85   N  N   . PRO A 1 14  ? -9.632  -4.613  8.299   1.00 23.13 ? 26  PRO A N   1 
ATOM   86   C  CA  . PRO A 1 14  ? -10.484 -5.797  8.364   1.00 22.96 ? 26  PRO A CA  1 
ATOM   87   C  C   . PRO A 1 14  ? -11.036 -6.139  6.987   1.00 24.92 ? 26  PRO A C   1 
ATOM   88   O  O   . PRO A 1 14  ? -11.106 -5.283  6.106   1.00 23.48 ? 26  PRO A O   1 
ATOM   89   C  CB  . PRO A 1 14  ? -11.580 -5.380  9.346   1.00 23.65 ? 26  PRO A CB  1 
ATOM   90   C  CG  . PRO A 1 14  ? -10.999 -4.229  10.097  1.00 24.85 ? 26  PRO A CG  1 
ATOM   91   C  CD  . PRO A 1 14  ? -10.112 -3.537  9.184   1.00 23.92 ? 26  PRO A CD  1 
ATOM   92   N  N   . GLU A 1 15  ? -11.393 -7.392  6.777   1.00 25.35 ? 27  GLU A N   1 
ATOM   93   C  CA  . GLU A 1 15  ? -11.823 -7.832  5.454   1.00 29.66 ? 27  GLU A CA  1 
ATOM   94   C  C   . GLU A 1 15  ? -13.084 -7.102  4.968   1.00 26.20 ? 27  GLU A C   1 
ATOM   95   O  O   . GLU A 1 15  ? -13.210 -6.832  3.776   1.00 28.34 ? 27  GLU A O   1 
ATOM   96   C  CB  . GLU A 1 15  ? -11.928 -9.371  5.411   1.00 34.51 ? 27  GLU A CB  1 
ATOM   97   C  CG  . GLU A 1 15  ? -10.476 -10.000 5.559   1.00 37.51 ? 27  GLU A CG  1 
ATOM   98   C  CD  . GLU A 1 15  ? -10.424 -11.504 5.827   1.00 40.29 ? 27  GLU A CD  1 
ATOM   99   O  OE1 . GLU A 1 15  ? -10.831 -12.281 4.941   1.00 45.85 ? 27  GLU A OE1 1 
ATOM   100  O  OE2 . GLU A 1 15  ? -9.919  -11.903 6.907   1.00 46.84 ? 27  GLU A OE2 1 
ATOM   101  N  N   . ALA A 1 16  ? -13.971 -6.702  5.884   1.00 26.31 ? 28  ALA A N   1 
ATOM   102  C  CA  . ALA A 1 16  ? -15.215 -6.018  5.516   1.00 26.50 ? 28  ALA A CA  1 
ATOM   103  C  C   . ALA A 1 16  ? -15.065 -4.515  5.292   1.00 26.38 ? 28  ALA A C   1 
ATOM   104  O  O   . ALA A 1 16  ? -16.012 -3.868  4.907   1.00 25.42 ? 28  ALA A O   1 
ATOM   105  C  CB  . ALA A 1 16  ? -16.311 -6.247  6.578   1.00 30.53 ? 28  ALA A CB  1 
ATOM   106  N  N   . TYR A 1 17  ? -13.895 -3.955  5.527   1.00 23.97 ? 29  TYR A N   1 
ATOM   107  C  CA  . TYR A 1 17  ? -13.739 -2.503  5.600   1.00 24.51 ? 29  TYR A CA  1 
ATOM   108  C  C   . TYR A 1 17  ? -13.780 -1.904  4.183   1.00 25.53 ? 29  TYR A C   1 
ATOM   109  O  O   . TYR A 1 17  ? -13.323 -2.537  3.238   1.00 25.69 ? 29  TYR A O   1 
ATOM   110  C  CB  . TYR A 1 17  ? -12.384 -2.206  6.201   1.00 28.50 ? 29  TYR A CB  1 
ATOM   111  C  CG  . TYR A 1 17  ? -12.203 -0.903  6.940   1.00 27.27 ? 29  TYR A CG  1 
ATOM   112  C  CD1 . TYR A 1 17  ? -12.662 -0.763  8.256   1.00 28.48 ? 29  TYR A CD1 1 
ATOM   113  C  CD2 . TYR A 1 17  ? -11.493 0.145   6.377   1.00 30.05 ? 29  TYR A CD2 1 
ATOM   114  C  CE1 . TYR A 1 17  ? -12.441 0.419   8.960   1.00 32.55 ? 29  TYR A CE1 1 
ATOM   115  C  CE2 . TYR A 1 17  ? -11.288 1.352   7.070   1.00 29.92 ? 29  TYR A CE2 1 
ATOM   116  C  CZ  . TYR A 1 17  ? -11.752 1.472   8.361   1.00 31.55 ? 29  TYR A CZ  1 
ATOM   117  O  OH  . TYR A 1 17  ? -11.507 2.658   9.053   1.00 34.07 ? 29  TYR A OH  1 
ATOM   118  N  N   . SER A 1 18  ? -14.352 -0.706  4.060   1.00 24.10 ? 30  SER A N   1 
ATOM   119  C  CA  . SER A 1 18  ? -14.396 0.027   2.805   1.00 26.06 ? 30  SER A CA  1 
ATOM   120  C  C   . SER A 1 18  ? -13.023 0.448   2.310   1.00 24.55 ? 30  SER A C   1 
ATOM   121  O  O   . SER A 1 18  ? -12.190 0.951   3.065   1.00 25.19 ? 30  SER A O   1 
ATOM   122  C  CB  . SER A 1 18  ? -15.287 1.272   2.988   1.00 26.45 ? 30  SER A CB  1 
ATOM   123  O  OG  . SER A 1 18  ? -15.006 2.279   2.059   1.00 28.38 ? 30  SER A OG  1 
ATOM   124  N  N   . LEU A 1 19  ? -12.790 0.278   1.014   1.00 27.46 ? 31  LEU A N   1 
ATOM   125  C  CA  . LEU A 1 19  ? -11.562 0.755   0.405   1.00 25.09 ? 31  LEU A CA  1 
ATOM   126  C  C   . LEU A 1 19  ? -11.405 2.274   0.599   1.00 23.05 ? 31  LEU A C   1 
ATOM   127  O  O   . LEU A 1 19  ? -10.317 2.784   0.917   1.00 25.00 ? 31  LEU A O   1 
ATOM   128  C  CB  . LEU A 1 19  ? -11.525 0.371   -1.068  1.00 27.95 ? 31  LEU A CB  1 
ATOM   129  C  CG  . LEU A 1 19  ? -10.258 0.827   -1.811  1.00 30.26 ? 31  LEU A CG  1 
ATOM   130  C  CD1 . LEU A 1 19  ? -9.861  -0.211  -2.816  1.00 31.24 ? 31  LEU A CD1 1 
ATOM   131  C  CD2 . LEU A 1 19  ? -10.495 2.138   -2.494  1.00 32.74 ? 31  LEU A CD2 1 
ATOM   132  N  N   . ASP A 1 20  ? -12.498 3.005   0.403   1.00 23.55 ? 32  ASP A N   1 
ATOM   133  C  CA  . ASP A 1 20  ? -12.451 4.454   0.577   1.00 24.34 ? 32  ASP A CA  1 
ATOM   134  C  C   . ASP A 1 20  ? -12.062 4.817   1.997   1.00 24.33 ? 32  ASP A C   1 
ATOM   135  O  O   . ASP A 1 20  ? -11.204 5.685   2.237   1.00 24.35 ? 32  ASP A O   1 
ATOM   136  C  CB  . ASP A 1 20  ? -13.807 5.062   0.228   1.00 24.85 ? 32  ASP A CB  1 
ATOM   137  C  CG  . ASP A 1 20  ? -14.043 5.182   -1.273  1.00 33.10 ? 32  ASP A CG  1 
ATOM   138  O  OD1 . ASP A 1 20  ? -13.153 4.838   -2.079  1.00 36.56 ? 32  ASP A OD1 1 
ATOM   139  O  OD2 . ASP A 1 20  ? -15.158 5.630   -1.646  1.00 35.56 ? 32  ASP A OD2 1 
ATOM   140  N  N   . THR A 1 21  ? -12.678 4.155   2.963   1.00 25.48 ? 33  THR A N   1 
ATOM   141  C  CA  . THR A 1 21  ? -12.386 4.469   4.351   1.00 25.30 ? 33  THR A CA  1 
ATOM   142  C  C   . THR A 1 21  ? -10.952 4.106   4.697   1.00 25.35 ? 33  THR A C   1 
ATOM   143  O  O   . THR A 1 21  ? -10.298 4.817   5.441   1.00 24.66 ? 33  THR A O   1 
ATOM   144  C  CB  . THR A 1 21  ? -13.417 3.822   5.317   1.00 27.52 ? 33  THR A CB  1 
ATOM   145  O  OG1 . THR A 1 21  ? -14.740 4.102   4.836   1.00 26.72 ? 33  THR A OG1 1 
ATOM   146  C  CG2 . THR A 1 21  ? -13.270 4.446   6.683   1.00 30.62 ? 33  THR A CG2 1 
ATOM   147  N  N   . ALA A 1 22  ? -10.423 3.057   4.073   1.00 25.96 ? 34  ALA A N   1 
ATOM   148  C  CA  . ALA A 1 22  ? -9.028  2.681   4.245   1.00 25.76 ? 34  ALA A CA  1 
ATOM   149  C  C   . ALA A 1 22  ? -8.051  3.807   3.838   1.00 25.60 ? 34  ALA A C   1 
ATOM   150  O  O   . ALA A 1 22  ? -6.977  3.913   4.393   1.00 25.90 ? 34  ALA A O   1 
ATOM   151  C  CB  . ALA A 1 22  ? -8.719  1.459   3.483   1.00 26.78 ? 34  ALA A CB  1 
ATOM   152  N  N   . ILE A 1 23  ? -8.438  4.639   2.884   1.00 20.85 ? 35  ILE A N   1 
ATOM   153  C  CA  . ILE A 1 23  ? -7.647  5.829   2.544   1.00 22.34 ? 35  ILE A CA  1 
ATOM   154  C  C   . ILE A 1 23  ? -7.894  6.964   3.527   1.00 22.08 ? 35  ILE A C   1 
ATOM   155  O  O   . ILE A 1 23  ? -6.958  7.568   4.107   1.00 23.17 ? 35  ILE A O   1 
ATOM   156  C  CB  . ILE A 1 23  ? -8.000  6.296   1.118   1.00 23.20 ? 35  ILE A CB  1 
ATOM   157  C  CG1 . ILE A 1 23  ? -7.554  5.243   0.086   1.00 24.84 ? 35  ILE A CG1 1 
ATOM   158  C  CG2 . ILE A 1 23  ? -7.393  7.647   0.814   1.00 26.09 ? 35  ILE A CG2 1 
ATOM   159  C  CD1 . ILE A 1 23  ? -8.104  5.439   -1.253  1.00 25.20 ? 35  ILE A CD1 1 
ATOM   160  N  N   . PHE A 1 24  ? -9.169  7.279   3.723   1.00 24.60 ? 36  PHE A N   1 
ATOM   161  C  CA  . PHE A 1 24  ? -9.521  8.483   4.472   1.00 24.51 ? 36  PHE A CA  1 
ATOM   162  C  C   . PHE A 1 24  ? -9.118  8.408   5.933   1.00 24.26 ? 36  PHE A C   1 
ATOM   163  O  O   . PHE A 1 24  ? -8.778  9.418   6.541   1.00 24.09 ? 36  PHE A O   1 
ATOM   164  C  CB  . PHE A 1 24  ? -11.016 8.774   4.361   1.00 25.48 ? 36  PHE A CB  1 
ATOM   165  C  CG  . PHE A 1 24  ? -11.484 9.063   2.944   1.00 27.58 ? 36  PHE A CG  1 
ATOM   166  C  CD1 . PHE A 1 24  ? -10.886 10.045  2.188   1.00 29.00 ? 36  PHE A CD1 1 
ATOM   167  C  CD2 . PHE A 1 24  ? -12.558 8.371   2.399   1.00 31.49 ? 36  PHE A CD2 1 
ATOM   168  C  CE1 . PHE A 1 24  ? -11.294 10.314  0.888   1.00 28.34 ? 36  PHE A CE1 1 
ATOM   169  C  CE2 . PHE A 1 24  ? -12.989 8.641   1.072   1.00 31.58 ? 36  PHE A CE2 1 
ATOM   170  C  CZ  . PHE A 1 24  ? -12.351 9.611   0.335   1.00 31.06 ? 36  PHE A CZ  1 
ATOM   171  N  N   . VAL A 1 25  ? -9.085  7.201   6.499   1.00 23.34 ? 37  VAL A N   1 
ATOM   172  C  CA  . VAL A 1 25  ? -8.696  7.048   7.899   1.00 19.83 ? 37  VAL A CA  1 
ATOM   173  C  C   . VAL A 1 25  ? -7.207  7.375   8.157   1.00 23.25 ? 37  VAL A C   1 
ATOM   174  O  O   . VAL A 1 25  ? -6.780  7.581   9.283   1.00 24.19 ? 37  VAL A O   1 
ATOM   175  C  CB  . VAL A 1 25  ? -9.061  5.610   8.378   1.00 24.44 ? 37  VAL A CB  1 
ATOM   176  C  CG1 . VAL A 1 25  ? -8.098  4.620   7.838   1.00 19.66 ? 37  VAL A CG1 1 
ATOM   177  C  CG2 . VAL A 1 25  ? -9.177  5.538   9.860   1.00 28.09 ? 37  VAL A CG2 1 
ATOM   178  N  N   . LEU A 1 26  ? -6.416  7.442   7.087   1.00 23.23 ? 38  LEU A N   1 
ATOM   179  C  CA  . LEU A 1 26  ? -4.978  7.714   7.230   1.00 21.90 ? 38  LEU A CA  1 
ATOM   180  C  C   . LEU A 1 26  ? -4.639  9.190   7.365   1.00 23.03 ? 38  LEU A C   1 
ATOM   181  O  O   . LEU A 1 26  ? -3.507  9.540   7.690   1.00 21.70 ? 38  LEU A O   1 
ATOM   182  C  CB  . LEU A 1 26  ? -4.220  7.156   6.034   1.00 24.11 ? 38  LEU A CB  1 
ATOM   183  C  CG  . LEU A 1 26  ? -4.380  5.658   5.872   1.00 24.55 ? 38  LEU A CG  1 
ATOM   184  C  CD1 . LEU A 1 26  ? -3.752  5.238   4.567   1.00 26.48 ? 38  LEU A CD1 1 
ATOM   185  C  CD2 . LEU A 1 26  ? -3.754  4.949   7.057   1.00 24.14 ? 38  LEU A CD2 1 
ATOM   186  N  N   . GLU A 1 27  ? -5.586  10.073  7.088   1.00 22.60 ? 39  GLU A N   1 
ATOM   187  C  CA  . GLU A 1 27  ? -5.304  11.484  7.109   1.00 24.16 ? 39  GLU A CA  1 
ATOM   188  C  C   . GLU A 1 27  ? -5.041  11.954  8.558   1.00 25.47 ? 39  GLU A C   1 
ATOM   189  O  O   . GLU A 1 27  ? -5.687  11.511  9.512   1.00 25.17 ? 39  GLU A O   1 
ATOM   190  C  CB  . GLU A 1 27  ? -6.442  12.257  6.375   1.00 27.11 ? 39  GLU A CB  1 
ATOM   191  C  CG  . GLU A 1 27  ? -6.142  13.687  6.187   1.00 32.06 ? 39  GLU A CG  1 
ATOM   192  C  CD  . GLU A 1 27  ? -7.075  14.383  5.222   1.00 31.49 ? 39  GLU A CD  1 
ATOM   193  O  OE1 . GLU A 1 27  ? -8.275  13.950  5.097   1.00 30.46 ? 39  GLU A OE1 1 
ATOM   194  O  OE2 . GLU A 1 27  ? -6.612  15.388  4.656   1.00 29.58 ? 39  GLU A OE2 1 
ATOM   195  N  N   . THR A 1 28  ? -4.050  12.828  8.747   1.00 21.82 ? 40  THR A N   1 
ATOM   196  C  CA  . THR A 1 28  ? -3.850  13.511  10.010  1.00 23.39 ? 40  THR A CA  1 
ATOM   197  C  C   . THR A 1 28  ? -3.407  14.923  9.651   1.00 26.34 ? 40  THR A C   1 
ATOM   198  O  O   . THR A 1 28  ? -3.270  15.250  8.472   1.00 24.48 ? 40  THR A O   1 
ATOM   199  C  CB  . THR A 1 28  ? -2.741  12.885  10.889  1.00 26.31 ? 40  THR A CB  1 
ATOM   200  O  OG1 . THR A 1 28  ? -1.472  13.126  10.292  1.00 27.22 ? 40  THR A OG1 1 
ATOM   201  C  CG2 . THR A 1 28  ? -2.912  11.379  11.088  1.00 26.14 ? 40  THR A CG2 1 
ATOM   202  N  N   . ARG A 1 29  ? -3.124  15.743  10.650  1.00 26.36 ? 41  ARG A N   1 
ATOM   203  C  CA  . ARG A 1 29  ? -2.587  17.071  10.355  1.00 29.14 ? 41  ARG A CA  1 
ATOM   204  C  C   . ARG A 1 29  ? -1.221  17.005  9.663   1.00 27.95 ? 41  ARG A C   1 
ATOM   205  O  O   . ARG A 1 29  ? -0.851  17.946  8.995   1.00 32.91 ? 41  ARG A O   1 
ATOM   206  C  CB  . ARG A 1 29  ? -2.519  17.927  11.625  1.00 31.34 ? 41  ARG A CB  1 
ATOM   207  C  CG  . ARG A 1 29  ? -1.337  17.630  12.537  1.00 36.60 ? 41  ARG A CG  1 
ATOM   208  N  N   . ASP A 1 30  ? -0.490  15.908  9.816   1.00 27.46 ? 42  ASP A N   1 
ATOM   209  C  CA  . ASP A 1 30  ? 0.851   15.731  9.204   1.00 30.48 ? 42  ASP A CA  1 
ATOM   210  C  C   . ASP A 1 30  ? 0.816   14.952  7.875   1.00 32.04 ? 42  ASP A C   1 
ATOM   211  O  O   . ASP A 1 30  ? 1.852   14.775  7.225   1.00 33.24 ? 42  ASP A O   1 
ATOM   212  C  CB  . ASP A 1 30  ? 1.742   14.895  10.118  1.00 31.59 ? 42  ASP A CB  1 
ATOM   213  C  CG  . ASP A 1 30  ? 1.871   15.482  11.522  1.00 36.85 ? 42  ASP A CG  1 
ATOM   214  O  OD1 . ASP A 1 30  ? 2.200   16.672  11.628  1.00 33.39 ? 42  ASP A OD1 1 
ATOM   215  O  OD2 . ASP A 1 30  ? 1.625   14.744  12.509  1.00 39.34 ? 42  ASP A OD2 1 
ATOM   216  N  N   . TYR A 1 31  ? -0.339  14.384  7.538   1.00 25.91 ? 43  TYR A N   1 
ATOM   217  C  CA  . TYR A 1 31  ? -0.494  13.551  6.341   1.00 25.29 ? 43  TYR A CA  1 
ATOM   218  C  C   . TYR A 1 31  ? -1.805  14.034  5.706   1.00 26.11 ? 43  TYR A C   1 
ATOM   219  O  O   . TYR A 1 31  ? -2.865  13.528  6.046   1.00 27.21 ? 43  TYR A O   1 
ATOM   220  C  CB  . TYR A 1 31  ? -0.631  12.080  6.693   1.00 28.35 ? 43  TYR A CB  1 
ATOM   221  C  CG  . TYR A 1 31  ? 0.612   11.476  7.314   1.00 28.29 ? 43  TYR A CG  1 
ATOM   222  C  CD1 . TYR A 1 31  ? 1.761   11.393  6.592   1.00 37.29 ? 43  TYR A CD1 1 
ATOM   223  C  CD2 . TYR A 1 31  ? 0.634   11.050  8.637   1.00 32.61 ? 43  TYR A CD2 1 
ATOM   224  C  CE1 . TYR A 1 31  ? 2.923   10.886  7.131   1.00 36.78 ? 43  TYR A CE1 1 
ATOM   225  C  CE2 . TYR A 1 31  ? 1.830   10.555  9.216   1.00 34.40 ? 43  TYR A CE2 1 
ATOM   226  C  CZ  . TYR A 1 31  ? 2.957   10.467  8.425   1.00 34.37 ? 43  TYR A CZ  1 
ATOM   227  O  OH  . TYR A 1 31  ? 4.164   9.998   8.878   1.00 32.95 ? 43  TYR A OH  1 
ATOM   228  N  N   . ARG A 1 32  ? -1.730  15.038  4.848   1.00 24.03 ? 44  ARG A N   1 
ATOM   229  C  CA  . ARG A 1 32  ? -2.932  15.705  4.353   1.00 25.41 ? 44  ARG A CA  1 
ATOM   230  C  C   . ARG A 1 32  ? -3.274  15.132  3.004   1.00 24.68 ? 44  ARG A C   1 
ATOM   231  O  O   . ARG A 1 32  ? -2.434  15.116  2.108   1.00 24.54 ? 44  ARG A O   1 
ATOM   232  C  CB  . ARG A 1 32  ? -2.707  17.199  4.226   1.00 28.53 ? 44  ARG A CB  1 
ATOM   233  C  CG  . ARG A 1 32  ? -2.417  17.923  5.548   1.00 36.58 ? 44  ARG A CG  1 
ATOM   234  C  CD  . ARG A 1 32  ? -3.470  17.589  6.608   1.00 44.30 ? 44  ARG A CD  1 
ATOM   235  N  NE  . ARG A 1 32  ? -4.835  17.951  6.204   1.00 48.36 ? 44  ARG A NE  1 
ATOM   236  C  CZ  . ARG A 1 32  ? -5.959  17.483  6.758   1.00 50.82 ? 44  ARG A CZ  1 
ATOM   237  N  NH1 . ARG A 1 32  ? -5.933  16.603  7.755   1.00 52.97 ? 44  ARG A NH1 1 
ATOM   238  N  NH2 . ARG A 1 32  ? -7.144  17.900  6.296   1.00 53.85 ? 44  ARG A NH2 1 
ATOM   239  N  N   . LEU A 1 33  ? -4.514  14.682  2.836   1.00 23.12 ? 45  LEU A N   1 
ATOM   240  C  CA  . LEU A 1 33  ? -4.930  14.127  1.559   1.00 22.67 ? 45  LEU A CA  1 
ATOM   241  C  C   . LEU A 1 33  ? -5.075  15.258  0.535   1.00 23.90 ? 45  LEU A C   1 
ATOM   242  O  O   . LEU A 1 33  ? -5.725  16.276  0.795   1.00 23.61 ? 45  LEU A O   1 
ATOM   243  C  CB  . LEU A 1 33  ? -6.276  13.425  1.770   1.00 23.11 ? 45  LEU A CB  1 
ATOM   244  C  CG  . LEU A 1 33  ? -6.813  12.602  0.641   1.00 27.60 ? 45  LEU A CG  1 
ATOM   245  C  CD1 . LEU A 1 33  ? -5.842  11.478  0.308   1.00 26.14 ? 45  LEU A CD1 1 
ATOM   246  C  CD2 . LEU A 1 33  ? -8.198  12.062  1.043   1.00 26.26 ? 45  LEU A CD2 1 
ATOM   247  N  N   . SER A 1 34  ? -4.426  15.114  -0.620  1.00 21.23 ? 46  SER A N   1 
ATOM   248  C  CA  . SER A 1 34  ? -4.509  16.107  -1.641  1.00 22.02 ? 46  SER A CA  1 
ATOM   249  C  C   . SER A 1 34  ? -5.160  15.645  -2.941  1.00 20.71 ? 46  SER A C   1 
ATOM   250  O  O   . SER A 1 34  ? -5.563  16.483  -3.747  1.00 22.67 ? 46  SER A O   1 
ATOM   251  C  CB  . SER A 1 34  ? -3.125  16.684  -1.913  1.00 23.97 ? 46  SER A CB  1 
ATOM   252  O  OG  . SER A 1 34  ? -2.306  15.738  -2.515  1.00 27.26 ? 46  SER A OG  1 
ATOM   253  N  N   . ASP A 1 35  ? -5.275  14.325  -3.144  1.00 20.40 ? 47  ASP A N   1 
ATOM   254  C  CA  . ASP A 1 35  ? -5.840  13.767  -4.362  1.00 18.82 ? 47  ASP A CA  1 
ATOM   255  C  C   . ASP A 1 35  ? -6.266  12.327  -4.144  1.00 19.35 ? 47  ASP A C   1 
ATOM   256  O  O   . ASP A 1 35  ? -5.653  11.603  -3.387  1.00 20.86 ? 47  ASP A O   1 
ATOM   257  C  CB  . ASP A 1 35  ? -4.811  13.884  -5.493  1.00 21.17 ? 47  ASP A CB  1 
ATOM   258  C  CG  . ASP A 1 35  ? -5.412  13.871  -6.882  1.00 22.82 ? 47  ASP A CG  1 
ATOM   259  O  OD1 . ASP A 1 35  ? -5.698  12.764  -7.393  1.00 23.18 ? 47  ASP A OD1 1 
ATOM   260  O  OD2 . ASP A 1 35  ? -5.540  14.972  -7.500  1.00 24.24 ? 47  ASP A OD2 1 
ATOM   261  N  N   . VAL A 1 36  ? -7.342  11.961  -4.820  1.00 20.52 ? 48  VAL A N   1 
ATOM   262  C  CA  . VAL A 1 36  ? -7.855  10.592  -4.881  1.00 20.67 ? 48  VAL A CA  1 
ATOM   263  C  C   . VAL A 1 36  ? -8.340  10.347  -6.300  1.00 19.78 ? 48  VAL A C   1 
ATOM   264  O  O   . VAL A 1 36  ? -9.062  11.176  -6.866  1.00 19.75 ? 48  VAL A O   1 
ATOM   265  C  CB  . VAL A 1 36  ? -9.019  10.333  -3.903  1.00 25.83 ? 48  VAL A CB  1 
ATOM   266  C  CG1 . VAL A 1 36  ? -9.481  8.887   -4.004  1.00 24.67 ? 48  VAL A CG1 1 
ATOM   267  C  CG2 . VAL A 1 36  ? -8.623  10.642  -2.483  1.00 24.59 ? 48  VAL A CG2 1 
ATOM   268  N  N   . LYS A 1 37  ? -7.933  9.217   -6.869  1.00 21.91 ? 49  LYS A N   1 
ATOM   269  C  CA  . LYS A 1 37  ? -8.308  8.865   -8.238  1.00 22.08 ? 49  LYS A CA  1 
ATOM   270  C  C   . LYS A 1 37  ? -8.497  7.360   -8.339  1.00 21.22 ? 49  LYS A C   1 
ATOM   271  O  O   . LYS A 1 37  ? -7.629  6.606   -7.886  1.00 19.18 ? 49  LYS A O   1 
ATOM   272  C  CB  . LYS A 1 37  ? -7.167  9.291   -9.180  1.00 21.95 ? 49  LYS A CB  1 
ATOM   273  C  CG  . LYS A 1 37  ? -7.421  9.047   -10.638 1.00 25.97 ? 49  LYS A CG  1 
ATOM   274  C  CD  . LYS A 1 37  ? -6.279  9.550   -11.530 1.00 25.56 ? 49  LYS A CD  1 
ATOM   275  C  CE  . LYS A 1 37  ? -5.008  8.805   -11.283 1.00 25.32 ? 49  LYS A CE  1 
ATOM   276  N  NZ  . LYS A 1 37  ? -4.131  8.842   -12.519 1.00 25.91 ? 49  LYS A NZ  1 
ATOM   277  N  N   . GLU A 1 38  ? -9.587  6.932   -8.984  1.00 21.00 ? 50  GLU A N   1 
ATOM   278  C  CA  . GLU A 1 38  ? -9.749  5.523   -9.367  1.00 22.37 ? 50  GLU A CA  1 
ATOM   279  C  C   . GLU A 1 38  ? -8.747  5.141   -10.430 1.00 21.55 ? 50  GLU A C   1 
ATOM   280  O  O   . GLU A 1 38  ? -8.513  5.918   -11.344 1.00 23.16 ? 50  GLU A O   1 
ATOM   281  C  CB  . GLU A 1 38  ? -11.111 5.254   -9.966  1.00 25.05 ? 50  GLU A CB  1 
ATOM   282  C  CG  . GLU A 1 38  ? -12.182 5.407   -9.031  1.00 28.69 ? 50  GLU A CG  1 
ATOM   283  C  CD  . GLU A 1 38  ? -13.544 5.111   -9.625  1.00 30.01 ? 50  GLU A CD  1 
ATOM   284  O  OE1 . GLU A 1 38  ? -13.679 4.444   -10.708 1.00 28.46 ? 50  GLU A OE1 1 
ATOM   285  O  OE2 . GLU A 1 38  ? -14.486 5.615   -8.985  1.00 30.30 ? 50  GLU A OE2 1 
ATOM   286  N  N   . ILE A 1 39  ? -8.229  3.913   -10.334 1.00 21.46 ? 51  ILE A N   1 
ATOM   287  C  CA  . ILE A 1 39  ? -7.284  3.380   -11.302 1.00 23.92 ? 51  ILE A CA  1 
ATOM   288  C  C   . ILE A 1 39  ? -7.709  1.980   -11.760 1.00 21.76 ? 51  ILE A C   1 
ATOM   289  O  O   . ILE A 1 39  ? -8.443  1.277   -11.069 1.00 21.93 ? 51  ILE A O   1 
ATOM   290  C  CB  . ILE A 1 39  ? -5.857  3.322   -10.714 1.00 26.78 ? 51  ILE A CB  1 
ATOM   291  C  CG1 . ILE A 1 39  ? -5.777  2.357   -9.516  1.00 29.34 ? 51  ILE A CG1 1 
ATOM   292  C  CG2 . ILE A 1 39  ? -5.386  4.741   -10.363 1.00 31.54 ? 51  ILE A CG2 1 
ATOM   293  C  CD1 . ILE A 1 39  ? -4.369  2.069   -9.065  1.00 30.59 ? 51  ILE A CD1 1 
ATOM   294  N  N   . ASP A 1 40  ? -7.253  1.612   -12.942 1.00 21.34 ? 52  ASP A N   1 
ATOM   295  C  CA  . ASP A 1 40  ? -7.447  0.287   -13.495 1.00 23.26 ? 52  ASP A CA  1 
ATOM   296  C  C   . ASP A 1 40  ? -6.132  -0.493  -13.494 1.00 23.38 ? 52  ASP A C   1 
ATOM   297  O  O   . ASP A 1 40  ? -6.123  -1.699  -13.707 1.00 22.48 ? 52  ASP A O   1 
ATOM   298  C  CB  . ASP A 1 40  ? -7.880  0.389   -14.932 1.00 24.21 ? 52  ASP A CB  1 
ATOM   299  C  CG  . ASP A 1 40  ? -9.282  0.844   -15.083 1.00 26.54 ? 52  ASP A CG  1 
ATOM   300  O  OD1 . ASP A 1 40  ? -10.140 0.386   -14.324 1.00 26.33 ? 52  ASP A OD1 1 
ATOM   301  O  OD2 . ASP A 1 40  ? -9.531  1.638   -15.989 1.00 25.63 ? 52  ASP A OD2 1 
ATOM   302  N  N   . SER A 1 41  ? -5.027  0.208   -13.312 1.00 21.37 ? 53  SER A N   1 
ATOM   303  C  CA  . SER A 1 41  ? -3.716  -0.421  -13.412 1.00 24.64 ? 53  SER A CA  1 
ATOM   304  C  C   . SER A 1 41  ? -2.669  0.338   -12.617 1.00 27.09 ? 53  SER A C   1 
ATOM   305  O  O   . SER A 1 41  ? -2.856  1.502   -12.252 1.00 25.13 ? 53  SER A O   1 
ATOM   306  C  CB  . SER A 1 41  ? -3.289  -0.539  -14.870 1.00 26.61 ? 53  SER A CB  1 
ATOM   307  O  OG  . SER A 1 41  ? -3.171  0.738   -15.456 1.00 26.56 ? 53  SER A OG  1 
ATOM   308  N  N   . TYR A 1 42  ? -1.593  -0.366  -12.302 1.00 23.03 ? 54  TYR A N   1 
ATOM   309  C  CA  . TYR A 1 42  ? -0.377  0.237   -11.814 1.00 25.97 ? 54  TYR A CA  1 
ATOM   310  C  C   . TYR A 1 42  ? 0.639   -0.118  -12.887 1.00 30.32 ? 54  TYR A C   1 
ATOM   311  O  O   . TYR A 1 42  ? 1.016   -1.276  -13.030 1.00 30.25 ? 54  TYR A O   1 
ATOM   312  C  CB  . TYR A 1 42  ? 0.022   -0.341  -10.471 1.00 29.81 ? 54  TYR A CB  1 
ATOM   313  C  CG  . TYR A 1 42  ? 1.348   0.198   -9.980  1.00 29.40 ? 54  TYR A CG  1 
ATOM   314  C  CD1 . TYR A 1 42  ? 2.551   -0.421  -10.341 1.00 33.37 ? 54  TYR A CD1 1 
ATOM   315  C  CD2 . TYR A 1 42  ? 1.412   1.324   -9.181  1.00 27.37 ? 54  TYR A CD2 1 
ATOM   316  C  CE1 . TYR A 1 42  ? 3.772   0.092   -9.911  1.00 30.50 ? 54  TYR A CE1 1 
ATOM   317  C  CE2 . TYR A 1 42  ? 2.606   1.827   -8.726  1.00 28.80 ? 54  TYR A CE2 1 
ATOM   318  C  CZ  . TYR A 1 42  ? 3.797   1.207   -9.088  1.00 32.56 ? 54  TYR A CZ  1 
ATOM   319  O  OH  . TYR A 1 42  ? 5.008   1.723   -8.663  1.00 32.22 ? 54  TYR A OH  1 
ATOM   320  N  N   . GLY A 1 43  ? 1.031   0.884   -13.666 1.00 34.27 ? 55  GLY A N   1 
ATOM   321  C  CA  . GLY A 1 43  ? 1.818   0.669   -14.880 1.00 33.68 ? 55  GLY A CA  1 
ATOM   322  C  C   . GLY A 1 43  ? 1.128   -0.308  -15.803 1.00 33.88 ? 55  GLY A C   1 
ATOM   323  O  O   . GLY A 1 43  ? -0.033  -0.130  -16.161 1.00 35.71 ? 55  GLY A O   1 
ATOM   324  N  N   . ASP A 1 44  ? 1.841   -1.372  -16.141 1.00 36.09 ? 56  ASP A N   1 
ATOM   325  C  CA  . ASP A 1 44  ? 1.339   -2.407  -17.035 1.00 35.78 ? 56  ASP A CA  1 
ATOM   326  C  C   . ASP A 1 44  ? 0.593   -3.531  -16.291 1.00 33.90 ? 56  ASP A C   1 
ATOM   327  O  O   . ASP A 1 44  ? 0.259   -4.535  -16.912 1.00 36.82 ? 56  ASP A O   1 
ATOM   328  C  CB  . ASP A 1 44  ? 2.516   -3.012  -17.818 1.00 37.81 ? 56  ASP A CB  1 
ATOM   329  C  CG  . ASP A 1 44  ? 3.496   -3.770  -16.916 1.00 35.09 ? 56  ASP A CG  1 
ATOM   330  N  N   . VAL A 1 45  ? 0.356   -3.379  -14.981 1.00 28.63 ? 57  VAL A N   1 
ATOM   331  C  CA  . VAL A 1 45  ? -0.292  -4.416  -14.199 1.00 25.32 ? 57  VAL A CA  1 
ATOM   332  C  C   . VAL A 1 45  ? -1.737  -4.056  -13.875 1.00 25.68 ? 57  VAL A C   1 
ATOM   333  O  O   . VAL A 1 45  ? -1.984  -3.018  -13.304 1.00 24.91 ? 57  VAL A O   1 
ATOM   334  C  CB  . VAL A 1 45  ? 0.503   -4.702  -12.931 1.00 26.97 ? 57  VAL A CB  1 
ATOM   335  C  CG1 . VAL A 1 45  ? -0.232  -5.709  -12.066 1.00 26.90 ? 57  VAL A CG1 1 
ATOM   336  C  CG2 . VAL A 1 45  ? 1.897   -5.268  -13.329 1.00 28.47 ? 57  VAL A CG2 1 
ATOM   337  N  N   . GLU A 1 46  ? -2.676  -4.925  -14.239 1.00 23.70 ? 58  GLU A N   1 
ATOM   338  C  CA  . GLU A 1 46  ? -4.081  -4.680  -13.988 1.00 28.89 ? 58  GLU A CA  1 
ATOM   339  C  C   . GLU A 1 46  ? -4.318  -4.684  -12.490 1.00 27.26 ? 58  GLU A C   1 
ATOM   340  O  O   . GLU A 1 46  ? -3.873  -5.581  -11.773 1.00 25.22 ? 58  GLU A O   1 
ATOM   341  C  CB  . GLU A 1 46  ? -4.933  -5.756  -14.674 1.00 31.44 ? 58  GLU A CB  1 
ATOM   342  C  CG  . GLU A 1 46  ? -6.429  -5.705  -14.331 1.00 37.57 ? 58  GLU A CG  1 
ATOM   343  C  CD  . GLU A 1 46  ? -7.305  -6.602  -15.233 1.00 39.61 ? 58  GLU A CD  1 
ATOM   344  O  OE1 . GLU A 1 46  ? -6.785  -7.549  -15.893 1.00 49.45 ? 58  GLU A OE1 1 
ATOM   345  O  OE2 . GLU A 1 46  ? -8.529  -6.343  -15.287 1.00 48.43 ? 58  GLU A OE2 1 
HETATM 346  N  N   . MSE A 1 47  ? -5.001  -3.652  -12.007 1.00 26.61 ? 59  MSE A N   1 
HETATM 347  C  CA  . MSE A 1 47  ? -5.208  -3.458  -10.591 1.00 24.65 ? 59  MSE A CA  1 
HETATM 348  C  C   . MSE A 1 47  ? -6.324  -2.442  -10.418 1.00 24.06 ? 59  MSE A C   1 
HETATM 349  O  O   . MSE A 1 47  ? -6.092  -1.240  -10.495 1.00 25.48 ? 59  MSE A O   1 
HETATM 350  C  CB  . MSE A 1 47  ? -3.945  -2.911  -9.903  1.00 24.81 ? 59  MSE A CB  1 
HETATM 351  C  CG  . MSE A 1 47  ? -4.088  -2.737  -8.406  1.00 28.44 ? 59  MSE A CG  1 
HETATM 352  SE SE  . MSE A 1 47  ? -2.416  -1.944  -7.683  1.00 34.18 ? 59  MSE A SE  1 
HETATM 353  C  CE  . MSE A 1 47  ? -2.876  -1.521  -5.757  1.00 29.31 ? 59  MSE A CE  1 
ATOM   354  N  N   . LYS A 1 48  ? -7.524  -2.932  -10.186 1.00 24.11 ? 60  LYS A N   1 
ATOM   355  C  CA  . LYS A 1 48  ? -8.670  -2.051  -10.079 1.00 26.57 ? 60  LYS A CA  1 
ATOM   356  C  C   . LYS A 1 48  ? -8.775  -1.579  -8.629  1.00 26.29 ? 60  LYS A C   1 
ATOM   357  O  O   . LYS A 1 48  ? -9.067  -2.341  -7.718  1.00 30.90 ? 60  LYS A O   1 
ATOM   358  C  CB  . LYS A 1 48  ? -9.917  -2.747  -10.611 1.00 29.83 ? 60  LYS A CB  1 
ATOM   359  C  CG  . LYS A 1 48  ? -9.832  -2.939  -12.158 1.00 32.88 ? 60  LYS A CG  1 
ATOM   360  C  CD  . LYS A 1 48  ? -11.115 -3.455  -12.774 1.00 33.66 ? 60  LYS A CD  1 
ATOM   361  C  CE  . LYS A 1 48  ? -11.023 -3.646  -14.303 1.00 35.11 ? 60  LYS A CE  1 
ATOM   362  N  N   . GLY A 1 49  ? -8.479  -0.305  -8.425  1.00 23.55 ? 61  GLY A N   1 
ATOM   363  C  CA  . GLY A 1 49  ? -8.356  0.269   -7.102  1.00 24.97 ? 61  GLY A CA  1 
ATOM   364  C  C   . GLY A 1 49  ? -8.414  1.789   -7.135  1.00 22.01 ? 61  GLY A C   1 
ATOM   365  O  O   . GLY A 1 49  ? -9.109  2.378   -7.971  1.00 21.03 ? 61  GLY A O   1 
ATOM   366  N  N   . LYS A 1 50  ? -7.695  2.400   -6.199  1.00 22.47 ? 62  LYS A N   1 
ATOM   367  C  CA  . LYS A 1 50  ? -7.551  3.846   -6.129  1.00 23.81 ? 62  LYS A CA  1 
ATOM   368  C  C   . LYS A 1 50  ? -6.137  4.189   -5.767  1.00 22.79 ? 62  LYS A C   1 
ATOM   369  O  O   . LYS A 1 50  ? -5.413  3.391   -5.153  1.00 23.45 ? 62  LYS A O   1 
ATOM   370  C  CB  . LYS A 1 50  ? -8.524  4.465   -5.118  1.00 24.45 ? 62  LYS A CB  1 
ATOM   371  C  CG  . LYS A 1 50  ? -9.938  4.247   -5.513  1.00 27.05 ? 62  LYS A CG  1 
ATOM   372  C  CD  . LYS A 1 50  ? -10.912 5.090   -4.705  1.00 29.36 ? 62  LYS A CD  1 
ATOM   373  C  CE  . LYS A 1 50  ? -12.338 4.744   -5.097  1.00 32.42 ? 62  LYS A CE  1 
ATOM   374  N  NZ  . LYS A 1 50  ? -13.285 5.661   -4.424  1.00 32.33 ? 62  LYS A NZ  1 
ATOM   375  N  N   . VAL A 1 51  ? -5.728  5.383   -6.174  1.00 21.57 ? 63  VAL A N   1 
ATOM   376  C  CA  . VAL A 1 51  ? -4.499  5.988   -5.715  1.00 20.78 ? 63  VAL A CA  1 
ATOM   377  C  C   . VAL A 1 51  ? -4.830  7.329   -5.030  1.00 21.30 ? 63  VAL A C   1 
ATOM   378  O  O   . VAL A 1 51  ? -5.622  8.125   -5.547  1.00 21.27 ? 63  VAL A O   1 
ATOM   379  C  CB  . VAL A 1 51  ? -3.464  6.191   -6.839  1.00 19.95 ? 63  VAL A CB  1 
ATOM   380  C  CG1 . VAL A 1 51  ? -4.015  7.032   -7.951  1.00 20.61 ? 63  VAL A CG1 1 
ATOM   381  C  CG2 . VAL A 1 51  ? -2.187  6.824   -6.286  1.00 21.86 ? 63  VAL A CG2 1 
ATOM   382  N  N   . ALA A 1 52  ? -4.190  7.543   -3.888  1.00 21.93 ? 64  ALA A N   1 
ATOM   383  C  CA  . ALA A 1 52  ? -4.300  8.748   -3.099  1.00 20.70 ? 64  ALA A CA  1 
ATOM   384  C  C   . ALA A 1 52  ? -2.953  9.377   -2.937  1.00 22.17 ? 64  ALA A C   1 
ATOM   385  O  O   . ALA A 1 52  ? -1.921  8.664   -2.878  1.00 23.59 ? 64  ALA A O   1 
ATOM   386  C  CB  . ALA A 1 52  ? -4.895  8.403   -1.729  1.00 22.17 ? 64  ALA A CB  1 
ATOM   387  N  N   . VAL A 1 53  ? -2.917  10.704  -2.942  1.00 21.09 ? 65  VAL A N   1 
ATOM   388  C  CA  . VAL A 1 53  ? -1.709  11.455  -2.655  1.00 20.43 ? 65  VAL A CA  1 
ATOM   389  C  C   . VAL A 1 53  ? -1.861  12.168  -1.320  1.00 21.67 ? 65  VAL A C   1 
ATOM   390  O  O   . VAL A 1 53  ? -2.845  12.886  -1.090  1.00 23.55 ? 65  VAL A O   1 
ATOM   391  C  CB  . VAL A 1 53  ? -1.391  12.490  -3.760  1.00 22.16 ? 65  VAL A CB  1 
ATOM   392  C  CG1 . VAL A 1 53  ? -0.077  13.218  -3.457  1.00 23.93 ? 65  VAL A CG1 1 
ATOM   393  C  CG2 . VAL A 1 53  ? -1.304  11.835  -5.108  1.00 23.65 ? 65  VAL A CG2 1 
ATOM   394  N  N   . PHE A 1 54  ? -0.880  11.954  -0.454  1.00 21.67 ? 66  PHE A N   1 
ATOM   395  C  CA  . PHE A 1 54  ? -0.818  12.623  0.835   1.00 20.43 ? 66  PHE A CA  1 
ATOM   396  C  C   . PHE A 1 54  ? 0.345   13.582  0.803   1.00 23.30 ? 66  PHE A C   1 
ATOM   397  O  O   . PHE A 1 54  ? 1.461   13.210  0.449   1.00 21.85 ? 66  PHE A O   1 
ATOM   398  C  CB  . PHE A 1 54  ? -0.607  11.614  1.945   1.00 20.93 ? 66  PHE A CB  1 
ATOM   399  C  CG  . PHE A 1 54  ? -1.778  10.730  2.191   1.00 22.39 ? 66  PHE A CG  1 
ATOM   400  C  CD1 . PHE A 1 54  ? -1.955  9.572   1.462   1.00 25.21 ? 66  PHE A CD1 1 
ATOM   401  C  CD2 . PHE A 1 54  ? -2.680  11.038  3.191   1.00 25.48 ? 66  PHE A CD2 1 
ATOM   402  C  CE1 . PHE A 1 54  ? -3.017  8.770   1.673   1.00 23.87 ? 66  PHE A CE1 1 
ATOM   403  C  CE2 . PHE A 1 54  ? -3.743  10.233  3.441   1.00 22.86 ? 66  PHE A CE2 1 
ATOM   404  C  CZ  . PHE A 1 54  ? -3.941  9.104   2.689   1.00 22.73 ? 66  PHE A CZ  1 
ATOM   405  N  N   . GLU A 1 55  ? 0.087   14.819  1.187   1.00 23.11 ? 67  GLU A N   1 
ATOM   406  C  CA  . GLU A 1 55  ? 1.154   15.794  1.380   1.00 24.48 ? 67  GLU A CA  1 
ATOM   407  C  C   . GLU A 1 55  ? 1.747   15.612  2.761   1.00 27.18 ? 67  GLU A C   1 
ATOM   408  O  O   . GLU A 1 55  ? 1.023   15.553  3.747   1.00 24.90 ? 67  GLU A O   1 
ATOM   409  C  CB  . GLU A 1 55  ? 0.607   17.198  1.249   1.00 27.56 ? 67  GLU A CB  1 
ATOM   410  C  CG  . GLU A 1 55  ? -0.042  17.514  -0.073  1.00 33.24 ? 67  GLU A CG  1 
ATOM   411  C  CD  . GLU A 1 55  ? 0.865   17.343  -1.280  1.00 39.99 ? 67  GLU A CD  1 
ATOM   412  O  OE1 . GLU A 1 55  ? 2.110   17.522  -1.161  1.00 44.38 ? 67  GLU A OE1 1 
ATOM   413  O  OE2 . GLU A 1 55  ? 0.312   17.032  -2.375  1.00 50.79 ? 67  GLU A OE2 1 
ATOM   414  N  N   . THR A 1 56  ? 3.069   15.513  2.833   1.00 25.63 ? 68  THR A N   1 
ATOM   415  C  CA  . THR A 1 56  ? 3.752   15.232  4.093   1.00 26.75 ? 68  THR A CA  1 
ATOM   416  C  C   . THR A 1 56  ? 4.885   16.234  4.187   1.00 28.10 ? 68  THR A C   1 
ATOM   417  O  O   . THR A 1 56  ? 5.147   16.982  3.248   1.00 29.67 ? 68  THR A O   1 
ATOM   418  C  CB  . THR A 1 56  ? 4.312   13.788  4.194   1.00 29.07 ? 68  THR A CB  1 
ATOM   419  O  OG1 . THR A 1 56  ? 5.532   13.666  3.438   1.00 27.41 ? 68  THR A OG1 1 
ATOM   420  C  CG2 . THR A 1 56  ? 3.365   12.764  3.719   1.00 27.54 ? 68  THR A CG2 1 
ATOM   421  N  N   . GLU A 1 57  ? 5.548   16.272  5.331   1.00 29.65 ? 69  GLU A N   1 
ATOM   422  C  CA  . GLU A 1 57  ? 6.675   17.192  5.479   1.00 32.56 ? 69  GLU A CA  1 
ATOM   423  C  C   . GLU A 1 57  ? 7.832   16.790  4.563   1.00 31.33 ? 69  GLU A C   1 
ATOM   424  O  O   . GLU A 1 57  ? 8.720   17.585  4.293   1.00 32.01 ? 69  GLU A O   1 
ATOM   425  C  CB  . GLU A 1 57  ? 7.167   17.229  6.922   1.00 32.84 ? 69  GLU A CB  1 
ATOM   426  C  CG  . GLU A 1 57  ? 7.593   15.911  7.505   1.00 34.77 ? 69  GLU A CG  1 
ATOM   427  C  CD  . GLU A 1 57  ? 8.349   16.097  8.819   1.00 36.71 ? 69  GLU A CD  1 
ATOM   428  O  OE1 . GLU A 1 57  ? 9.253   16.966  8.870   1.00 40.44 ? 69  GLU A OE1 1 
ATOM   429  O  OE2 . GLU A 1 57  ? 8.054   15.364  9.788   1.00 41.01 ? 69  GLU A OE2 1 
ATOM   430  N  N   . TYR A 1 58  ? 7.823   15.542  4.120   1.00 29.23 ? 70  TYR A N   1 
ATOM   431  C  CA  . TYR A 1 58  ? 8.879   15.004  3.260   1.00 30.22 ? 70  TYR A CA  1 
ATOM   432  C  C   . TYR A 1 58  ? 8.611   15.280  1.777   1.00 30.23 ? 70  TYR A C   1 
ATOM   433  O  O   . TYR A 1 58  ? 9.515   15.153  0.940   1.00 29.52 ? 70  TYR A O   1 
ATOM   434  C  CB  . TYR A 1 58  ? 8.977   13.512  3.510   1.00 31.98 ? 70  TYR A CB  1 
ATOM   435  C  CG  . TYR A 1 58  ? 9.382   13.174  4.921   1.00 36.02 ? 70  TYR A CG  1 
ATOM   436  C  CD1 . TYR A 1 58  ? 10.700  13.301  5.314   1.00 40.03 ? 70  TYR A CD1 1 
ATOM   437  C  CD2 . TYR A 1 58  ? 8.452   12.737  5.871   1.00 38.25 ? 70  TYR A CD2 1 
ATOM   438  C  CE1 . TYR A 1 58  ? 11.102  12.996  6.608   1.00 41.52 ? 70  TYR A CE1 1 
ATOM   439  C  CE2 . TYR A 1 58  ? 8.858   12.434  7.186   1.00 36.83 ? 70  TYR A CE2 1 
ATOM   440  C  CZ  . TYR A 1 58  ? 10.175  12.563  7.534   1.00 39.81 ? 70  TYR A CZ  1 
ATOM   441  O  OH  . TYR A 1 58  ? 10.626  12.265  8.809   1.00 43.15 ? 70  TYR A OH  1 
ATOM   442  N  N   . GLY A 1 59  ? 7.378   15.679  1.470   1.00 26.97 ? 71  GLY A N   1 
ATOM   443  C  CA  . GLY A 1 59  ? 6.868   15.833  0.108   1.00 25.41 ? 71  GLY A CA  1 
ATOM   444  C  C   . GLY A 1 59  ? 5.705   14.880  -0.135  1.00 24.15 ? 71  GLY A C   1 
ATOM   445  O  O   . GLY A 1 59  ? 5.256   14.199  0.783   1.00 24.54 ? 71  GLY A O   1 
ATOM   446  N  N   . PRO A 1 60  ? 5.229   14.804  -1.379  1.00 23.87 ? 72  PRO A N   1 
ATOM   447  C  CA  . PRO A 1 60  ? 4.048   13.990  -1.632  1.00 21.58 ? 72  PRO A CA  1 
ATOM   448  C  C   . PRO A 1 60  ? 4.387   12.501  -1.634  1.00 20.93 ? 72  PRO A C   1 
ATOM   449  O  O   . PRO A 1 60  ? 5.434   12.094  -2.143  1.00 21.34 ? 72  PRO A O   1 
ATOM   450  C  CB  . PRO A 1 60  ? 3.589   14.468  -3.004  1.00 24.22 ? 72  PRO A CB  1 
ATOM   451  C  CG  . PRO A 1 60  ? 4.817   14.949  -3.694  1.00 23.69 ? 72  PRO A CG  1 
ATOM   452  C  CD  . PRO A 1 60  ? 5.731   15.466  -2.599  1.00 26.32 ? 72  PRO A CD  1 
ATOM   453  N  N   . VAL A 1 61  ? 3.496   11.720  -1.049  1.00 20.30 ? 73  VAL A N   1 
ATOM   454  C  CA  . VAL A 1 61  ? 3.581   10.276  -1.021  1.00 22.38 ? 73  VAL A CA  1 
ATOM   455  C  C   . VAL A 1 61  ? 2.307   9.688   -1.648  1.00 22.75 ? 73  VAL A C   1 
ATOM   456  O  O   . VAL A 1 61  ? 1.196   10.167  -1.406  1.00 23.29 ? 73  VAL A O   1 
ATOM   457  C  CB  . VAL A 1 61  ? 3.747   9.786   0.431   1.00 22.85 ? 73  VAL A CB  1 
ATOM   458  C  CG1 . VAL A 1 61  ? 3.721   8.289   0.484   1.00 28.56 ? 73  VAL A CG1 1 
ATOM   459  C  CG2 . VAL A 1 61  ? 5.078   10.314  1.007   1.00 25.20 ? 73  VAL A CG2 1 
ATOM   460  N  N   . PHE A 1 62  ? 2.478   8.677   -2.492  1.00 20.87 ? 74  PHE A N   1 
ATOM   461  C  CA  . PHE A 1 62  ? 1.378   8.064   -3.205  1.00 21.04 ? 74  PHE A CA  1 
ATOM   462  C  C   . PHE A 1 62  ? 1.029   6.731   -2.565  1.00 24.08 ? 74  PHE A C   1 
ATOM   463  O  O   . PHE A 1 62  ? 1.896   5.916   -2.280  1.00 23.98 ? 74  PHE A O   1 
ATOM   464  C  CB  . PHE A 1 62  ? 1.757   7.821   -4.669  1.00 22.62 ? 74  PHE A CB  1 
ATOM   465  C  CG  . PHE A 1 62  ? 2.009   9.075   -5.470  1.00 24.49 ? 74  PHE A CG  1 
ATOM   466  C  CD1 . PHE A 1 62  ? 3.148   9.840   -5.241  1.00 25.20 ? 74  PHE A CD1 1 
ATOM   467  C  CD2 . PHE A 1 62  ? 1.134   9.469   -6.468  1.00 26.23 ? 74  PHE A CD2 1 
ATOM   468  C  CE1 . PHE A 1 62  ? 3.387   10.978  -5.968  1.00 26.84 ? 74  PHE A CE1 1 
ATOM   469  C  CE2 . PHE A 1 62  ? 1.373   10.631  -7.207  1.00 25.76 ? 74  PHE A CE2 1 
ATOM   470  C  CZ  . PHE A 1 62  ? 2.477   11.372  -6.966  1.00 25.25 ? 74  PHE A CZ  1 
ATOM   471  N  N   . LEU A 1 63  ? -0.252  6.519   -2.330  1.00 22.03 ? 75  LEU A N   1 
ATOM   472  C  CA  . LEU A 1 63  ? -0.753  5.268   -1.811  1.00 23.75 ? 75  LEU A CA  1 
ATOM   473  C  C   . LEU A 1 63  ? -1.736  4.674   -2.806  1.00 24.02 ? 75  LEU A C   1 
ATOM   474  O  O   . LEU A 1 63  ? -2.753  5.288   -3.128  1.00 22.93 ? 75  LEU A O   1 
ATOM   475  C  CB  . LEU A 1 63  ? -1.443  5.481   -0.489  1.00 22.67 ? 75  LEU A CB  1 
ATOM   476  C  CG  . LEU A 1 63  ? -2.192  4.270   0.063   1.00 25.52 ? 75  LEU A CG  1 
ATOM   477  C  CD1 . LEU A 1 63  ? -1.186  3.293   0.592   1.00 25.04 ? 75  LEU A CD1 1 
ATOM   478  C  CD2 . LEU A 1 63  ? -3.163  4.669   1.143   1.00 29.24 ? 75  LEU A CD2 1 
ATOM   479  N  N   . TYR A 1 64  ? -1.412  3.489   -3.281  1.00 23.00 ? 76  TYR A N   1 
ATOM   480  C  CA  . TYR A 1 64  ? -2.263  2.686   -4.171  1.00 22.76 ? 76  TYR A CA  1 
ATOM   481  C  C   . TYR A 1 64  ? -2.914  1.601   -3.339  1.00 23.16 ? 76  TYR A C   1 
ATOM   482  O  O   . TYR A 1 64  ? -2.248  0.925   -2.540  1.00 25.00 ? 76  TYR A O   1 
ATOM   483  C  CB  . TYR A 1 64  ? -1.454  2.053   -5.295  1.00 22.53 ? 76  TYR A CB  1 
ATOM   484  C  CG  . TYR A 1 64  ? -0.732  3.041   -6.188  1.00 19.95 ? 76  TYR A CG  1 
ATOM   485  C  CD1 . TYR A 1 64  ? 0.460   3.637   -5.788  1.00 22.76 ? 76  TYR A CD1 1 
ATOM   486  C  CD2 . TYR A 1 64  ? -1.224  3.359   -7.430  1.00 20.78 ? 76  TYR A CD2 1 
ATOM   487  C  CE1 . TYR A 1 64  ? 1.104   4.540   -6.597  1.00 22.32 ? 76  TYR A CE1 1 
ATOM   488  C  CE2 . TYR A 1 64  ? -0.573  4.273   -8.263  1.00 23.84 ? 76  TYR A CE2 1 
ATOM   489  C  CZ  . TYR A 1 64  ? 0.602   4.848   -7.839  1.00 22.08 ? 76  TYR A CZ  1 
ATOM   490  O  OH  . TYR A 1 64  ? 1.256   5.773   -8.637  1.00 26.11 ? 76  TYR A OH  1 
ATOM   491  N  N   . VAL A 1 65  ? -4.214  1.455   -3.515  1.00 23.41 ? 77  VAL A N   1 
ATOM   492  C  CA  . VAL A 1 65  ? -4.971  0.483   -2.743  1.00 22.63 ? 77  VAL A CA  1 
ATOM   493  C  C   . VAL A 1 65  ? -5.844  -0.376  -3.647  1.00 23.22 ? 77  VAL A C   1 
ATOM   494  O  O   . VAL A 1 65  ? -6.550  0.136   -4.526  1.00 22.47 ? 77  VAL A O   1 
ATOM   495  C  CB  A VAL A 1 65  ? -5.980  1.139   -1.786  0.65 25.36 ? 77  VAL A CB  1 
ATOM   496  C  CB  B VAL A 1 65  ? -5.772  1.170   -1.591  0.35 23.50 ? 77  VAL A CB  1 
ATOM   497  C  CG1 A VAL A 1 65  ? -6.525  0.080   -0.800  0.65 21.95 ? 77  VAL A CG1 1 
ATOM   498  C  CG1 B VAL A 1 65  ? -4.828  1.892   -0.644  0.35 27.39 ? 77  VAL A CG1 1 
ATOM   499  C  CG2 A VAL A 1 65  ? -5.383  2.343   -1.109  0.65 28.47 ? 77  VAL A CG2 1 
ATOM   500  C  CG2 B VAL A 1 65  ? -6.782  2.167   -2.106  0.35 18.95 ? 77  VAL A CG2 1 
ATOM   501  N  N   . TYR A 1 66  ? -5.851  -1.670  -3.367  1.00 22.05 ? 78  TYR A N   1 
ATOM   502  C  CA  . TYR A 1 66  ? -6.720  -2.636  -4.015  1.00 21.47 ? 78  TYR A CA  1 
ATOM   503  C  C   . TYR A 1 66  ? -7.359  -3.494  -2.929  1.00 21.49 ? 78  TYR A C   1 
ATOM   504  O  O   . TYR A 1 66  ? -6.673  -3.919  -1.990  1.00 22.42 ? 78  TYR A O   1 
ATOM   505  C  CB  . TYR A 1 66  ? -5.919  -3.536  -4.998  1.00 23.18 ? 78  TYR A CB  1 
ATOM   506  C  CG  . TYR A 1 66  ? -6.648  -4.812  -5.385  1.00 22.12 ? 78  TYR A CG  1 
ATOM   507  C  CD1 . TYR A 1 66  ? -6.591  -5.956  -4.573  1.00 23.22 ? 78  TYR A CD1 1 
ATOM   508  C  CD2 . TYR A 1 66  ? -7.411  -4.875  -6.556  1.00 19.94 ? 78  TYR A CD2 1 
ATOM   509  C  CE1 . TYR A 1 66  ? -7.286  -7.091  -4.906  1.00 23.97 ? 78  TYR A CE1 1 
ATOM   510  C  CE2 . TYR A 1 66  ? -8.115  -6.032  -6.905  1.00 22.78 ? 78  TYR A CE2 1 
ATOM   511  C  CZ  . TYR A 1 66  ? -8.034  -7.141  -6.064  1.00 22.87 ? 78  TYR A CZ  1 
ATOM   512  O  OH  . TYR A 1 66  ? -8.707  -8.310  -6.369  1.00 25.74 ? 78  TYR A OH  1 
ATOM   513  N  N   . LYS A 1 67  ? -8.666  -3.727  -3.045  1.00 20.79 ? 79  LYS A N   1 
ATOM   514  C  CA  . LYS A 1 67  ? -9.394  -4.649  -2.181  1.00 24.75 ? 79  LYS A CA  1 
ATOM   515  C  C   . LYS A 1 67  ? -10.002 -5.714  -3.070  1.00 25.33 ? 79  LYS A C   1 
ATOM   516  O  O   . LYS A 1 67  ? -10.696 -5.399  -4.036  1.00 22.66 ? 79  LYS A O   1 
ATOM   517  C  CB  . LYS A 1 67  ? -10.544 -3.929  -1.461  1.00 25.77 ? 79  LYS A CB  1 
ATOM   518  C  CG  . LYS A 1 67  ? -11.322 -4.838  -0.532  1.00 25.84 ? 79  LYS A CG  1 
ATOM   519  C  CD  . LYS A 1 67  ? -12.424 -4.107  0.199   1.00 25.83 ? 79  LYS A CD  1 
ATOM   520  C  CE  . LYS A 1 67  ? -13.108 -5.074  1.171   1.00 27.89 ? 79  LYS A CE  1 
ATOM   521  N  NZ  . LYS A 1 67  ? -14.359 -4.494  1.726   1.00 28.81 ? 79  LYS A NZ  1 
ATOM   522  N  N   . GLY A 1 68  ? -9.814  -6.974  -2.725  1.00 23.76 ? 80  GLY A N   1 
ATOM   523  C  CA  . GLY A 1 68  ? -10.393 -8.056  -3.475  1.00 25.24 ? 80  GLY A CA  1 
ATOM   524  C  C   . GLY A 1 68  ? -9.692  -9.394  -3.351  1.00 25.17 ? 80  GLY A C   1 
ATOM   525  O  O   . GLY A 1 68  ? -8.696  -9.524  -2.645  1.00 25.89 ? 80  GLY A O   1 
ATOM   526  N  N   . GLU A 1 69  ? -10.229 -10.373 -4.074  1.00 26.00 ? 81  GLU A N   1 
ATOM   527  C  CA  . GLU A 1 69  ? -9.780  -11.763 -3.978  1.00 28.57 ? 81  GLU A CA  1 
ATOM   528  C  C   . GLU A 1 69  ? -8.496  -12.052 -4.737  1.00 27.37 ? 81  GLU A C   1 
ATOM   529  O  O   . GLU A 1 69  ? -7.949  -13.156 -4.626  1.00 26.12 ? 81  GLU A O   1 
ATOM   530  C  CB  . GLU A 1 69  ? -10.868 -12.705 -4.495  1.00 29.45 ? 81  GLU A CB  1 
ATOM   531  C  CG  . GLU A 1 69  ? -12.213 -12.574 -3.801  1.00 35.99 ? 81  GLU A CG  1 
ATOM   532  N  N   . GLU A 1 70  ? -8.009  -11.091 -5.505  1.00 25.80 ? 82  GLU A N   1 
ATOM   533  C  CA  . GLU A 1 70  ? -6.830  -11.319 -6.335  1.00 27.46 ? 82  GLU A CA  1 
ATOM   534  C  C   . GLU A 1 70  ? -5.618  -10.554 -5.857  1.00 26.25 ? 82  GLU A C   1 
ATOM   535  O  O   . GLU A 1 70  ? -4.711  -10.311 -6.632  1.00 24.61 ? 82  GLU A O   1 
ATOM   536  C  CB  . GLU A 1 70  ? -7.127  -10.947 -7.782  1.00 29.34 ? 82  GLU A CB  1 
ATOM   537  C  CG  . GLU A 1 70  ? -8.244  -11.712 -8.407  1.00 31.92 ? 82  GLU A CG  1 
ATOM   538  C  CD  . GLU A 1 70  ? -8.338  -11.429 -9.902  1.00 35.12 ? 82  GLU A CD  1 
ATOM   539  O  OE1 . GLU A 1 70  ? -8.586  -10.251 -10.269 1.00 39.42 ? 82  GLU A OE1 1 
ATOM   540  O  OE2 . GLU A 1 70  ? -8.151  -12.393 -10.688 1.00 41.22 ? 82  GLU A OE2 1 
ATOM   541  N  N   . ALA A 1 71  ? -5.557  -10.215 -4.568  1.00 23.61 ? 83  ALA A N   1 
ATOM   542  C  CA  . ALA A 1 71  ? -4.448  -9.399  -4.041  1.00 24.39 ? 83  ALA A CA  1 
ATOM   543  C  C   . ALA A 1 71  ? -3.104  -10.069 -4.264  1.00 23.05 ? 83  ALA A C   1 
ATOM   544  O  O   . ALA A 1 71  ? -2.174  -9.429  -4.766  1.00 23.26 ? 83  ALA A O   1 
ATOM   545  C  CB  . ALA A 1 71  ? -4.650  -9.111  -2.568  1.00 27.07 ? 83  ALA A CB  1 
ATOM   546  N  N   . LYS A 1 72  ? -3.002  -11.339 -3.914  1.00 24.19 ? 84  LYS A N   1 
ATOM   547  C  CA  . LYS A 1 72  ? -1.756  -12.096 -4.126  1.00 23.74 ? 84  LYS A CA  1 
ATOM   548  C  C   . LYS A 1 72  ? -1.320  -12.119 -5.588  1.00 24.67 ? 84  LYS A C   1 
ATOM   549  O  O   . LYS A 1 72  ? -0.160  -11.837 -5.885  1.00 23.27 ? 84  LYS A O   1 
ATOM   550  C  CB  . LYS A 1 72  ? -1.862  -13.526 -3.593  1.00 23.86 ? 84  LYS A CB  1 
ATOM   551  C  CG  . LYS A 1 72  ? -0.539  -14.280 -3.634  1.00 22.48 ? 84  LYS A CG  1 
ATOM   552  C  CD  . LYS A 1 72  ? -0.618  -15.717 -3.135  1.00 26.41 ? 84  LYS A CD  1 
ATOM   553  C  CE  . LYS A 1 72  ? 0.813   -16.268 -2.837  1.00 27.70 ? 84  LYS A CE  1 
ATOM   554  N  NZ  . LYS A 1 72  ? 0.665   -17.682 -2.343  1.00 29.51 ? 84  LYS A NZ  1 
ATOM   555  N  N   . LYS A 1 73  ? -2.245  -12.471 -6.480  1.00 25.25 ? 85  LYS A N   1 
ATOM   556  C  CA  . LYS A 1 73  ? -1.965  -12.572 -7.911  1.00 26.02 ? 85  LYS A CA  1 
ATOM   557  C  C   . LYS A 1 73  ? -1.375  -11.271 -8.441  1.00 23.96 ? 85  LYS A C   1 
ATOM   558  O  O   . LYS A 1 73  ? -0.376  -11.271 -9.178  1.00 23.10 ? 85  LYS A O   1 
ATOM   559  C  CB  . LYS A 1 73  ? -3.265  -12.937 -8.645  1.00 25.22 ? 85  LYS A CB  1 
ATOM   560  C  CG  . LYS A 1 73  ? -3.174  -13.176 -10.139 1.00 29.56 ? 85  LYS A CG  1 
ATOM   561  C  CD  . LYS A 1 73  ? -4.556  -13.579 -10.749 1.00 30.63 ? 85  LYS A CD  1 
ATOM   562  N  N   . ILE A 1 74  ? -1.988  -10.163 -8.053  1.00 23.46 ? 86  ILE A N   1 
ATOM   563  C  CA  . ILE A 1 74  ? -1.565  -8.844  -8.510  1.00 21.40 ? 86  ILE A CA  1 
ATOM   564  C  C   . ILE A 1 74  ? -0.210  -8.499  -7.933  1.00 22.67 ? 86  ILE A C   1 
ATOM   565  O  O   . ILE A 1 74  ? 0.683   -8.039  -8.657  1.00 22.20 ? 86  ILE A O   1 
ATOM   566  C  CB  . ILE A 1 74  ? -2.586  -7.745  -8.102  1.00 23.22 ? 86  ILE A CB  1 
ATOM   567  C  CG1 . ILE A 1 74  ? -3.912  -7.993  -8.794  1.00 24.02 ? 86  ILE A CG1 1 
ATOM   568  C  CG2 . ILE A 1 74  ? -2.044  -6.370  -8.466  1.00 24.36 ? 86  ILE A CG2 1 
ATOM   569  C  CD1 . ILE A 1 74  ? -5.071  -7.149  -8.215  1.00 23.88 ? 86  ILE A CD1 1 
ATOM   570  N  N   . TRP A 1 75  ? -0.055  -8.715  -6.630  1.00 22.71 ? 87  TRP A N   1 
ATOM   571  C  CA  . TRP A 1 75  ? 1.226   -8.454  -5.964  1.00 23.93 ? 87  TRP A CA  1 
ATOM   572  C  C   . TRP A 1 75  ? 2.342   -9.270  -6.630  1.00 23.83 ? 87  TRP A C   1 
ATOM   573  O  O   . TRP A 1 75  ? 3.447   -8.757  -6.902  1.00 24.69 ? 87  TRP A O   1 
ATOM   574  C  CB  . TRP A 1 75  ? 1.130   -8.782  -4.456  1.00 23.72 ? 87  TRP A CB  1 
ATOM   575  C  CG  . TRP A 1 75  ? 2.415   -8.516  -3.698  1.00 21.42 ? 87  TRP A CG  1 
ATOM   576  C  CD1 . TRP A 1 75  ? 2.803   -7.365  -3.077  1.00 22.21 ? 87  TRP A CD1 1 
ATOM   577  C  CD2 . TRP A 1 75  ? 3.473   -9.458  -3.497  1.00 22.12 ? 87  TRP A CD2 1 
ATOM   578  N  NE1 . TRP A 1 75  ? 4.038   -7.547  -2.493  1.00 23.55 ? 87  TRP A NE1 1 
ATOM   579  C  CE2 . TRP A 1 75  ? 4.461   -8.822  -2.740  1.00 20.46 ? 87  TRP A CE2 1 
ATOM   580  C  CE3 . TRP A 1 75  ? 3.651   -10.801 -3.845  1.00 22.01 ? 87  TRP A CE3 1 
ATOM   581  C  CZ2 . TRP A 1 75  ? 5.632   -9.455  -2.376  1.00 20.34 ? 87  TRP A CZ2 1 
ATOM   582  C  CZ3 . TRP A 1 75  ? 4.820   -11.447 -3.461  1.00 22.57 ? 87  TRP A CZ3 1 
ATOM   583  C  CH2 . TRP A 1 75  ? 5.795   -10.776 -2.746  1.00 24.34 ? 87  TRP A CH2 1 
ATOM   584  N  N   . LYS A 1 76  ? 2.066   -10.525 -6.953  1.00 25.64 ? 88  LYS A N   1 
ATOM   585  C  CA  . LYS A 1 76  ? 3.075   -11.299 -7.654  1.00 28.99 ? 88  LYS A CA  1 
ATOM   586  C  C   . LYS A 1 76  ? 3.387   -10.731 -9.040  1.00 29.45 ? 88  LYS A C   1 
ATOM   587  O  O   . LYS A 1 76  ? 4.537   -10.713 -9.431  1.00 27.05 ? 88  LYS A O   1 
ATOM   588  C  CB  . LYS A 1 76  ? 2.684   -12.768 -7.743  1.00 32.07 ? 88  LYS A CB  1 
ATOM   589  C  CG  . LYS A 1 76  ? 2.991   -13.497 -6.447  1.00 34.37 ? 88  LYS A CG  1 
ATOM   590  C  CD  . LYS A 1 76  ? 2.955   -14.992 -6.586  1.00 35.88 ? 88  LYS A CD  1 
ATOM   591  C  CE  . LYS A 1 76  ? 3.654   -15.668 -5.396  1.00 39.35 ? 88  LYS A CE  1 
ATOM   592  N  N   . LYS A 1 77  ? 2.368   -10.267 -9.773  1.00 27.60 ? 89  LYS A N   1 
ATOM   593  C  CA  . LYS A 1 77  ? 2.608   -9.630  -11.068 1.00 27.86 ? 89  LYS A CA  1 
ATOM   594  C  C   . LYS A 1 77  ? 3.442   -8.366  -10.895 1.00 27.88 ? 89  LYS A C   1 
ATOM   595  O  O   . LYS A 1 77  ? 4.318   -8.098  -11.713 1.00 29.61 ? 89  LYS A O   1 
ATOM   596  C  CB  . LYS A 1 77  ? 1.292   -9.303  -11.776 1.00 26.85 ? 89  LYS A CB  1 
ATOM   597  C  CG  . LYS A 1 77  ? 0.698   -10.484 -12.503 1.00 29.40 ? 89  LYS A CG  1 
ATOM   598  C  CD  . LYS A 1 77  ? -0.746  -10.239 -12.951 1.00 32.80 ? 89  LYS A CD  1 
ATOM   599  N  N   . LEU A 1 78  ? 3.189   -7.610  -9.827  1.00 27.04 ? 90  LEU A N   1 
ATOM   600  C  CA  . LEU A 1 78  ? 3.939   -6.383  -9.547  1.00 29.93 ? 90  LEU A CA  1 
ATOM   601  C  C   . LEU A 1 78  ? 5.383   -6.697  -9.250  1.00 34.35 ? 90  LEU A C   1 
ATOM   602  O  O   . LEU A 1 78  ? 6.304   -6.027  -9.734  1.00 34.06 ? 90  LEU A O   1 
ATOM   603  C  CB  . LEU A 1 78  ? 3.369   -5.632  -8.350  1.00 29.10 ? 90  LEU A CB  1 
ATOM   604  C  CG  . LEU A 1 78  ? 2.018   -4.955  -8.520  1.00 30.63 ? 90  LEU A CG  1 
ATOM   605  C  CD1 . LEU A 1 78  ? 1.536   -4.466  -7.148  1.00 33.22 ? 90  LEU A CD1 1 
ATOM   606  C  CD2 . LEU A 1 78  ? 2.122   -3.824  -9.502  1.00 35.37 ? 90  LEU A CD2 1 
ATOM   607  N  N   . ASN A 1 79  ? 5.576   -7.708  -8.423  1.00 37.33 ? 91  ASN A N   1 
ATOM   608  C  CA  . ASN A 1 79  ? 6.907   -8.096  -7.995  1.00 38.98 ? 91  ASN A CA  1 
ATOM   609  C  C   . ASN A 1 79  ? 7.723   -8.596  -9.183  1.00 41.27 ? 91  ASN A C   1 
ATOM   610  O  O   . ASN A 1 79  ? 8.932   -8.391  -9.226  1.00 37.30 ? 91  ASN A O   1 
ATOM   611  C  CB  . ASN A 1 79  ? 6.804   -9.161  -6.897  1.00 40.69 ? 91  ASN A CB  1 
ATOM   612  C  CG  . ASN A 1 79  ? 8.133   -9.469  -6.282  1.00 42.77 ? 91  ASN A CG  1 
ATOM   613  O  OD1 . ASN A 1 79  ? 8.878   -8.549  -5.918  1.00 43.81 ? 91  ASN A OD1 1 
ATOM   614  N  ND2 . ASN A 1 79  ? 8.470   -10.757 -6.194  1.00 40.64 ? 91  ASN A ND2 1 
ATOM   615  N  N   . GLY A 1 80  ? 7.057   -9.215  -10.161 1.00 45.62 ? 92  GLY A N   1 
ATOM   616  C  CA  . GLY A 1 80  ? 7.709   -9.675  -11.399 1.00 50.44 ? 92  GLY A CA  1 
ATOM   617  C  C   . GLY A 1 80  ? 7.931   -8.642  -12.516 1.00 52.61 ? 92  GLY A C   1 
ATOM   618  O  O   . GLY A 1 80  ? 8.559   -8.951  -13.526 1.00 51.49 ? 92  GLY A O   1 
ATOM   619  N  N   . ARG A 1 81  ? 7.444   -7.414  -12.349 1.00 56.41 ? 93  ARG A N   1 
ATOM   620  C  CA  . ARG A 1 81  ? 7.502   -6.417  -13.424 1.00 58.98 ? 93  ARG A CA  1 
ATOM   621  C  C   . ARG A 1 81  ? 8.879   -5.712  -13.533 1.00 60.67 ? 93  ARG A C   1 
ATOM   622  O  O   . ARG A 1 81  ? 9.382   -5.111  -12.577 1.00 62.40 ? 93  ARG A O   1 
ATOM   623  C  CB  . ARG A 1 81  ? 6.338   -5.412  -13.293 1.00 60.94 ? 93  ARG A CB  1 
ATOM   624  C  CG  . ARG A 1 81  ? 6.627   -4.144  -12.493 1.00 63.22 ? 93  ARG A CG  1 
ATOM   625  C  CD  . ARG A 1 81  ? 5.379   -3.288  -12.301 1.00 64.27 ? 93  ARG A CD  1 
ATOM   626  N  NE  . ARG A 1 81  ? 5.635   -1.886  -12.641 1.00 66.98 ? 93  ARG A NE  1 
ATOM   627  C  CZ  . ARG A 1 81  ? 5.466   -1.340  -13.850 1.00 68.86 ? 93  ARG A CZ  1 
ATOM   628  N  NH1 . ARG A 1 81  ? 5.017   -2.060  -14.877 1.00 69.59 ? 93  ARG A NH1 1 
ATOM   629  N  NH2 . ARG A 1 81  ? 5.751   -0.050  -14.039 1.00 69.43 ? 93  ARG A NH2 1 
ATOM   630  N  N   . VAL A 1 85  ? 13.695  -1.323  -12.225 1.00 38.74 ? 97  VAL A N   1 
ATOM   631  C  CA  . VAL A 1 85  ? 14.482  -1.345  -10.980 1.00 35.79 ? 97  VAL A CA  1 
ATOM   632  C  C   . VAL A 1 85  ? 15.769  -2.169  -11.099 1.00 34.01 ? 97  VAL A C   1 
ATOM   633  O  O   . VAL A 1 85  ? 15.896  -3.077  -11.927 1.00 35.22 ? 97  VAL A O   1 
ATOM   634  C  CB  . VAL A 1 85  ? 13.661  -1.819  -9.742  1.00 34.63 ? 97  VAL A CB  1 
ATOM   635  C  CG1 . VAL A 1 85  ? 12.287  -1.138  -9.700  1.00 34.16 ? 97  VAL A CG1 1 
ATOM   636  C  CG2 . VAL A 1 85  ? 13.511  -3.322  -9.687  1.00 35.23 ? 97  VAL A CG2 1 
ATOM   637  N  N   . SER A 1 86  ? 16.731  -1.803  -10.263 1.00 27.68 ? 98  SER A N   1 
ATOM   638  C  CA  . SER A 1 86  ? 18.009  -2.463  -10.185 1.00 24.59 ? 98  SER A CA  1 
ATOM   639  C  C   . SER A 1 86  ? 18.069  -3.334  -8.927  1.00 22.07 ? 98  SER A C   1 
ATOM   640  O  O   . SER A 1 86  ? 18.613  -4.417  -8.959  1.00 20.85 ? 98  SER A O   1 
ATOM   641  C  CB  . SER A 1 86  ? 19.118  -1.409  -10.170 1.00 23.36 ? 98  SER A CB  1 
ATOM   642  O  OG  . SER A 1 86  ? 19.208  -0.775  -11.437 1.00 22.05 ? 98  SER A OG  1 
ATOM   643  N  N   . ILE A 1 87  ? 17.511  -2.833  -7.835  1.00 20.63 ? 99  ILE A N   1 
ATOM   644  C  CA  . ILE A 1 87  ? 17.517  -3.539  -6.560  1.00 22.53 ? 99  ILE A CA  1 
ATOM   645  C  C   . ILE A 1 87  ? 16.108  -3.847  -6.061  1.00 21.95 ? 99  ILE A C   1 
ATOM   646  O  O   . ILE A 1 87  ? 15.157  -3.061  -6.187  1.00 22.93 ? 99  ILE A O   1 
ATOM   647  C  CB  . ILE A 1 87  ? 18.271  -2.718  -5.469  1.00 25.10 ? 99  ILE A CB  1 
ATOM   648  C  CG1 . ILE A 1 87  ? 18.518  -3.542  -4.189  1.00 27.47 ? 99  ILE A CG1 1 
ATOM   649  C  CG2 . ILE A 1 87  ? 17.490  -1.453  -5.111  1.00 26.62 ? 99  ILE A CG2 1 
ATOM   650  C  CD1 . ILE A 1 87  ? 19.512  -4.649  -4.351  1.00 26.02 ? 99  ILE A CD1 1 
ATOM   651  N  N   . ARG A 1 88  ? 15.976  -4.985  -5.413  1.00 22.03 ? 100 ARG A N   1 
ATOM   652  C  CA  A ARG A 1 88  ? 14.713  -5.388  -4.835  0.70 25.00 ? 100 ARG A CA  1 
ATOM   653  C  CA  B ARG A 1 88  ? 14.726  -5.312  -4.764  0.30 21.97 ? 100 ARG A CA  1 
ATOM   654  C  C   . ARG A 1 88  ? 14.919  -6.276  -3.607  1.00 23.13 ? 100 ARG A C   1 
ATOM   655  O  O   . ARG A 1 88  ? 15.849  -7.077  -3.586  1.00 21.12 ? 100 ARG A O   1 
ATOM   656  C  CB  A ARG A 1 88  ? 13.925  -6.169  -5.888  0.70 26.07 ? 100 ARG A CB  1 
ATOM   657  C  CB  B ARG A 1 88  ? 13.702  -5.855  -5.772  0.30 22.02 ? 100 ARG A CB  1 
ATOM   658  C  CG  A ARG A 1 88  ? 12.500  -6.516  -5.503  0.70 30.31 ? 100 ARG A CG  1 
ATOM   659  C  CG  B ARG A 1 88  ? 14.097  -7.139  -6.466  0.30 20.91 ? 100 ARG A CG  1 
ATOM   660  C  CD  A ARG A 1 88  ? 11.878  -7.361  -6.621  0.70 31.55 ? 100 ARG A CD  1 
ATOM   661  C  CD  B ARG A 1 88  ? 13.128  -7.492  -7.583  0.30 21.92 ? 100 ARG A CD  1 
ATOM   662  N  NE  A ARG A 1 88  ? 11.686  -6.572  -7.845  0.70 34.32 ? 100 ARG A NE  1 
ATOM   663  N  NE  B ARG A 1 88  ? 13.230  -8.906  -7.955  0.30 21.70 ? 100 ARG A NE  1 
ATOM   664  C  CZ  A ARG A 1 88  ? 10.610  -5.843  -8.132  0.70 34.96 ? 100 ARG A CZ  1 
ATOM   665  C  CZ  B ARG A 1 88  ? 14.022  -9.412  -8.900  0.30 21.20 ? 100 ARG A CZ  1 
ATOM   666  N  NH1 A ARG A 1 88  ? 9.578   -5.801  -7.314  0.70 35.72 ? 100 ARG A NH1 1 
ATOM   667  N  NH1 B ARG A 1 88  ? 14.012  -10.719 -9.115  0.30 18.99 ? 100 ARG A NH1 1 
ATOM   668  N  NH2 A ARG A 1 88  ? 10.554  -5.162  -9.281  0.70 39.18 ? 100 ARG A NH2 1 
ATOM   669  N  NH2 B ARG A 1 88  ? 14.821  -8.646  -9.631  0.30 21.59 ? 100 ARG A NH2 1 
ATOM   670  N  N   . SER A 1 89  ? 14.030  -6.143  -2.631  1.00 23.04 ? 101 SER A N   1 
ATOM   671  C  CA  . SER A 1 89  ? 13.992  -7.030  -1.463  1.00 26.19 ? 101 SER A CA  1 
ATOM   672  C  C   . SER A 1 89  ? 12.586  -7.598  -1.391  1.00 22.81 ? 101 SER A C   1 
ATOM   673  O  O   . SER A 1 89  ? 11.613  -6.844  -1.420  1.00 22.97 ? 101 SER A O   1 
ATOM   674  C  CB  . SER A 1 89  ? 14.291  -6.271  -0.180  1.00 29.23 ? 101 SER A CB  1 
ATOM   675  O  OG  . SER A 1 89  ? 14.263  -7.182  0.914   1.00 37.45 ? 101 SER A OG  1 
ATOM   676  N  N   . VAL A 1 90  ? 12.465  -8.918  -1.264  1.00 20.61 ? 102 VAL A N   1 
ATOM   677  C  CA  . VAL A 1 90  ? 11.157  -9.573  -1.349  1.00 20.30 ? 102 VAL A CA  1 
ATOM   678  C  C   . VAL A 1 90  ? 10.963  -10.613 -0.233  1.00 21.87 ? 102 VAL A C   1 
ATOM   679  O  O   . VAL A 1 90  ? 11.772  -11.510 -0.089  1.00 23.02 ? 102 VAL A O   1 
ATOM   680  C  CB  . VAL A 1 90  ? 10.980  -10.328 -2.702  1.00 24.33 ? 102 VAL A CB  1 
ATOM   681  C  CG1 . VAL A 1 90  ? 9.513   -10.782 -2.888  1.00 24.34 ? 102 VAL A CG1 1 
ATOM   682  C  CG2 . VAL A 1 90  ? 11.386  -9.437  -3.864  1.00 29.12 ? 102 VAL A CG2 1 
ATOM   683  N  N   . LEU A 1 91  ? 9.853   -10.470 0.494   1.00 20.78 ? 103 LEU A N   1 
ATOM   684  C  CA  . LEU A 1 91  ? 9.335   -11.495 1.401   1.00 21.16 ? 103 LEU A CA  1 
ATOM   685  C  C   . LEU A 1 91  ? 8.102   -12.042 0.770   1.00 20.07 ? 103 LEU A C   1 
ATOM   686  O  O   . LEU A 1 91  ? 7.177   -11.306 0.517   1.00 20.40 ? 103 LEU A O   1 
ATOM   687  C  CB  . LEU A 1 91  ? 8.954   -10.865 2.732   1.00 24.38 ? 103 LEU A CB  1 
ATOM   688  C  CG  . LEU A 1 91  ? 8.218   -11.777 3.710   1.00 25.10 ? 103 LEU A CG  1 
ATOM   689  C  CD1 . LEU A 1 91  ? 9.098   -12.890 4.131   1.00 25.70 ? 103 LEU A CD1 1 
ATOM   690  C  CD2 . LEU A 1 91  ? 7.762   -10.938 4.927   1.00 28.90 ? 103 LEU A CD2 1 
ATOM   691  N  N   . ASP A 1 92  ? 8.089   -13.322 0.472   1.00 19.51 ? 104 ASP A N   1 
ATOM   692  C  CA  . ASP A 1 92  ? 6.993   -13.929 -0.295  1.00 20.57 ? 104 ASP A CA  1 
ATOM   693  C  C   . ASP A 1 92  ? 6.541   -15.194 0.428   1.00 20.43 ? 104 ASP A C   1 
ATOM   694  O  O   . ASP A 1 92  ? 7.172   -16.245 0.324   1.00 21.40 ? 104 ASP A O   1 
ATOM   695  C  CB  . ASP A 1 92  ? 7.504   -14.266 -1.709  1.00 24.22 ? 104 ASP A CB  1 
ATOM   696  C  CG  . ASP A 1 92  ? 6.405   -14.769 -2.656  1.00 30.36 ? 104 ASP A CG  1 
ATOM   697  O  OD1 . ASP A 1 92  ? 5.239   -15.001 -2.266  1.00 29.64 ? 104 ASP A OD1 1 
ATOM   698  O  OD2 . ASP A 1 92  ? 6.734   -14.964 -3.847  1.00 39.18 ? 104 ASP A OD2 1 
ATOM   699  N  N   . LEU A 1 93  ? 5.463   -15.077 1.190   1.00 20.55 ? 105 LEU A N   1 
ATOM   700  C  CA  . LEU A 1 93  ? 4.940   -16.199 1.954   1.00 19.24 ? 105 LEU A CA  1 
ATOM   701  C  C   . LEU A 1 93  ? 3.606   -16.623 1.352   1.00 20.82 ? 105 LEU A C   1 
ATOM   702  O  O   . LEU A 1 93  ? 3.020   -15.897 0.554   1.00 21.38 ? 105 LEU A O   1 
ATOM   703  C  CB  . LEU A 1 93  ? 4.768   -15.765 3.423   1.00 19.40 ? 105 LEU A CB  1 
ATOM   704  C  CG  . LEU A 1 93  ? 6.011   -15.215 4.103   1.00 20.85 ? 105 LEU A CG  1 
ATOM   705  C  CD1 . LEU A 1 93  ? 5.670   -14.708 5.504   1.00 22.20 ? 105 LEU A CD1 1 
ATOM   706  C  CD2 . LEU A 1 93  ? 7.029   -16.335 4.162   1.00 23.10 ? 105 LEU A CD2 1 
ATOM   707  N  N   . PRO A 1 94  ? 3.133   -17.824 1.697   1.00 21.14 ? 106 PRO A N   1 
ATOM   708  C  CA  . PRO A 1 94  ? 1.863   -18.241 1.090   1.00 20.41 ? 106 PRO A CA  1 
ATOM   709  C  C   . PRO A 1 94  ? 0.732   -17.259 1.284   1.00 21.83 ? 106 PRO A C   1 
ATOM   710  O  O   . PRO A 1 94  ? -0.018  -17.000 0.348   1.00 21.63 ? 106 PRO A O   1 
ATOM   711  C  CB  . PRO A 1 94  ? 1.578   -19.579 1.761   1.00 19.08 ? 106 PRO A CB  1 
ATOM   712  C  CG  . PRO A 1 94  ? 2.908   -20.116 2.085   1.00 20.22 ? 106 PRO A CG  1 
ATOM   713  C  CD  . PRO A 1 94  ? 3.733   -18.916 2.485   1.00 21.02 ? 106 PRO A CD  1 
ATOM   714  N  N   . ASN A 1 95  ? 0.647   -16.662 2.470   1.00 20.56 ? 107 ASN A N   1 
ATOM   715  C  CA  . ASN A 1 95  ? -0.506  -15.855 2.821   1.00 21.34 ? 107 ASN A CA  1 
ATOM   716  C  C   . ASN A 1 95  ? -0.233  -14.378 2.972   1.00 19.92 ? 107 ASN A C   1 
ATOM   717  O  O   . ASN A 1 95  ? -1.126  -13.619 3.372   1.00 22.07 ? 107 ASN A O   1 
ATOM   718  C  CB  . ASN A 1 95  ? -1.065  -16.413 4.120   1.00 23.33 ? 107 ASN A CB  1 
ATOM   719  C  CG  . ASN A 1 95  ? -1.599  -17.816 3.941   1.00 24.22 ? 107 ASN A CG  1 
ATOM   720  O  OD1 . ASN A 1 95  ? -1.964  -18.223 2.818   1.00 22.94 ? 107 ASN A OD1 1 
ATOM   721  N  ND2 . ASN A 1 95  ? -1.678  -18.548 5.017   1.00 23.35 ? 107 ASN A ND2 1 
HETATM 722  N  N   . MSE A 1 96  ? 1.003   -13.952 2.703   1.00 22.21 ? 108 MSE A N   1 
HETATM 723  C  CA  . MSE A 1 96  ? 1.309   -12.542 2.683   1.00 20.37 ? 108 MSE A CA  1 
HETATM 724  C  C   . MSE A 1 96  ? 2.621   -12.293 2.002   1.00 21.75 ? 108 MSE A C   1 
HETATM 725  O  O   . MSE A 1 96  ? 3.448   -13.176 1.910   1.00 20.64 ? 108 MSE A O   1 
HETATM 726  C  CB  . MSE A 1 96  ? 1.367   -11.920 4.096   1.00 22.37 ? 108 MSE A CB  1 
HETATM 727  C  CG  . MSE A 1 96  ? 2.214   -12.662 5.031   1.00 23.41 ? 108 MSE A CG  1 
HETATM 728  SE SE  . MSE A 1 96  ? 2.768   -11.446 6.520   1.00 28.91 ? 108 MSE A SE  1 
HETATM 729  C  CE  . MSE A 1 96  ? 4.124   -10.405 5.509   1.00 31.05 ? 108 MSE A CE  1 
ATOM   730  N  N   . GLY A 1 97  ? 2.818   -11.058 1.556   1.00 20.47 ? 109 GLY A N   1 
ATOM   731  C  CA  . GLY A 1 97  ? 4.059   -10.679 0.933   1.00 21.43 ? 109 GLY A CA  1 
ATOM   732  C  C   . GLY A 1 97  ? 4.333   -9.199  1.058   1.00 20.51 ? 109 GLY A C   1 
ATOM   733  O  O   . GLY A 1 97  ? 3.405   -8.389  1.206   1.00 21.07 ? 109 GLY A O   1 
ATOM   734  N  N   . LYS A 1 98  ? 5.613   -8.857  0.985   1.00 21.73 ? 110 LYS A N   1 
ATOM   735  C  CA  . LYS A 1 98  ? 6.062   -7.495  0.995   1.00 22.77 ? 110 LYS A CA  1 
ATOM   736  C  C   . LYS A 1 98  ? 7.324   -7.400  0.140   1.00 21.67 ? 110 LYS A C   1 
ATOM   737  O  O   . LYS A 1 98  ? 8.204   -8.244  0.252   1.00 20.96 ? 110 LYS A O   1 
ATOM   738  C  CB  . LYS A 1 98  ? 6.398   -7.059  2.421   1.00 22.75 ? 110 LYS A CB  1 
ATOM   739  C  CG  . LYS A 1 98  ? 6.906   -5.622  2.508   1.00 26.31 ? 110 LYS A CG  1 
ATOM   740  C  CD  . LYS A 1 98  ? 7.308   -5.268  3.949   1.00 28.95 ? 110 LYS A CD  1 
ATOM   741  C  CE  . LYS A 1 98  ? 7.798   -3.829  4.041   1.00 33.13 ? 110 LYS A CE  1 
ATOM   742  N  NZ  . LYS A 1 98  ? 8.121   -3.389  5.442   1.00 34.51 ? 110 LYS A NZ  1 
ATOM   743  N  N   . PHE A 1 99  ? 7.393   -6.390  -0.718  1.00 20.00 ? 111 PHE A N   1 
ATOM   744  C  CA  . PHE A 1 99  ? 8.649   -6.031  -1.356  1.00 21.54 ? 111 PHE A CA  1 
ATOM   745  C  C   . PHE A 1 99  ? 8.946   -4.561  -1.214  1.00 22.56 ? 111 PHE A C   1 
ATOM   746  O  O   . PHE A 1 99  ? 8.046   -3.744  -1.034  1.00 21.66 ? 111 PHE A O   1 
ATOM   747  C  CB  . PHE A 1 99  ? 8.757   -6.512  -2.815  1.00 22.59 ? 111 PHE A CB  1 
ATOM   748  C  CG  . PHE A 1 99  ? 7.841   -5.804  -3.794  1.00 22.28 ? 111 PHE A CG  1 
ATOM   749  C  CD1 . PHE A 1 99  ? 8.156   -4.518  -4.285  1.00 25.75 ? 111 PHE A CD1 1 
ATOM   750  C  CD2 . PHE A 1 99  ? 6.730   -6.449  -4.312  1.00 22.44 ? 111 PHE A CD2 1 
ATOM   751  C  CE1 . PHE A 1 99  ? 7.317   -3.887  -5.228  1.00 25.26 ? 111 PHE A CE1 1 
ATOM   752  C  CE2 . PHE A 1 99  ? 5.892   -5.831  -5.261  1.00 23.29 ? 111 PHE A CE2 1 
ATOM   753  C  CZ  . PHE A 1 99  ? 6.187   -4.548  -5.713  1.00 25.50 ? 111 PHE A CZ  1 
ATOM   754  N  N   . SER A 1 100 ? 10.233  -4.247  -1.267  1.00 20.47 ? 112 SER A N   1 
ATOM   755  C  CA  . SER A 1 100 ? 10.727  -2.878  -1.322  1.00 22.31 ? 112 SER A CA  1 
ATOM   756  C  C   . SER A 1 100 ? 11.700  -2.727  -2.468  1.00 22.41 ? 112 SER A C   1 
ATOM   757  O  O   . SER A 1 100 ? 12.566  -3.592  -2.691  1.00 20.97 ? 112 SER A O   1 
ATOM   758  C  CB  . SER A 1 100 ? 11.441  -2.505  -0.024  1.00 26.43 ? 112 SER A CB  1 
ATOM   759  O  OG  . SER A 1 100 ? 10.531  -2.594  1.068   1.00 32.18 ? 112 SER A OG  1 
ATOM   760  N  N   . THR A 1 101 ? 11.610  -1.606  -3.171  1.00 21.57 ? 113 THR A N   1 
ATOM   761  C  CA  . THR A 1 101 ? 12.504  -1.356  -4.276  1.00 22.01 ? 113 THR A CA  1 
ATOM   762  C  C   . THR A 1 101 ? 12.657  0.155   -4.489  1.00 19.97 ? 113 THR A C   1 
ATOM   763  O  O   . THR A 1 101 ? 12.078  0.967   -3.760  1.00 22.28 ? 113 THR A O   1 
ATOM   764  C  CB  . THR A 1 101 ? 11.994  -2.082  -5.557  1.00 21.61 ? 113 THR A CB  1 
ATOM   765  O  OG1 . THR A 1 101 ? 12.971  -1.991  -6.590  1.00 25.22 ? 113 THR A OG1 1 
ATOM   766  C  CG2 . THR A 1 101 ? 10.670  -1.523  -6.025  1.00 23.73 ? 113 THR A CG2 1 
ATOM   767  N  N   . VAL A 1 102 ? 13.454  0.498   -5.476  1.00 22.31 ? 114 VAL A N   1 
ATOM   768  C  CA  . VAL A 1 102 ? 13.695  1.898   -5.820  1.00 22.29 ? 114 VAL A CA  1 
ATOM   769  C  C   . VAL A 1 102 ? 13.620  2.024   -7.334  1.00 22.80 ? 114 VAL A C   1 
ATOM   770  O  O   . VAL A 1 102 ? 14.225  1.238   -8.016  1.00 21.20 ? 114 VAL A O   1 
ATOM   771  C  CB  . VAL A 1 102 ? 15.100  2.331   -5.353  1.00 25.65 ? 114 VAL A CB  1 
ATOM   772  C  CG1 . VAL A 1 102 ? 15.301  3.803   -5.646  1.00 27.97 ? 114 VAL A CG1 1 
ATOM   773  C  CG2 . VAL A 1 102 ? 15.242  2.084   -3.882  1.00 27.70 ? 114 VAL A CG2 1 
ATOM   774  N  N   . SER A 1 103 ? 12.898  3.024   -7.832  1.00 24.01 ? 115 SER A N   1 
ATOM   775  C  CA  . SER A 1 103 ? 12.782  3.244   -9.274  1.00 27.47 ? 115 SER A CA  1 
ATOM   776  C  C   . SER A 1 103 ? 12.959  4.721   -9.589  1.00 26.11 ? 115 SER A C   1 
ATOM   777  O  O   . SER A 1 103 ? 12.180  5.524   -9.138  1.00 26.07 ? 115 SER A O   1 
ATOM   778  C  CB  . SER A 1 103 ? 11.394  2.804   -9.776  1.00 28.83 ? 115 SER A CB  1 
ATOM   779  O  OG  . SER A 1 103 ? 11.334  3.011   -11.192 1.00 30.71 ? 115 SER A OG  1 
ATOM   780  N  N   . ASN A 1 104 ? 14.017  5.058   -10.304 1.00 26.20 ? 116 ASN A N   1 
ATOM   781  C  CA  . ASN A 1 104 ? 14.306  6.450   -10.688 1.00 29.48 ? 116 ASN A CA  1 
ATOM   782  C  C   . ASN A 1 104 ? 14.055  7.431   -9.544  1.00 28.91 ? 116 ASN A C   1 
ATOM   783  O  O   . ASN A 1 104 ? 13.285  8.381   -9.651  1.00 29.36 ? 116 ASN A O   1 
ATOM   784  C  CB  . ASN A 1 104 ? 13.531  6.813   -11.954 1.00 32.76 ? 116 ASN A CB  1 
ATOM   785  C  CG  . ASN A 1 104 ? 13.959  5.964   -13.175 1.00 35.04 ? 116 ASN A CG  1 
ATOM   786  O  OD1 . ASN A 1 104 ? 15.129  5.559   -13.329 1.00 37.51 ? 116 ASN A OD1 1 
ATOM   787  N  ND2 . ASN A 1 104 ? 12.994  5.674   -14.035 1.00 41.75 ? 116 ASN A ND2 1 
ATOM   788  N  N   . GLY A 1 105 ? 14.683  7.144   -8.406  1.00 27.37 ? 117 GLY A N   1 
ATOM   789  C  CA  . GLY A 1 105 ? 14.639  8.052   -7.272  1.00 26.77 ? 117 GLY A CA  1 
ATOM   790  C  C   . GLY A 1 105 ? 13.524  7.839   -6.281  1.00 27.04 ? 117 GLY A C   1 
ATOM   791  O  O   . GLY A 1 105 ? 13.559  8.434   -5.208  1.00 27.09 ? 117 GLY A O   1 
ATOM   792  N  N   . LYS A 1 106 ? 12.516  7.043   -6.654  1.00 26.77 ? 118 LYS A N   1 
ATOM   793  C  CA  . LYS A 1 106 ? 11.337  6.853   -5.839  1.00 29.10 ? 118 LYS A CA  1 
ATOM   794  C  C   . LYS A 1 106 ? 11.451  5.511   -5.114  1.00 29.34 ? 118 LYS A C   1 
ATOM   795  O  O   . LYS A 1 106 ? 11.675  4.490   -5.747  1.00 27.38 ? 118 LYS A O   1 
ATOM   796  C  CB  . LYS A 1 106 ? 10.070  6.827   -6.712  1.00 31.09 ? 118 LYS A CB  1 
ATOM   797  C  CG  . LYS A 1 106 ? 9.442   8.196   -6.968  1.00 37.27 ? 118 LYS A CG  1 
ATOM   798  N  N   . LYS A 1 107 ? 11.271  5.531   -3.798  1.00 28.31 ? 119 LYS A N   1 
ATOM   799  C  CA  . LYS A 1 107 ? 11.131  4.299   -3.019  1.00 24.52 ? 119 LYS A CA  1 
ATOM   800  C  C   . LYS A 1 107 ? 9.729   3.767   -3.254  1.00 24.02 ? 119 LYS A C   1 
ATOM   801  O  O   . LYS A 1 107 ? 8.768   4.537   -3.320  1.00 22.40 ? 119 LYS A O   1 
ATOM   802  C  CB  . LYS A 1 107 ? 11.361  4.555   -1.530  1.00 27.09 ? 119 LYS A CB  1 
ATOM   803  C  CG  . LYS A 1 107 ? 11.348  3.287   -0.679  1.00 33.34 ? 119 LYS A CG  1 
ATOM   804  C  CD  . LYS A 1 107 ? 12.664  2.534   -0.804  1.00 41.46 ? 119 LYS A CD  1 
ATOM   805  C  CE  . LYS A 1 107 ? 12.494  1.047   -0.579  1.00 42.66 ? 119 LYS A CE  1 
ATOM   806  N  N   . ILE A 1 108 ? 9.611   2.450   -3.358  1.00 23.10 ? 120 ILE A N   1 
ATOM   807  C  CA  . ILE A 1 108 ? 8.342   1.763   -3.533  1.00 23.54 ? 120 ILE A CA  1 
ATOM   808  C  C   . ILE A 1 108 ? 8.297   0.586   -2.552  1.00 23.20 ? 120 ILE A C   1 
ATOM   809  O  O   . ILE A 1 108 ? 9.212   -0.245  -2.506  1.00 23.00 ? 120 ILE A O   1 
ATOM   810  C  CB  . ILE A 1 108 ? 8.206   1.217   -4.951  1.00 24.93 ? 120 ILE A CB  1 
ATOM   811  C  CG1 . ILE A 1 108 ? 8.278   2.362   -5.999  1.00 26.65 ? 120 ILE A CG1 1 
ATOM   812  C  CG2 . ILE A 1 108 ? 6.917   0.448   -5.109  1.00 27.59 ? 120 ILE A CG2 1 
ATOM   813  C  CD1 . ILE A 1 108 ? 8.526   1.881   -7.384  1.00 29.48 ? 120 ILE A CD1 1 
ATOM   814  N  N   . VAL A 1 109 ? 7.233   0.542   -1.770  1.00 22.56 ? 121 VAL A N   1 
ATOM   815  C  CA  . VAL A 1 109 ? 6.977   -0.559  -0.852  1.00 22.19 ? 121 VAL A CA  1 
ATOM   816  C  C   . VAL A 1 109 ? 5.571   -1.107  -1.120  1.00 24.87 ? 121 VAL A C   1 
ATOM   817  O  O   . VAL A 1 109 ? 4.586   -0.353  -1.136  1.00 24.09 ? 121 VAL A O   1 
ATOM   818  C  CB  . VAL A 1 109 ? 7.097   -0.075  0.592   1.00 21.39 ? 121 VAL A CB  1 
ATOM   819  C  CG1 . VAL A 1 109 ? 6.769   -1.172  1.562   1.00 24.94 ? 121 VAL A CG1 1 
ATOM   820  C  CG2 . VAL A 1 109 ? 8.489   0.519   0.886   1.00 25.01 ? 121 VAL A CG2 1 
ATOM   821  N  N   . ALA A 1 110 ? 5.455   -2.411  -1.352  1.00 23.37 ? 122 ALA A N   1 
ATOM   822  C  CA  . ALA A 1 110 ? 4.172   -2.992  -1.742  1.00 20.56 ? 122 ALA A CA  1 
ATOM   823  C  C   . ALA A 1 110 ? 3.946   -4.245  -0.904  1.00 21.45 ? 122 ALA A C   1 
ATOM   824  O  O   . ALA A 1 110 ? 4.847   -5.083  -0.819  1.00 22.06 ? 122 ALA A O   1 
ATOM   825  C  CB  . ALA A 1 110 ? 4.170   -3.350  -3.200  1.00 23.96 ? 122 ALA A CB  1 
ATOM   826  N  N   . TRP A 1 111 ? 2.747   -4.380  -0.332  1.00 23.28 ? 123 TRP A N   1 
ATOM   827  C  CA  . TRP A 1 111 ? 2.453   -5.567  0.474   1.00 21.61 ? 123 TRP A CA  1 
ATOM   828  C  C   . TRP A 1 111 ? 1.008   -5.999  0.291   1.00 22.78 ? 123 TRP A C   1 
ATOM   829  O  O   . TRP A 1 111 ? 0.140   -5.194  -0.077  1.00 24.43 ? 123 TRP A O   1 
ATOM   830  C  CB  . TRP A 1 111 ? 2.802   -5.325  1.955   1.00 23.88 ? 123 TRP A CB  1 
ATOM   831  C  CG  . TRP A 1 111 ? 1.923   -4.391  2.741   1.00 22.83 ? 123 TRP A CG  1 
ATOM   832  C  CD1 . TRP A 1 111 ? 0.908   -4.745  3.565   1.00 23.63 ? 123 TRP A CD1 1 
ATOM   833  C  CD2 . TRP A 1 111 ? 1.963   -2.941  2.764   1.00 21.00 ? 123 TRP A CD2 1 
ATOM   834  N  NE1 . TRP A 1 111 ? 0.320   -3.638  4.098   1.00 23.57 ? 123 TRP A NE1 1 
ATOM   835  C  CE2 . TRP A 1 111 ? 0.942   -2.516  3.625   1.00 25.19 ? 123 TRP A CE2 1 
ATOM   836  C  CE3 . TRP A 1 111 ? 2.740   -1.979  2.125   1.00 24.05 ? 123 TRP A CE3 1 
ATOM   837  C  CZ2 . TRP A 1 111 ? 0.715   -1.174  3.899   1.00 23.05 ? 123 TRP A CZ2 1 
ATOM   838  C  CZ3 . TRP A 1 111 ? 2.506   -0.647  2.391   1.00 24.73 ? 123 TRP A CZ3 1 
ATOM   839  C  CH2 . TRP A 1 111 ? 1.501   -0.259  3.261   1.00 22.49 ? 123 TRP A CH2 1 
ATOM   840  N  N   . TRP A 1 112 ? 0.781   -7.292  0.505   1.00 22.96 ? 124 TRP A N   1 
ATOM   841  C  CA  . TRP A 1 112 ? -0.546  -7.873  0.432   1.00 21.10 ? 124 TRP A CA  1 
ATOM   842  C  C   . TRP A 1 112 ? -0.749  -8.808  1.621   1.00 20.60 ? 124 TRP A C   1 
ATOM   843  O  O   . TRP A 1 112 ? 0.208   -9.394  2.149   1.00 20.18 ? 124 TRP A O   1 
ATOM   844  C  CB  . TRP A 1 112 ? -0.819  -8.595  -0.901  1.00 20.67 ? 124 TRP A CB  1 
ATOM   845  C  CG  . TRP A 1 112 ? -0.326  -10.008 -0.915  1.00 20.85 ? 124 TRP A CG  1 
ATOM   846  C  CD1 . TRP A 1 112 ? 0.945   -10.433 -1.183  1.00 24.14 ? 124 TRP A CD1 1 
ATOM   847  C  CD2 . TRP A 1 112 ? -1.057  -11.159 -0.511  1.00 21.45 ? 124 TRP A CD2 1 
ATOM   848  N  NE1 . TRP A 1 112 ? 1.032   -11.775 -1.018  1.00 20.96 ? 124 TRP A NE1 1 
ATOM   849  C  CE2 . TRP A 1 112 ? -0.188  -12.261 -0.616  1.00 21.17 ? 124 TRP A CE2 1 
ATOM   850  C  CE3 . TRP A 1 112 ? -2.376  -11.383 -0.130  1.00 21.71 ? 124 TRP A CE3 1 
ATOM   851  C  CZ2 . TRP A 1 112 ? -0.589  -13.570 -0.319  1.00 23.15 ? 124 TRP A CZ2 1 
ATOM   852  C  CZ3 . TRP A 1 112 ? -2.777  -12.692 0.161   1.00 22.72 ? 124 TRP A CZ3 1 
ATOM   853  C  CH2 . TRP A 1 112 ? -1.880  -13.761 0.089   1.00 22.60 ? 124 TRP A CH2 1 
ATOM   854  N  N   . ARG A 1 113 ? -2.007  -8.911  2.023   1.00 20.81 ? 125 ARG A N   1 
ATOM   855  C  CA  . ARG A 1 113 ? -2.455  -9.888  2.994   1.00 21.88 ? 125 ARG A CA  1 
ATOM   856  C  C   . ARG A 1 113 ? -3.974  -9.928  2.926   1.00 21.39 ? 125 ARG A C   1 
ATOM   857  O  O   . ARG A 1 113 ? -4.622  -8.905  2.674   1.00 22.71 ? 125 ARG A O   1 
ATOM   858  C  CB  . ARG A 1 113 ? -1.960  -9.549  4.389   1.00 23.14 ? 125 ARG A CB  1 
ATOM   859  C  CG  . ARG A 1 113 ? -2.144  -10.694 5.415   1.00 23.06 ? 125 ARG A CG  1 
ATOM   860  C  CD  . ARG A 1 113 ? -1.408  -10.361 6.723   1.00 22.21 ? 125 ARG A CD  1 
ATOM   861  N  NE  . ARG A 1 113 ? -1.431  -11.448 7.715   1.00 21.35 ? 125 ARG A NE  1 
ATOM   862  C  CZ  . ARG A 1 113 ? -2.454  -11.732 8.526   1.00 24.93 ? 125 ARG A CZ  1 
ATOM   863  N  NH1 . ARG A 1 113 ? -3.574  -11.020 8.478   1.00 26.02 ? 125 ARG A NH1 1 
ATOM   864  N  NH2 . ARG A 1 113 ? -2.370  -12.736 9.393   1.00 23.90 ? 125 ARG A NH2 1 
ATOM   865  N  N   . LYS A 1 114 ? -4.534  -11.099 3.142   1.00 22.01 ? 126 LYS A N   1 
ATOM   866  C  CA  . LYS A 1 114 ? -5.969  -11.319 3.024   1.00 21.71 ? 126 LYS A CA  1 
ATOM   867  C  C   . LYS A 1 114 ? -6.476  -10.735 1.685   1.00 23.73 ? 126 LYS A C   1 
ATOM   868  O  O   . LYS A 1 114 ? -5.999  -11.143 0.633   1.00 23.02 ? 126 LYS A O   1 
ATOM   869  C  CB  . LYS A 1 114 ? -6.711  -10.735 4.246   1.00 23.01 ? 126 LYS A CB  1 
ATOM   870  C  CG  . LYS A 1 114 ? -6.315  -11.386 5.593   1.00 23.08 ? 126 LYS A CG  1 
ATOM   871  C  CD  . LYS A 1 114 ? -6.685  -12.847 5.661   1.00 24.37 ? 126 LYS A CD  1 
ATOM   872  C  CE  . LYS A 1 114 ? -6.418  -13.456 7.065   1.00 24.72 ? 126 LYS A CE  1 
ATOM   873  N  NZ  . LYS A 1 114 ? -6.786  -14.904 7.113   1.00 26.03 ? 126 LYS A NZ  1 
ATOM   874  N  N   . ASN A 1 115 ? -7.430  -9.803  1.749   1.00 22.42 ? 127 ASN A N   1 
ATOM   875  C  CA  . ASN A 1 115 ? -8.067  -9.231  0.573   1.00 22.96 ? 127 ASN A CA  1 
ATOM   876  C  C   . ASN A 1 115 ? -7.578  -7.796  0.272   1.00 20.83 ? 127 ASN A C   1 
ATOM   877  O  O   . ASN A 1 115 ? -8.276  -7.032  -0.405  1.00 23.13 ? 127 ASN A O   1 
ATOM   878  C  CB  . ASN A 1 115 ? -9.595  -9.280  0.669   1.00 25.15 ? 127 ASN A CB  1 
ATOM   879  C  CG  . ASN A 1 115 ? -10.151 -8.541  1.881   1.00 27.50 ? 127 ASN A CG  1 
ATOM   880  O  OD1 . ASN A 1 115 ? -9.515  -8.494  2.933   1.00 25.65 ? 127 ASN A OD1 1 
ATOM   881  N  ND2 . ASN A 1 115 ? -11.377 -8.004  1.747   1.00 24.52 ? 127 ASN A ND2 1 
ATOM   882  N  N   . TRP A 1 116 ? -6.359  -7.466  0.697   1.00 22.20 ? 128 TRP A N   1 
ATOM   883  C  CA  . TRP A 1 116 ? -5.824  -6.130  0.538   1.00 21.68 ? 128 TRP A CA  1 
ATOM   884  C  C   . TRP A 1 116 ? -4.445  -6.156  -0.102  1.00 22.28 ? 128 TRP A C   1 
ATOM   885  O  O   . TRP A 1 116 ? -3.609  -7.012  0.207   1.00 22.36 ? 128 TRP A O   1 
ATOM   886  C  CB  . TRP A 1 116 ? -5.693  -5.436  1.911   1.00 23.21 ? 128 TRP A CB  1 
ATOM   887  C  CG  . TRP A 1 116 ? -7.020  -5.150  2.557   1.00 21.49 ? 128 TRP A CG  1 
ATOM   888  C  CD1 . TRP A 1 116 ? -7.661  -5.888  3.529   1.00 21.36 ? 128 TRP A CD1 1 
ATOM   889  C  CD2 . TRP A 1 116 ? -7.877  -4.061  2.263   1.00 21.10 ? 128 TRP A CD2 1 
ATOM   890  N  NE1 . TRP A 1 116 ? -8.864  -5.332  3.827   1.00 24.92 ? 128 TRP A NE1 1 
ATOM   891  C  CE2 . TRP A 1 116 ? -9.035  -4.211  3.059   1.00 21.83 ? 128 TRP A CE2 1 
ATOM   892  C  CE3 . TRP A 1 116 ? -7.796  -2.978  1.385   1.00 24.55 ? 128 TRP A CE3 1 
ATOM   893  C  CZ2 . TRP A 1 116 ? -10.083 -3.289  3.034   1.00 22.95 ? 128 TRP A CZ2 1 
ATOM   894  C  CZ3 . TRP A 1 116 ? -8.825  -2.070  1.367   1.00 24.56 ? 128 TRP A CZ3 1 
ATOM   895  C  CH2 . TRP A 1 116 ? -9.967  -2.234  2.179   1.00 24.61 ? 128 TRP A CH2 1 
ATOM   896  N  N   . LEU A 1 117 ? -4.200  -5.168  -0.952  1.00 21.88 ? 129 LEU A N   1 
ATOM   897  C  CA  . LEU A 1 117 ? -2.882  -4.907  -1.526  1.00 21.06 ? 129 LEU A CA  1 
ATOM   898  C  C   . LEU A 1 117 ? -2.651  -3.406  -1.449  1.00 22.39 ? 129 LEU A C   1 
ATOM   899  O  O   . LEU A 1 117 ? -3.508  -2.635  -1.869  1.00 21.71 ? 129 LEU A O   1 
ATOM   900  C  CB  . LEU A 1 117 ? -2.829  -5.382  -2.964  1.00 23.15 ? 129 LEU A CB  1 
ATOM   901  C  CG  . LEU A 1 117 ? -1.722  -4.819  -3.862  1.00 25.00 ? 129 LEU A CG  1 
ATOM   902  C  CD1 . LEU A 1 117 ? -0.355  -5.193  -3.395  1.00 27.66 ? 129 LEU A CD1 1 
ATOM   903  C  CD2 . LEU A 1 117 ? -1.975  -5.311  -5.276  1.00 26.92 ? 129 LEU A CD2 1 
ATOM   904  N  N   . PHE A 1 118 ? -1.499  -3.012  -0.920  1.00 21.58 ? 130 PHE A N   1 
ATOM   905  C  CA  . PHE A 1 118 ? -1.085  -1.590  -0.829  1.00 22.47 ? 130 PHE A CA  1 
ATOM   906  C  C   . PHE A 1 118 ? 0.233   -1.384  -1.524  1.00 23.91 ? 130 PHE A C   1 
ATOM   907  O  O   . PHE A 1 118 ? 1.112   -2.252  -1.451  1.00 22.22 ? 130 PHE A O   1 
ATOM   908  C  CB  . PHE A 1 118 ? -0.930  -1.190  0.644   1.00 23.13 ? 130 PHE A CB  1 
ATOM   909  C  CG  . PHE A 1 118 ? -2.236  -1.204  1.407   1.00 23.44 ? 130 PHE A CG  1 
ATOM   910  C  CD1 . PHE A 1 118 ? -3.102  -0.123  1.316   1.00 26.57 ? 130 PHE A CD1 1 
ATOM   911  C  CD2 . PHE A 1 118 ? -2.620  -2.296  2.130   1.00 25.10 ? 130 PHE A CD2 1 
ATOM   912  C  CE1 . PHE A 1 118 ? -4.302  -0.125  1.970   1.00 27.26 ? 130 PHE A CE1 1 
ATOM   913  C  CE2 . PHE A 1 118 ? -3.850  -2.320  2.781   1.00 25.68 ? 130 PHE A CE2 1 
ATOM   914  C  CZ  . PHE A 1 118 ? -4.682  -1.231  2.698   1.00 25.70 ? 130 PHE A CZ  1 
ATOM   915  N  N   . ILE A 1 119 ? 0.394   -0.226  -2.157  1.00 23.72 ? 131 ILE A N   1 
ATOM   916  C  CA  . ILE A 1 119 ? 1.681   0.205   -2.652  1.00 23.83 ? 131 ILE A CA  1 
ATOM   917  C  C   . ILE A 1 119 ? 1.869   1.635   -2.150  1.00 24.41 ? 131 ILE A C   1 
ATOM   918  O  O   . ILE A 1 119 ? 0.970   2.494   -2.315  1.00 24.50 ? 131 ILE A O   1 
ATOM   919  C  CB  . ILE A 1 119 ? 1.770   0.222   -4.189  1.00 24.12 ? 131 ILE A CB  1 
ATOM   920  C  CG1 . ILE A 1 119 ? 1.342   -1.133  -4.801  1.00 24.94 ? 131 ILE A CG1 1 
ATOM   921  C  CG2 . ILE A 1 119 ? 3.208   0.598   -4.589  1.00 25.32 ? 131 ILE A CG2 1 
ATOM   922  C  CD1 . ILE A 1 119 ? 1.064   -1.051  -6.277  1.00 26.66 ? 131 ILE A CD1 1 
ATOM   923  N  N   . VAL A 1 120 ? 3.015   1.898   -1.543  1.00 22.63 ? 132 VAL A N   1 
ATOM   924  C  CA  . VAL A 1 120 ? 3.382   3.255   -1.186  1.00 22.78 ? 132 VAL A CA  1 
ATOM   925  C  C   . VAL A 1 120 ? 4.618   3.653   -1.982  1.00 23.32 ? 132 VAL A C   1 
ATOM   926  O  O   . VAL A 1 120 ? 5.616   2.918   -2.020  1.00 21.97 ? 132 VAL A O   1 
ATOM   927  C  CB  . VAL A 1 120 ? 3.669   3.378   0.309   1.00 24.14 ? 132 VAL A CB  1 
ATOM   928  C  CG1 . VAL A 1 120 ? 4.133   4.793   0.684   1.00 26.21 ? 132 VAL A CG1 1 
ATOM   929  C  CG2 . VAL A 1 120 ? 2.453   3.051   1.083   1.00 24.98 ? 132 VAL A CG2 1 
ATOM   930  N  N   . GLU A 1 121 ? 4.562   4.807   -2.625  1.00 24.39 ? 133 GLU A N   1 
ATOM   931  C  CA  . GLU A 1 121 ? 5.696   5.290   -3.395  1.00 25.09 ? 133 GLU A CA  1 
ATOM   932  C  C   . GLU A 1 121 ? 5.919   6.768   -3.216  1.00 23.27 ? 133 GLU A C   1 
ATOM   933  O  O   . GLU A 1 121 ? 4.991   7.536   -2.986  1.00 23.02 ? 133 GLU A O   1 
ATOM   934  C  CB  . GLU A 1 121 ? 5.600   4.905   -4.876  1.00 28.92 ? 133 GLU A CB  1 
ATOM   935  C  CG  . GLU A 1 121 ? 4.491   5.460   -5.630  1.00 34.68 ? 133 GLU A CG  1 
ATOM   936  C  CD  . GLU A 1 121 ? 4.548   5.166   -7.159  1.00 36.48 ? 133 GLU A CD  1 
ATOM   937  O  OE1 . GLU A 1 121 ? 5.120   4.114   -7.537  1.00 38.53 ? 133 GLU A OE1 1 
ATOM   938  O  OE2 . GLU A 1 121 ? 3.960   5.996   -7.931  1.00 36.46 ? 133 GLU A OE2 1 
ATOM   939  N  N   . GLY A 1 122 ? 7.174   7.171   -3.315  1.00 23.36 ? 134 GLY A N   1 
ATOM   940  C  CA  . GLY A 1 122 ? 7.491   8.593   -3.211  1.00 24.53 ? 134 GLY A CA  1 
ATOM   941  C  C   . GLY A 1 122 ? 8.984   8.810   -3.186  1.00 22.62 ? 134 GLY A C   1 
ATOM   942  O  O   . GLY A 1 122 ? 9.755   7.881   -2.938  1.00 22.87 ? 134 GLY A O   1 
ATOM   943  N  N   . LYS A 1 123 ? 9.393   10.044  -3.474  1.00 24.81 ? 135 LYS A N   1 
ATOM   944  C  CA  . LYS A 1 123 ? 10.798  10.400  -3.481  1.00 24.56 ? 135 LYS A CA  1 
ATOM   945  C  C   . LYS A 1 123 ? 11.345  10.411  -2.070  1.00 24.94 ? 135 LYS A C   1 
ATOM   946  O  O   . LYS A 1 123 ? 12.489  10.046  -1.842  1.00 25.22 ? 135 LYS A O   1 
ATOM   947  C  CB  . LYS A 1 123 ? 10.990  11.783  -4.105  1.00 25.88 ? 135 LYS A CB  1 
ATOM   948  C  CG  . LYS A 1 123 ? 10.719  11.803  -5.595  1.00 31.82 ? 135 LYS A CG  1 
ATOM   949  C  CD  . LYS A 1 123 ? 11.808  11.074  -6.378  1.00 36.40 ? 135 LYS A CD  1 
ATOM   950  N  N   . ASN A 1 124 ? 10.513  10.838  -1.127  1.00 24.20 ? 136 ASN A N   1 
ATOM   951  C  CA  . ASN A 1 124 ? 10.942  10.996  0.267   1.00 23.05 ? 136 ASN A CA  1 
ATOM   952  C  C   . ASN A 1 124 ? 9.796   10.754  1.213   1.00 23.94 ? 136 ASN A C   1 
ATOM   953  O  O   . ASN A 1 124 ? 8.650   11.042  0.900   1.00 27.16 ? 136 ASN A O   1 
ATOM   954  C  CB  . ASN A 1 124 ? 11.504  12.392  0.480   1.00 24.80 ? 136 ASN A CB  1 
ATOM   955  C  CG  . ASN A 1 124 ? 12.880  12.521  -0.102  1.00 26.19 ? 136 ASN A CG  1 
ATOM   956  O  OD1 . ASN A 1 124 ? 13.833  11.940  0.417   1.00 29.37 ? 136 ASN A OD1 1 
ATOM   957  N  ND2 . ASN A 1 124 ? 12.987  13.223  -1.199  1.00 25.71 ? 136 ASN A ND2 1 
ATOM   958  N  N   . GLY A 1 125 ? 10.124  10.193  2.363   1.00 25.28 ? 137 GLY A N   1 
ATOM   959  C  CA  . GLY A 1 125 ? 9.127   9.937   3.398   1.00 27.02 ? 137 GLY A CA  1 
ATOM   960  C  C   . GLY A 1 125 ? 8.339   8.653   3.268   1.00 25.89 ? 137 GLY A C   1 
ATOM   961  O  O   . GLY A 1 125 ? 7.377   8.461   4.007   1.00 25.68 ? 137 GLY A O   1 
ATOM   962  N  N   . VAL A 1 126 ? 8.724   7.752   2.355   1.00 26.01 ? 138 VAL A N   1 
ATOM   963  C  CA  . VAL A 1 126 ? 7.962   6.517   2.167   1.00 24.99 ? 138 VAL A CA  1 
ATOM   964  C  C   . VAL A 1 126 ? 7.990   5.626   3.411   1.00 25.48 ? 138 VAL A C   1 
ATOM   965  O  O   . VAL A 1 126 ? 6.938   5.168   3.839   1.00 25.27 ? 138 VAL A O   1 
ATOM   966  C  CB  . VAL A 1 126 ? 8.447   5.727   0.926   1.00 24.74 ? 138 VAL A CB  1 
ATOM   967  C  CG1 . VAL A 1 126 ? 7.945   4.299   0.917   1.00 28.45 ? 138 VAL A CG1 1 
ATOM   968  C  CG2 . VAL A 1 126 ? 8.034   6.492   -0.344  1.00 27.77 ? 138 VAL A CG2 1 
ATOM   969  N  N   . GLU A 1 127 ? 9.162   5.391   3.990   1.00 26.22 ? 139 GLU A N   1 
ATOM   970  C  CA  . GLU A 1 127 ? 9.224   4.483   5.170   1.00 27.21 ? 139 GLU A CA  1 
ATOM   971  C  C   . GLU A 1 127 ? 8.381   5.030   6.359   1.00 27.64 ? 139 GLU A C   1 
ATOM   972  O  O   . GLU A 1 127 ? 7.671   4.288   7.044   1.00 27.37 ? 139 GLU A O   1 
ATOM   973  C  CB  . GLU A 1 127 ? 10.672  4.218   5.564   1.00 31.76 ? 139 GLU A CB  1 
ATOM   974  C  CG  . GLU A 1 127 ? 11.403  3.327   4.532   1.00 34.92 ? 139 GLU A CG  1 
ATOM   975  N  N   . GLU A 1 128 ? 8.447   6.336   6.553   1.00 26.09 ? 140 GLU A N   1 
ATOM   976  C  CA  . GLU A 1 128 ? 7.690   7.016   7.610   1.00 28.09 ? 140 GLU A CA  1 
ATOM   977  C  C   . GLU A 1 128 ? 6.192   6.892   7.380   1.00 25.15 ? 140 GLU A C   1 
ATOM   978  O  O   . GLU A 1 128 ? 5.426   6.626   8.299   1.00 24.27 ? 140 GLU A O   1 
ATOM   979  C  CB  . GLU A 1 128 ? 8.124   8.473   7.682   1.00 28.28 ? 140 GLU A CB  1 
ATOM   980  C  CG  . GLU A 1 128 ? 9.579   8.689   8.183   1.00 31.53 ? 140 GLU A CG  1 
ATOM   981  C  CD  . GLU A 1 128 ? 10.683  8.545   7.109   1.00 37.35 ? 140 GLU A CD  1 
ATOM   982  O  OE1 . GLU A 1 128 ? 10.411  8.273   5.900   1.00 31.12 ? 140 GLU A OE1 1 
ATOM   983  O  OE2 . GLU A 1 128 ? 11.869  8.693   7.504   1.00 39.66 ? 140 GLU A OE2 1 
ATOM   984  N  N   . PHE A 1 129 ? 5.767   7.088   6.138   1.00 24.29 ? 141 PHE A N   1 
ATOM   985  C  CA  . PHE A 1 129 ? 4.353   6.929   5.793   1.00 22.26 ? 141 PHE A CA  1 
ATOM   986  C  C   . PHE A 1 129 ? 3.900   5.483   5.966   1.00 24.83 ? 141 PHE A C   1 
ATOM   987  O  O   . PHE A 1 129 ? 2.828   5.218   6.506   1.00 24.79 ? 141 PHE A O   1 
ATOM   988  C  CB  . PHE A 1 129 ? 4.070   7.405   4.377   1.00 24.05 ? 141 PHE A CB  1 
ATOM   989  C  CG  . PHE A 1 129 ? 2.615   7.465   4.078   1.00 24.80 ? 141 PHE A CG  1 
ATOM   990  C  CD1 . PHE A 1 129 ? 1.853   8.508   4.565   1.00 29.48 ? 141 PHE A CD1 1 
ATOM   991  C  CD2 . PHE A 1 129 ? 2.008   6.465   3.380   1.00 26.04 ? 141 PHE A CD2 1 
ATOM   992  C  CE1 . PHE A 1 129 ? 0.458   8.536   4.347   1.00 29.48 ? 141 PHE A CE1 1 
ATOM   993  C  CE2 . PHE A 1 129 ? 0.629   6.503   3.126   1.00 27.30 ? 141 PHE A CE2 1 
ATOM   994  C  CZ  . PHE A 1 129 ? -0.123  7.548   3.613   1.00 29.51 ? 141 PHE A CZ  1 
ATOM   995  N  N   . VAL A 1 130 ? 4.723   4.532   5.522   1.00 23.38 ? 142 VAL A N   1 
ATOM   996  C  CA  . VAL A 1 130 ? 4.357   3.102   5.671   1.00 23.00 ? 142 VAL A CA  1 
ATOM   997  C  C   . VAL A 1 130 ? 4.158   2.783   7.147   1.00 21.58 ? 142 VAL A C   1 
ATOM   998  O  O   . VAL A 1 130 ? 3.167   2.149   7.501   1.00 23.63 ? 142 VAL A O   1 
ATOM   999  C  CB  . VAL A 1 130 ? 5.424   2.177   5.071   1.00 23.77 ? 142 VAL A CB  1 
ATOM   1000 C  CG1 . VAL A 1 130 ? 5.158   0.737   5.440   1.00 25.29 ? 142 VAL A CG1 1 
ATOM   1001 C  CG2 . VAL A 1 130 ? 5.402   2.301   3.536   1.00 25.80 ? 142 VAL A CG2 1 
ATOM   1002 N  N   . LYS A 1 131 ? 5.053   3.259   8.005   1.00 23.64 ? 143 LYS A N   1 
ATOM   1003 C  CA  . LYS A 1 131 ? 4.948   3.021   9.441   1.00 23.91 ? 143 LYS A CA  1 
ATOM   1004 C  C   . LYS A 1 131 ? 3.654   3.611   10.011  1.00 26.72 ? 143 LYS A C   1 
ATOM   1005 O  O   . LYS A 1 131 ? 2.995   3.013   10.855  1.00 22.69 ? 143 LYS A O   1 
ATOM   1006 C  CB  . LYS A 1 131 ? 6.156   3.581   10.188  1.00 26.00 ? 143 LYS A CB  1 
ATOM   1007 C  CG  . LYS A 1 131 ? 6.300   3.081   11.597  1.00 30.43 ? 143 LYS A CG  1 
ATOM   1008 C  CD  . LYS A 1 131 ? 6.223   1.532   11.686  1.00 34.16 ? 143 LYS A CD  1 
ATOM   1009 C  CE  . LYS A 1 131 ? 6.847   0.992   12.991  1.00 36.38 ? 143 LYS A CE  1 
ATOM   1010 N  NZ  . LYS A 1 131 ? 6.749   -0.503  13.165  1.00 33.39 ? 143 LYS A NZ  1 
ATOM   1011 N  N   . HIS A 1 132 ? 3.304   4.801   9.537   1.00 23.09 ? 144 HIS A N   1 
ATOM   1012 C  CA  . HIS A 1 132 ? 2.002   5.409   9.873   1.00 24.23 ? 144 HIS A CA  1 
ATOM   1013 C  C   . HIS A 1 132 ? 0.833   4.489   9.477   1.00 21.70 ? 144 HIS A C   1 
ATOM   1014 O  O   . HIS A 1 132 ? -0.063  4.223   10.280  1.00 24.21 ? 144 HIS A O   1 
ATOM   1015 C  CB  . HIS A 1 132 ? 1.861   6.783   9.222   1.00 25.10 ? 144 HIS A CB  1 
ATOM   1016 C  CG  . HIS A 1 132 ? 0.483   7.376   9.357   1.00 23.56 ? 144 HIS A CG  1 
ATOM   1017 N  ND1 . HIS A 1 132 ? -0.064  7.734   10.567  1.00 23.14 ? 144 HIS A ND1 1 
ATOM   1018 C  CD2 . HIS A 1 132 ? -0.444  7.679   8.423   1.00 22.60 ? 144 HIS A CD2 1 
ATOM   1019 C  CE1 . HIS A 1 132 ? -1.280  8.220   10.376  1.00 24.02 ? 144 HIS A CE1 1 
ATOM   1020 N  NE2 . HIS A 1 132 ? -1.534  8.206   9.080   1.00 22.38 ? 144 HIS A NE2 1 
ATOM   1021 N  N   . VAL A 1 133 ? 0.831   4.030   8.233   1.00 22.94 ? 145 VAL A N   1 
ATOM   1022 C  CA  . VAL A 1 133 ? -0.212  3.143   7.745   1.00 25.23 ? 145 VAL A CA  1 
ATOM   1023 C  C   . VAL A 1 133 ? -0.281  1.880   8.620   1.00 24.47 ? 145 VAL A C   1 
ATOM   1024 O  O   . VAL A 1 133 ? -1.358  1.467   9.059   1.00 23.14 ? 145 VAL A O   1 
ATOM   1025 C  CB  . VAL A 1 133 ? 0.023   2.747   6.281   1.00 24.16 ? 145 VAL A CB  1 
ATOM   1026 C  CG1 . VAL A 1 133 ? -0.971  1.719   5.851   1.00 24.85 ? 145 VAL A CG1 1 
ATOM   1027 C  CG2 . VAL A 1 133 ? -0.023  3.978   5.335   1.00 24.97 ? 145 VAL A CG2 1 
ATOM   1028 N  N   . TYR A 1 134 ? 0.874   1.275   8.889   1.00 24.38 ? 146 TYR A N   1 
ATOM   1029 C  CA  . TYR A 1 134 ? 0.935   0.129   9.800   1.00 23.75 ? 146 TYR A CA  1 
ATOM   1030 C  C   . TYR A 1 134 ? 0.262   0.399   11.162  1.00 24.73 ? 146 TYR A C   1 
ATOM   1031 O  O   . TYR A 1 134 ? -0.514  -0.409  11.669  1.00 24.80 ? 146 TYR A O   1 
ATOM   1032 C  CB  . TYR A 1 134 ? 2.411   -0.231  10.058  1.00 25.22 ? 146 TYR A CB  1 
ATOM   1033 C  CG  . TYR A 1 134 ? 3.140   -0.949  8.939   1.00 23.74 ? 146 TYR A CG  1 
ATOM   1034 C  CD1 . TYR A 1 134 ? 2.561   -1.221  7.704   1.00 24.22 ? 146 TYR A CD1 1 
ATOM   1035 C  CD2 . TYR A 1 134 ? 4.459   -1.333  9.143   1.00 25.50 ? 146 TYR A CD2 1 
ATOM   1036 C  CE1 . TYR A 1 134 ? 3.283   -1.914  6.715   1.00 27.26 ? 146 TYR A CE1 1 
ATOM   1037 C  CE2 . TYR A 1 134 ? 5.174   -1.996  8.169   1.00 27.00 ? 146 TYR A CE2 1 
ATOM   1038 C  CZ  . TYR A 1 134 ? 4.596   -2.278  6.981   1.00 28.46 ? 146 TYR A CZ  1 
ATOM   1039 O  OH  . TYR A 1 134 ? 5.364   -2.944  6.053   1.00 30.31 ? 146 TYR A OH  1 
ATOM   1040 N  N   . ARG A 1 135 ? 0.636   1.508   11.774  1.00 22.87 ? 147 ARG A N   1 
ATOM   1041 C  CA  . ARG A 1 135 ? 0.125   1.890   13.078  1.00 23.35 ? 147 ARG A CA  1 
ATOM   1042 C  C   . ARG A 1 135 ? -1.396  2.132   13.077  1.00 24.29 ? 147 ARG A C   1 
ATOM   1043 O  O   . ARG A 1 135 ? -2.098  1.694   14.009  1.00 22.05 ? 147 ARG A O   1 
ATOM   1044 C  CB  . ARG A 1 135 ? 0.901   3.078   13.589  1.00 26.03 ? 147 ARG A CB  1 
ATOM   1045 C  CG  . ARG A 1 135 ? 2.302   2.633   14.000  1.00 27.04 ? 147 ARG A CG  1 
ATOM   1046 C  CD  . ARG A 1 135 ? 3.195   3.759   14.360  1.00 30.36 ? 147 ARG A CD  1 
ATOM   1047 N  NE  . ARG A 1 135 ? 4.424   3.253   14.970  1.00 30.55 ? 147 ARG A NE  1 
ATOM   1048 C  CZ  . ARG A 1 135 ? 5.528   3.974   15.108  1.00 34.51 ? 147 ARG A CZ  1 
ATOM   1049 N  NH1 . ARG A 1 135 ? 5.594   5.221   14.631  1.00 32.69 ? 147 ARG A NH1 1 
ATOM   1050 N  NH2 . ARG A 1 135 ? 6.579   3.449   15.705  1.00 33.11 ? 147 ARG A NH2 1 
ATOM   1051 N  N   . VAL A 1 136 ? -1.916  2.764   12.028  1.00 21.76 ? 148 VAL A N   1 
ATOM   1052 C  CA  . VAL A 1 136 ? -3.368  3.023   11.984  1.00 22.69 ? 148 VAL A CA  1 
ATOM   1053 C  C   . VAL A 1 136 ? -4.128  1.701   11.826  1.00 22.69 ? 148 VAL A C   1 
ATOM   1054 O  O   . VAL A 1 136 ? -5.074  1.416   12.564  1.00 23.01 ? 148 VAL A O   1 
ATOM   1055 C  CB  . VAL A 1 136 ? -3.714  4.004   10.864  1.00 22.00 ? 148 VAL A CB  1 
ATOM   1056 C  CG1 . VAL A 1 136 ? -5.208  4.137   10.689  1.00 20.93 ? 148 VAL A CG1 1 
ATOM   1057 C  CG2 . VAL A 1 136 ? -3.075  5.353   11.151  1.00 23.34 ? 148 VAL A CG2 1 
ATOM   1058 N  N   . TYR A 1 137 ? -3.682  0.877   10.884  1.00 21.47 ? 149 TYR A N   1 
ATOM   1059 C  CA  . TYR A 1 137 ? -4.368  -0.397  10.632  1.00 23.28 ? 149 TYR A CA  1 
ATOM   1060 C  C   . TYR A 1 137 ? -4.206  -1.383  11.780  1.00 21.52 ? 149 TYR A C   1 
ATOM   1061 O  O   . TYR A 1 137 ? -5.111  -2.138  12.086  1.00 22.02 ? 149 TYR A O   1 
ATOM   1062 C  CB  . TYR A 1 137 ? -3.920  -1.008  9.313   1.00 24.86 ? 149 TYR A CB  1 
ATOM   1063 C  CG  . TYR A 1 137 ? -4.281  -0.202  8.057   1.00 24.40 ? 149 TYR A CG  1 
ATOM   1064 C  CD1 . TYR A 1 137 ? -5.305  0.764   8.048   1.00 26.18 ? 149 TYR A CD1 1 
ATOM   1065 C  CD2 . TYR A 1 137 ? -3.620  -0.461  6.855   1.00 25.11 ? 149 TYR A CD2 1 
ATOM   1066 C  CE1 . TYR A 1 137 ? -5.627  1.459   6.867   1.00 24.22 ? 149 TYR A CE1 1 
ATOM   1067 C  CE2 . TYR A 1 137 ? -3.957  0.195   5.688   1.00 24.79 ? 149 TYR A CE2 1 
ATOM   1068 C  CZ  . TYR A 1 137 ? -4.945  1.174   5.711   1.00 24.44 ? 149 TYR A CZ  1 
ATOM   1069 O  OH  . TYR A 1 137 ? -5.268  1.845   4.558   1.00 24.66 ? 149 TYR A OH  1 
ATOM   1070 N  N   . GLU A 1 138 ? -3.051  -1.377  12.430  1.00 24.29 ? 150 GLU A N   1 
ATOM   1071 C  CA  . GLU A 1 138 ? -2.801  -2.319  13.525  1.00 24.86 ? 150 GLU A CA  1 
ATOM   1072 C  C   . GLU A 1 138 ? -3.810  -2.145  14.661  1.00 22.00 ? 150 GLU A C   1 
ATOM   1073 O  O   . GLU A 1 138 ? -4.142  -3.116  15.373  1.00 23.05 ? 150 GLU A O   1 
ATOM   1074 C  CB  . GLU A 1 138 ? -1.372  -2.145  14.038  1.00 27.26 ? 150 GLU A CB  1 
ATOM   1075 C  CG  . GLU A 1 138 ? -0.994  -3.027  15.213  1.00 32.01 ? 150 GLU A CG  1 
ATOM   1076 C  CD  . GLU A 1 138 ? -0.731  -4.467  14.839  1.00 34.05 ? 150 GLU A CD  1 
ATOM   1077 O  OE1 . GLU A 1 138 ? -0.774  -4.788  13.636  1.00 36.31 ? 150 GLU A OE1 1 
ATOM   1078 O  OE2 . GLU A 1 138 ? -0.507  -5.277  15.764  1.00 37.29 ? 150 GLU A OE2 1 
ATOM   1079 N  N   . GLU A 1 139 ? -4.295  -0.919  14.872  1.00 22.22 ? 151 GLU A N   1 
ATOM   1080 C  CA  . GLU A 1 139 ? -5.252  -0.681  15.950  1.00 22.64 ? 151 GLU A CA  1 
ATOM   1081 C  C   . GLU A 1 139 ? -6.623  -1.300  15.684  1.00 23.32 ? 151 GLU A C   1 
ATOM   1082 O  O   . GLU A 1 139 ? -7.423  -1.477  16.607  1.00 22.94 ? 151 GLU A O   1 
ATOM   1083 C  CB  . GLU A 1 139 ? -5.435  0.819   16.163  1.00 26.68 ? 151 GLU A CB  1 
ATOM   1084 C  CG  . GLU A 1 139 ? -4.235  1.518   16.782  1.00 32.06 ? 151 GLU A CG  1 
HETATM 1085 N  N   . MSE A 1 140 ? -6.911  -1.605  14.426  1.00 22.62 ? 152 MSE A N   1 
HETATM 1086 C  CA  . MSE A 1 140 ? -8.225  -2.119  14.038  1.00 24.04 ? 152 MSE A CA  1 
HETATM 1087 C  C   . MSE A 1 140 ? -8.309  -3.587  14.412  1.00 26.89 ? 152 MSE A C   1 
HETATM 1088 O  O   . MSE A 1 140 ? -7.305  -4.292  14.381  1.00 25.71 ? 152 MSE A O   1 
HETATM 1089 C  CB  . MSE A 1 140 ? -8.440  -1.910  12.543  1.00 23.25 ? 152 MSE A CB  1 
HETATM 1090 C  CG  . MSE A 1 140 ? -8.305  -0.475  12.147  1.00 22.64 ? 152 MSE A CG  1 
HETATM 1091 SE SE  . MSE A 1 140 ? -8.652  -0.291  10.221  1.00 33.19 ? 152 MSE A SE  1 
HETATM 1092 C  CE  . MSE A 1 140 ? -8.351  1.628   10.128  1.00 31.74 ? 152 MSE A CE  1 
ATOM   1093 N  N   . LYS A 1 141 ? -9.499  -4.032  14.798  1.00 25.58 ? 153 LYS A N   1 
ATOM   1094 C  CA  . LYS A 1 141 ? -9.724  -5.435  15.057  1.00 28.45 ? 153 LYS A CA  1 
ATOM   1095 C  C   . LYS A 1 141 ? -10.106 -6.162  13.756  1.00 27.35 ? 153 LYS A C   1 
ATOM   1096 O  O   . LYS A 1 141 ? -11.070 -5.789  13.053  1.00 25.13 ? 153 LYS A O   1 
ATOM   1097 C  CB  . LYS A 1 141 ? -10.791 -5.623  16.138  1.00 29.04 ? 153 LYS A CB  1 
ATOM   1098 C  CG  . LYS A 1 141 ? -10.965 -7.073  16.595  1.00 32.14 ? 153 LYS A CG  1 
ATOM   1099 C  CD  . LYS A 1 141 ? -12.025 -7.202  17.687  1.00 34.16 ? 153 LYS A CD  1 
ATOM   1100 N  N   . GLN A 1 142 ? -9.357  -7.217  13.455  1.00 24.64 ? 154 GLN A N   1 
ATOM   1101 C  CA  . GLN A 1 142 ? -9.637  -8.066  12.308  1.00 26.16 ? 154 GLN A CA  1 
ATOM   1102 C  C   . GLN A 1 142 ? -10.870 -8.922  12.552  1.00 31.85 ? 154 GLN A C   1 
ATOM   1103 O  O   . GLN A 1 142 ? -11.217 -9.225  13.710  1.00 30.09 ? 154 GLN A O   1 
ATOM   1104 C  CB  . GLN A 1 142 ? -8.447  -8.966  12.033  1.00 25.88 ? 154 GLN A CB  1 
ATOM   1105 C  CG  . GLN A 1 142 ? -7.244  -8.179  11.611  1.00 24.33 ? 154 GLN A CG  1 
ATOM   1106 C  CD  . GLN A 1 142 ? -7.427  -7.512  10.244  1.00 24.80 ? 154 GLN A CD  1 
ATOM   1107 O  OE1 . GLN A 1 142 ? -8.024  -8.101  9.309   1.00 25.36 ? 154 GLN A OE1 1 
ATOM   1108 N  NE2 . GLN A 1 142 ? -6.930  -6.285  10.119  1.00 26.73 ? 154 GLN A NE2 1 
ATOM   1109 O  OXT . GLN A 1 142 ? -11.520 -9.351  11.595  1.00 32.17 ? 154 GLN A OXT 1 
HETATM 1110 N  N1  . AZI B 2 .   ? 11.160  -5.105  2.346   1.00 26.08 ? 1   AZI A N1  1 
HETATM 1111 N  N2  . AZI B 2 .   ? 10.957  -6.244  2.192   1.00 38.66 ? 1   AZI A N2  1 
HETATM 1112 N  N3  . AZI B 2 .   ? 10.753  -7.388  2.078   1.00 33.65 ? 1   AZI A N3  1 
HETATM 1113 N  N1  . AZI C 2 .   ? -5.783  -15.777 9.514   1.00 40.98 ? 2   AZI A N1  1 
HETATM 1114 N  N2  . AZI C 2 .   ? -5.527  -16.873 9.932   1.00 42.00 ? 2   AZI A N2  1 
HETATM 1115 N  N3  . AZI C 2 .   ? -5.070  -17.714 10.660  1.00 37.00 ? 2   AZI A N3  1 
HETATM 1116 C  C1  . GOL D 3 .   ? 0.308   6.553   13.671  1.00 42.51 ? 3   GOL A C1  1 
HETATM 1117 O  O1  . GOL D 3 .   ? 1.157   7.466   12.976  1.00 30.59 ? 3   GOL A O1  1 
HETATM 1118 C  C2  . GOL D 3 .   ? -0.806  7.260   14.464  1.00 43.48 ? 3   GOL A C2  1 
HETATM 1119 O  O2  . GOL D 3 .   ? -1.235  8.413   13.757  1.00 46.00 ? 3   GOL A O2  1 
HETATM 1120 C  C3  . GOL D 3 .   ? -2.081  6.437   14.709  1.00 46.48 ? 3   GOL A C3  1 
HETATM 1121 O  O3  . GOL D 3 .   ? -1.878  5.109   15.136  1.00 47.82 ? 3   GOL A O3  1 
HETATM 1122 C  C1  . GOL E 3 .   ? 8.896   0.263   5.557   1.00 24.64 ? 4   GOL A C1  1 
HETATM 1123 O  O1  . GOL E 3 .   ? 8.965   -0.776  4.613   1.00 21.26 ? 4   GOL A O1  1 
HETATM 1124 C  C2  . GOL E 3 .   ? 8.395   -0.329  6.864   1.00 27.64 ? 4   GOL A C2  1 
HETATM 1125 O  O2  . GOL E 3 .   ? 9.354   -1.238  7.345   1.00 24.14 ? 4   GOL A O2  1 
HETATM 1126 C  C3  . GOL E 3 .   ? 8.100   0.729   7.928   1.00 29.69 ? 4   GOL A C3  1 
HETATM 1127 O  O3  . GOL E 3 .   ? 9.161   1.652   8.047   1.00 36.83 ? 4   GOL A O3  1 
HETATM 1128 C  C1  . GOL F 3 .   ? 1.085   4.567   -12.400 1.00 48.30 ? 5   GOL A C1  1 
HETATM 1129 O  O1  . GOL F 3 .   ? 0.385   3.600   -13.163 1.00 40.83 ? 5   GOL A O1  1 
HETATM 1130 C  C2  . GOL F 3 .   ? 2.497   4.106   -12.025 1.00 48.85 ? 5   GOL A C2  1 
HETATM 1131 O  O2  . GOL F 3 .   ? 3.140   3.447   -13.093 1.00 50.59 ? 5   GOL A O2  1 
HETATM 1132 C  C3  . GOL F 3 .   ? 3.338   5.320   -11.645 1.00 51.95 ? 5   GOL A C3  1 
HETATM 1133 O  O3  . GOL F 3 .   ? 4.460   4.890   -10.901 1.00 52.91 ? 5   GOL A O3  1 
HETATM 1134 O  O   . HOH G 4 .   ? -4.477  10.520  -6.461  1.00 11.92 ? 155 HOH A O   1 
HETATM 1135 O  O   . HOH G 4 .   ? -5.661  -4.829  12.236  1.00 12.65 ? 156 HOH A O   1 
HETATM 1136 O  O   . HOH G 4 .   ? 1.835   -17.757 4.832   1.00 11.84 ? 157 HOH A O   1 
HETATM 1137 O  O   . HOH G 4 .   ? -3.805  -13.890 3.583   1.00 12.67 ? 158 HOH A O   1 
HETATM 1138 O  O   . HOH G 4 .   ? -10.141 -2.794  -5.430  1.00 13.31 ? 159 HOH A O   1 
HETATM 1139 O  O   . HOH G 4 .   ? 7.113   11.676  -4.384  1.00 14.34 ? 160 HOH A O   1 
HETATM 1140 O  O   . HOH G 4 .   ? 3.064   -13.864 -1.263  1.00 15.42 ? 161 HOH A O   1 
HETATM 1141 O  O   . HOH G 4 .   ? -0.727  10.089  -13.057 1.00 15.78 ? 162 HOH A O   1 
HETATM 1142 O  O   . HOH G 4 .   ? 17.516  9.681   -8.920  1.00 15.25 ? 163 HOH A O   1 
HETATM 1143 O  O   . HOH G 4 .   ? -4.578  -13.889 10.803  1.00 17.76 ? 164 HOH A O   1 
HETATM 1144 O  O   . HOH G 4 .   ? -7.000  2.869   13.927  1.00 17.30 ? 165 HOH A O   1 
HETATM 1145 O  O   . HOH G 4 .   ? -5.752  -11.523 10.333  1.00 16.77 ? 166 HOH A O   1 
HETATM 1146 O  O   . HOH G 4 .   ? 1.276   -20.442 5.396   1.00 17.85 ? 167 HOH A O   1 
HETATM 1147 O  O   . HOH G 4 .   ? -8.021  -10.845 9.134   1.00 18.59 ? 168 HOH A O   1 
HETATM 1148 O  O   . HOH G 4 .   ? 7.982   12.584  -1.186  1.00 20.80 ? 169 HOH A O   1 
HETATM 1149 O  O   . HOH G 4 .   ? -11.406 -9.228  9.003   1.00 19.45 ? 170 HOH A O   1 
HETATM 1150 O  O   . HOH G 4 .   ? -5.237  17.356  -6.555  1.00 19.41 ? 171 HOH A O   1 
HETATM 1151 O  O   . HOH G 4 .   ? -7.022  -11.617 -1.778  1.00 20.62 ? 172 HOH A O   1 
HETATM 1152 O  O   . HOH G 4 .   ? -4.758  -13.937 -5.692  1.00 20.23 ? 173 HOH A O   1 
HETATM 1153 O  O   . HOH G 4 .   ? -5.085  -13.279 -3.036  1.00 21.07 ? 174 HOH A O   1 
HETATM 1154 O  O   . HOH G 4 .   ? -14.167 -7.895  8.586   1.00 22.44 ? 175 HOH A O   1 
HETATM 1155 O  O   . HOH G 4 .   ? -9.861  -1.794  17.673  1.00 22.46 ? 176 HOH A O   1 
HETATM 1156 O  O   . HOH G 4 .   ? -1.956  6.881   -11.567 1.00 22.06 ? 177 HOH A O   1 
HETATM 1157 O  O   . HOH G 4 .   ? -0.677  0.913   16.287  1.00 20.25 ? 178 HOH A O   1 
HETATM 1158 O  O   . HOH G 4 .   ? -0.011  7.660   -10.089 1.00 20.62 ? 179 HOH A O   1 
HETATM 1159 O  O   . HOH G 4 .   ? -12.826 -8.627  -0.951  1.00 21.24 ? 180 HOH A O   1 
HETATM 1160 O  O   . HOH G 4 .   ? -14.753 -1.151  -0.706  1.00 22.25 ? 181 HOH A O   1 
HETATM 1161 O  O   . HOH G 4 .   ? 5.087   -5.650  8.685   1.00 22.37 ? 182 HOH A O   1 
HETATM 1162 O  O   . HOH G 4 .   ? -8.045  -5.734  -10.623 1.00 21.56 ? 183 HOH A O   1 
HETATM 1163 O  O   . HOH G 4 .   ? 20.459  -0.056  -14.465 1.00 22.28 ? 184 HOH A O   1 
HETATM 1164 O  O   . HOH G 4 .   ? 16.577  5.407   -8.550  1.00 22.36 ? 185 HOH A O   1 
HETATM 1165 O  O   . HOH G 4 .   ? 1.755   -8.155  4.185   1.00 22.89 ? 186 HOH A O   1 
HETATM 1166 O  O   . HOH G 4 .   ? 16.540  0.079   -8.217  1.00 23.20 ? 187 HOH A O   1 
HETATM 1167 O  O   . HOH G 4 .   ? 18.369  1.980   -8.716  1.00 22.86 ? 188 HOH A O   1 
HETATM 1168 O  O   . HOH G 4 .   ? 0.435   -13.364 -10.520 1.00 24.33 ? 189 HOH A O   1 
HETATM 1169 O  O   . HOH G 4 .   ? -15.835 0.578   6.300   1.00 23.74 ? 190 HOH A O   1 
HETATM 1170 O  O   . HOH G 4 .   ? 5.709   7.375   10.813  1.00 23.81 ? 191 HOH A O   1 
HETATM 1171 O  O   . HOH G 4 .   ? 3.783   6.750   12.955  1.00 25.00 ? 192 HOH A O   1 
HETATM 1172 O  O   . HOH G 4 .   ? 15.953  11.843  -9.279  1.00 25.34 ? 193 HOH A O   1 
HETATM 1173 O  O   . HOH G 4 .   ? 5.987   10.637  5.040   1.00 25.91 ? 194 HOH A O   1 
HETATM 1174 O  O   . HOH G 4 .   ? 11.103  -0.801  3.046   1.00 24.89 ? 195 HOH A O   1 
HETATM 1175 O  O   . HOH G 4 .   ? -6.248  3.701   -14.566 1.00 25.31 ? 196 HOH A O   1 
HETATM 1176 O  O   . HOH G 4 .   ? 10.967  7.964   0.303   1.00 23.64 ? 197 HOH A O   1 
HETATM 1177 O  O   . HOH G 4 .   ? 4.188   -0.872  13.686  1.00 27.61 ? 198 HOH A O   1 
HETATM 1178 O  O   . HOH G 4 .   ? 3.965   -4.761  5.000   1.00 27.70 ? 199 HOH A O   1 
HETATM 1179 O  O   . HOH G 4 .   ? -11.283 0.596   -11.916 1.00 27.72 ? 200 HOH A O   1 
HETATM 1180 O  O   . HOH G 4 .   ? -16.948 4.164   2.352   1.00 27.67 ? 201 HOH A O   1 
HETATM 1181 O  O   . HOH G 4 .   ? 0.063   -22.034 3.483   1.00 24.31 ? 202 HOH A O   1 
HETATM 1182 O  O   . HOH G 4 .   ? -11.562 -2.095  14.623  1.00 24.89 ? 203 HOH A O   1 
HETATM 1183 O  O   . HOH G 4 .   ? -10.130 -8.559  -8.592  1.00 26.98 ? 204 HOH A O   1 
HETATM 1184 O  O   . HOH G 4 .   ? 11.438  -14.233 -1.609  1.00 26.33 ? 205 HOH A O   1 
HETATM 1185 O  O   . HOH G 4 .   ? -15.036 1.973   -1.029  1.00 27.82 ? 206 HOH A O   1 
HETATM 1186 O  O   . HOH G 4 .   ? -3.033  -7.996  -12.355 1.00 27.90 ? 207 HOH A O   1 
HETATM 1187 O  O   . HOH G 4 .   ? -3.768  15.190  13.235  1.00 27.59 ? 208 HOH A O   1 
HETATM 1188 O  O   . HOH G 4 .   ? -1.988  -7.662  -15.248 1.00 27.73 ? 209 HOH A O   1 
HETATM 1189 O  O   . HOH G 4 .   ? -13.689 -5.597  12.753  1.00 28.04 ? 210 HOH A O   1 
HETATM 1190 O  O   . HOH G 4 .   ? 3.953   17.458  0.322   1.00 31.69 ? 211 HOH A O   1 
HETATM 1191 O  O   . HOH G 4 .   ? -0.031  -6.917  6.232   1.00 28.67 ? 212 HOH A O   1 
HETATM 1192 O  O   . HOH G 4 .   ? -2.208  4.166   -12.293 1.00 28.90 ? 213 HOH A O   1 
HETATM 1193 O  O   . HOH G 4 .   ? -1.889  -20.824 2.001   1.00 29.57 ? 214 HOH A O   1 
HETATM 1194 O  O   . HOH G 4 .   ? -14.939 -6.106  10.322  1.00 27.64 ? 215 HOH A O   1 
HETATM 1195 O  O   . HOH G 4 .   ? 19.449  -2.437  -0.551  1.00 28.84 ? 216 HOH A O   1 
HETATM 1196 O  O   . HOH G 4 .   ? 9.545   14.449  -2.186  1.00 28.33 ? 217 HOH A O   1 
HETATM 1197 O  O   . HOH G 4 .   ? -4.413  -15.752 5.489   1.00 33.31 ? 218 HOH A O   1 
HETATM 1198 O  O   . HOH G 4 .   ? 15.802  3.100   -10.983 1.00 30.02 ? 219 HOH A O   1 
HETATM 1199 O  O   . HOH G 4 .   ? 13.518  7.650   -2.659  1.00 29.64 ? 220 HOH A O   1 
HETATM 1200 O  O   . HOH G 4 .   ? -3.954  -11.694 17.800  1.00 29.72 ? 221 HOH A O   1 
HETATM 1201 O  O   . HOH G 4 .   ? -9.338  -4.063  19.165  1.00 29.66 ? 222 HOH A O   1 
HETATM 1202 O  O   . HOH G 4 .   ? -2.943  -17.422 0.007   1.00 32.14 ? 223 HOH A O   1 
HETATM 1203 O  O   . HOH G 4 .   ? -3.475  -3.326  18.231  1.00 31.48 ? 224 HOH A O   1 
HETATM 1204 O  O   . HOH G 4 .   ? -12.506 -1.562  -5.302  1.00 32.63 ? 225 HOH A O   1 
HETATM 1205 O  O   . HOH G 4 .   ? -4.097  18.899  1.049   1.00 32.56 ? 226 HOH A O   1 
HETATM 1206 O  O   . HOH G 4 .   ? -4.744  -15.519 -1.449  1.00 29.62 ? 227 HOH A O   1 
HETATM 1207 O  O   . HOH G 4 .   ? 0.433   12.415  12.023  1.00 31.08 ? 228 HOH A O   1 
HETATM 1208 O  O   . HOH G 4 .   ? -3.446  -16.246 -6.023  1.00 30.07 ? 229 HOH A O   1 
HETATM 1209 O  O   . HOH G 4 .   ? -7.972  3.674   -16.781 1.00 33.57 ? 230 HOH A O   1 
HETATM 1210 O  O   . HOH G 4 .   ? 1.664   10.003  -10.505 1.00 27.95 ? 231 HOH A O   1 
HETATM 1211 O  O   . HOH G 4 .   ? 18.053  0.115   -1.502  1.00 30.95 ? 232 HOH A O   1 
HETATM 1212 O  O   . HOH G 4 .   ? -4.731  19.186  -8.843  1.00 33.03 ? 233 HOH A O   1 
HETATM 1213 O  O   . HOH G 4 .   ? -14.094 -2.124  -3.199  1.00 30.62 ? 234 HOH A O   1 
HETATM 1214 O  O   . HOH G 4 .   ? 4.245   15.283  7.623   1.00 31.36 ? 235 HOH A O   1 
HETATM 1215 O  O   . HOH G 4 .   ? -5.298  -15.210 1.598   1.00 31.93 ? 236 HOH A O   1 
HETATM 1216 O  O   . HOH G 4 .   ? -10.719 -6.405  -9.703  1.00 33.28 ? 237 HOH A O   1 
HETATM 1217 O  O   . HOH G 4 .   ? -0.914  -17.414 7.449   1.00 36.20 ? 238 HOH A O   1 
HETATM 1218 O  O   . HOH G 4 .   ? -16.169 -6.743  2.132   1.00 31.45 ? 239 HOH A O   1 
HETATM 1219 O  O   . HOH G 4 .   ? -0.080  -15.782 -9.264  1.00 34.37 ? 240 HOH A O   1 
HETATM 1220 O  O   . HOH G 4 .   ? 2.978   -13.517 -11.486 1.00 34.00 ? 241 HOH A O   1 
HETATM 1221 O  O   . HOH G 4 .   ? -16.035 -3.325  0.115   1.00 34.60 ? 242 HOH A O   1 
HETATM 1222 O  O   . HOH G 4 .   ? 3.993   -17.395 -2.472  1.00 34.27 ? 243 HOH A O   1 
HETATM 1223 O  O   . HOH G 4 .   ? -1.306  20.014  2.465   1.00 37.24 ? 244 HOH A O   1 
HETATM 1224 O  O   . HOH G 4 .   ? -16.494 3.110   6.562   1.00 39.13 ? 245 HOH A O   1 
HETATM 1225 O  O   . HOH G 4 .   ? -8.831  4.251   12.894  1.00 36.21 ? 246 HOH A O   1 
HETATM 1226 O  O   . HOH G 4 .   ? -1.282  19.810  -2.168  1.00 35.53 ? 247 HOH A O   1 
HETATM 1227 O  O   . HOH G 4 .   ? 5.937   -7.472  7.195   1.00 35.62 ? 248 HOH A O   1 
HETATM 1228 O  O   . HOH G 4 .   ? -14.892 -3.647  9.059   1.00 36.11 ? 249 HOH A O   1 
HETATM 1229 O  O   . HOH G 4 .   ? -12.292 -9.646  -5.926  1.00 38.14 ? 250 HOH A O   1 
HETATM 1230 O  O   . HOH G 4 .   ? 11.802  6.543   3.456   1.00 34.34 ? 251 HOH A O   1 
HETATM 1231 O  O   . HOH G 4 .   ? -11.933 -5.912  -6.310  1.00 37.66 ? 252 HOH A O   1 
HETATM 1232 O  O   . HOH G 4 .   ? 16.998  -3.780  -0.575  1.00 42.45 ? 253 HOH A O   1 
HETATM 1233 O  O   . HOH G 4 .   ? 14.449  -8.292  5.161   1.00 38.56 ? 254 HOH A O   1 
HETATM 1234 O  O   . HOH G 4 .   ? -0.896  -16.210 -6.798  1.00 34.83 ? 255 HOH A O   1 
HETATM 1235 O  O   . HOH G 4 .   ? 8.033   -4.762  7.799   1.00 40.60 ? 256 HOH A O   1 
HETATM 1236 O  O   . HOH G 4 .   ? -5.982  19.742  3.721   1.00 38.25 ? 257 HOH A O   1 
HETATM 1237 O  O   . HOH G 4 .   ? 11.124  18.059  6.449   1.00 38.98 ? 258 HOH A O   1 
HETATM 1238 O  O   . HOH G 4 .   ? -2.033  -0.429  18.078  1.00 38.68 ? 259 HOH A O   1 
HETATM 1239 O  O   . HOH G 4 .   ? 14.468  9.135   0.856   1.00 40.11 ? 260 HOH A O   1 
HETATM 1240 O  O   . HOH G 4 .   ? 8.236   6.780   11.645  1.00 40.84 ? 261 HOH A O   1 
HETATM 1241 O  O   . HOH G 4 .   ? -2.880  -18.428 8.881   1.00 39.92 ? 262 HOH A O   1 
HETATM 1242 O  O   . HOH G 4 .   ? 7.890   -19.188 2.087   1.00 40.21 ? 263 HOH A O   1 
HETATM 1243 O  O   . HOH G 4 .   ? 15.406  -2.850  -2.059  1.00 38.46 ? 264 HOH A O   1 
HETATM 1244 O  O   . HOH G 4 .   ? 14.624  12.202  -7.303  1.00 41.32 ? 265 HOH A O   1 
HETATM 1245 O  O   . HOH G 4 .   ? -6.811  -8.314  -11.833 1.00 41.48 ? 266 HOH A O   1 
HETATM 1246 O  O   . HOH G 4 .   ? 15.315  -0.516  -1.318  1.00 42.58 ? 267 HOH A O   1 
HETATM 1247 O  O   . HOH G 4 .   ? 13.134  9.683   3.242   1.00 44.91 ? 268 HOH A O   1 
HETATM 1248 O  O   . HOH G 4 .   ? 8.990   -7.433  7.545   1.00 41.20 ? 269 HOH A O   1 
HETATM 1249 O  O   . HOH G 4 .   ? 1.880   10.202  12.834  1.00 40.60 ? 270 HOH A O   1 
HETATM 1250 O  O   . HOH G 4 .   ? -12.848 13.145  -8.932  1.00 42.09 ? 271 HOH A O   1 
HETATM 1251 O  O   . HOH G 4 .   ? -0.911  7.307   -14.008 1.00 41.35 ? 272 HOH A O   1 
HETATM 1252 O  O   . HOH G 4 .   ? -8.839  -13.294 2.207   1.00 40.31 ? 273 HOH A O   1 
HETATM 1253 O  O   . HOH G 4 .   ? -14.235 -6.839  -2.465  1.00 38.07 ? 274 HOH A O   1 
HETATM 1254 O  O   . HOH G 4 .   ? 2.456   -2.681  14.224  1.00 40.28 ? 275 HOH A O   1 
HETATM 1255 O  O   . HOH G 4 .   ? 4.205   9.936   11.378  1.00 39.69 ? 276 HOH A O   1 
HETATM 1256 O  O   . HOH G 4 .   ? 6.720   -18.978 0.100   1.00 38.86 ? 277 HOH A O   1 
HETATM 1257 O  O   . HOH G 4 .   ? 6.900   2.027   -10.968 1.00 38.31 ? 278 HOH A O   1 
HETATM 1258 O  O   . HOH G 4 .   ? -11.354 11.515  -10.249 1.00 46.01 ? 279 HOH A O   1 
HETATM 1259 O  O   . HOH G 4 .   ? -14.588 2.103   -3.747  1.00 42.76 ? 280 HOH A O   1 
HETATM 1260 O  O   . HOH G 4 .   ? 4.458   8.360   -7.984  1.00 41.02 ? 281 HOH A O   1 
HETATM 1261 O  O   . HOH G 4 .   ? 6.464   -12.485 -8.465  1.00 40.84 ? 282 HOH A O   1 
HETATM 1262 O  O   . HOH G 4 .   ? 1.787   -23.376 2.114   1.00 43.24 ? 283 HOH A O   1 
HETATM 1263 O  O   . HOH G 4 .   ? -10.289 -10.156 15.793  1.00 42.39 ? 284 HOH A O   1 
HETATM 1264 O  O   . HOH G 4 .   ? -5.285  -17.901 4.539   1.00 43.58 ? 285 HOH A O   1 
HETATM 1265 O  O   . HOH G 4 .   ? 7.404   13.444  -6.169  1.00 40.38 ? 286 HOH A O   1 
HETATM 1266 O  O   . HOH G 4 .   ? 5.693   13.708  9.411   1.00 45.97 ? 287 HOH A O   1 
HETATM 1267 O  O   . HOH G 4 .   ? -9.562  -14.638 7.023   1.00 38.55 ? 288 HOH A O   1 
HETATM 1268 O  O   . HOH G 4 .   ? 9.803   5.121   -12.061 1.00 46.29 ? 289 HOH A O   1 
HETATM 1269 O  O   . HOH G 4 .   ? -15.727 -9.832  7.820   1.00 41.92 ? 290 HOH A O   1 
HETATM 1270 O  O   . HOH G 4 .   ? -2.450  6.265   -16.246 1.00 45.45 ? 291 HOH A O   1 
HETATM 1271 O  O   . HOH G 4 .   ? -13.612 -10.837 11.814  1.00 45.47 ? 292 HOH A O   1 
HETATM 1272 O  O   . HOH G 4 .   ? 0.458   -7.937  -16.124 1.00 41.35 ? 293 HOH A O   1 
HETATM 1273 O  O   . HOH G 4 .   ? 5.944   11.317  7.612   1.00 48.31 ? 294 HOH A O   1 
HETATM 1274 O  O   . HOH G 4 .   ? 10.014  0.281   10.458  1.00 45.27 ? 295 HOH A O   1 
HETATM 1275 O  O   . HOH G 4 .   ? -5.292  1.288   -17.208 1.00 43.75 ? 296 HOH A O   1 
HETATM 1276 O  O   . HOH G 4 .   ? 2.669   -19.450 -2.047  1.00 48.25 ? 297 HOH A O   1 
HETATM 1277 O  O   . HOH G 4 .   ? 11.336  -8.463  5.169   1.00 43.50 ? 298 HOH A O   1 
HETATM 1278 O  O   . HOH G 4 .   ? -6.716  -14.920 -7.353  1.00 44.32 ? 299 HOH A O   1 
HETATM 1279 O  O   . HOH G 4 .   ? -14.225 -1.897  10.924  1.00 44.82 ? 300 HOH A O   1 
HETATM 1280 O  O   . HOH G 4 .   ? 5.096   -12.208 -12.814 1.00 47.51 ? 301 HOH A O   1 
HETATM 1281 O  O   . HOH G 4 .   ? -3.322  -21.204 5.294   1.00 45.88 ? 302 HOH A O   1 
HETATM 1282 O  O   . HOH G 4 .   ? -3.976  -16.145 17.833  1.00 46.20 ? 303 HOH A O   1 
HETATM 1283 O  O   . HOH G 4 .   ? -17.302 -2.161  2.769   1.00 51.87 ? 304 HOH A O   1 
HETATM 1284 O  O   . HOH G 4 .   ? -3.361  -18.861 16.622  1.00 49.50 ? 305 HOH A O   1 
HETATM 1285 O  O   . HOH G 4 .   ? -4.235  -10.311 -12.214 1.00 47.76 ? 306 HOH A O   1 
HETATM 1286 O  O   . HOH G 4 .   ? -3.815  20.550  2.869   1.00 45.09 ? 307 HOH A O   1 
HETATM 1287 O  O   . HOH G 4 .   ? 15.343  1.029   -12.643 1.00 49.06 ? 308 HOH A O   1 
HETATM 1288 O  O   . HOH G 4 .   ? -1.172  -20.841 -0.798  1.00 46.45 ? 309 HOH A O   1 
HETATM 1289 O  O   . HOH G 4 .   ? -4.568  -10.133 19.895  1.00 48.70 ? 310 HOH A O   1 
HETATM 1290 O  O   . HOH G 4 .   ? 10.082  4.623   9.576   1.00 49.86 ? 311 HOH A O   1 
HETATM 1291 O  O   . HOH G 4 .   ? -15.552 -5.676  14.450  1.00 50.55 ? 312 HOH A O   1 
HETATM 1292 O  O   . HOH G 4 .   ? 3.352   18.399  -3.983  1.00 51.80 ? 313 HOH A O   1 
HETATM 1293 O  O   . HOH G 4 .   ? 10.508  -5.046  5.779   1.00 46.72 ? 314 HOH A O   1 
HETATM 1294 O  O   . HOH G 4 .   ? 9.448   4.441   15.849  1.00 43.07 ? 315 HOH A O   1 
HETATM 1295 O  O   . HOH G 4 .   ? 12.224  8.777   10.164  1.00 52.66 ? 316 HOH A O   1 
HETATM 1296 O  O   . HOH G 4 .   ? -1.876  -19.204 -3.609  1.00 51.85 ? 317 HOH A O   1 
HETATM 1297 O  O   . HOH G 4 .   ? -9.420  -13.148 -0.607  1.00 50.93 ? 318 HOH A O   1 
HETATM 1298 O  O   . HOH G 4 .   ? 4.933   -9.709  -13.823 1.00 54.00 ? 319 HOH A O   1 
HETATM 1299 O  O   . HOH G 4 .   ? 14.067  11.319  -11.866 1.00 51.37 ? 320 HOH A O   1 
HETATM 1300 O  O   . HOH G 4 .   ? -12.151 -11.089 -1.072  1.00 53.27 ? 321 HOH A O   1 
HETATM 1301 O  O   . HOH G 4 .   ? 7.478   5.805   -8.368  1.00 52.93 ? 322 HOH A O   1 
HETATM 1302 O  O   . HOH G 4 .   ? -4.634  -20.089 14.810  1.00 52.00 ? 323 HOH A O   1 
HETATM 1303 O  O   . HOH G 4 .   ? -13.597 -4.742  -3.722  1.00 56.96 ? 324 HOH A O   1 
HETATM 1304 O  O   . HOH G 4 .   ? 0.075   -18.630 -6.116  1.00 56.47 ? 325 HOH A O   1 
HETATM 1305 O  O   . HOH G 4 .   ? -8.587  -15.409 -3.303  1.00 46.26 ? 326 HOH A O   1 
# 
